data_8CM6
#
_entry.id   8CM6
#
_cell.length_a   74.467
_cell.length_b   74.949
_cell.length_c   122.806
_cell.angle_alpha   73.868
_cell.angle_beta   89.135
_cell.angle_gamma   71.123
#
_symmetry.space_group_name_H-M   'P 1'
#
loop_
_entity.id
_entity.type
_entity.pdbx_description
1 polymer 'Formate dehydrogenase, alpha subunit, selenocysteine-containing'
2 polymer 'Formate dehydrogenase, beta subunit, putative'
3 non-polymer 'HYDROSULFURIC ACID'
4 non-polymer 'TUNGSTEN ION'
5 non-polymer '2-AMINO-5,6-DIMERCAPTO-7-METHYL-3,7,8A,9-TETRAHYDRO-8-OXA-1,3,9,10-TETRAAZA-ANTHRACEN-4-ONE GUANOSINE DINUCLEOTIDE'
6 non-polymer 'IRON/SULFUR CLUSTER'
7 non-polymer 'CHLORIDE ION'
8 non-polymer GLYCEROL
9 non-polymer 'TETRAETHYLENE GLYCOL'
10 non-polymer DI(HYDROXYETHYL)ETHER
11 non-polymer FORMAMIDE
12 non-polymer 1,2-ETHANEDIOL
13 water water
#
loop_
_entity_poly.entity_id
_entity_poly.type
_entity_poly.pdbx_seq_one_letter_code
_entity_poly.pdbx_strand_id
1 'polypeptide(L)'
;MTVTRRHFLKLSAGAAVAGAFTGLGLSLAPTVARAELQKLQWAKQTTSICCYCAVGCGLIVHTAKDGQGRAVNVEGDPDH
PINEGSLCPKGASIFQLGENDQRGTQPLYRAPFSDTWKPVTWDFALTEIAKRIKKTRDASFTEKNAAGDLVNRTEAIASF
GSAAMDNEECWAYGNILRSLGLVYIEHQARIUHSPTVPALAESFGRGAMTNHWNDLANSDCILIMGSNAAENHPIAFKWV
LRAKDKGATLIHVDPRFTRTSARCDVYAPIRSGADIPFLGGLIKYILDNKLYFTDYVREYTNASLIVGEKFSFKDGLFSG
YDAANKKYDKSMWAFELDANGVPKRDPALKHPRCVINLLKKHYERYNLDKVAAITGTSKEQLQQVYKAYAATGKPDKAGT
IMYAMGWTQHSVGVQNIRAMAMIQLLLGNIGVAGGGVNALRGESNVQGSTDQGLLAHIWPGYNPVPNSKAATLELYNAAT
PQSKDPMSVNWWQNRPKYVASYLKALYPDEEPAAAYDYLPRIDAGRKLTDYFWLNIFEKMDKGEFKGLFAWGMNPACGGA
NANKNRKAMGKLEWLVNVNLFENETSSFWKGPGMNPAEIGTEVFFLPCCVSIEKEGSVANSGRWMQWRYRGPKPYAETKP
DGDIMLDMFKKVRELYAKEGGAYPAPIAKLNIADWEEHNEFSPTKVAKLMNGYFLKDTEVGGKQFKKGQQVPSFAFLTAD
GSTCSGNWLHAGSFTDAGNLMARRDKTQTPEQARIGLFPNWSFCWPVNRRILYNRASVDKTGKPWNPAKAVIEWKDGKWV
GDVVDGGGDPGTKHPFIMQTHGFGALYGPGREEGPFPEHYEPLECPVSKNPFSKQLHNPVAFQIEGEKKAVADPRYPFIG
TTYRVTEHWQTGLMTRRCAWLVEAEPQIFCEISKELAKLRGIGNGDTVKVSSLRGALEAVAIVTERIRPFKIEGVDVHMV
GLPWHYGWMVPKNGGDTANLLTPSAGDPNTGIPETKAFMVDVRKVWSHPQFEK
;
A,C
2 'polypeptide(L)'
;MGKMFFVDLSRCTACRGCQIACKQWKNLPAEETRNTGSHQNPPDLSYVTLKTVRFTEKSRKGPGIDWLFFPEQCRHCVEP
PCKGQADVDLEGAVVKDETTGAVLFTELTAKVDGESVRSACPYDIPRIDPVTKRLSKCDMCNDRVQNGLLPACVKTCPTG
TMNFGDEQEMLALAEKRLAEVKKTYPGAVLGDPNDVRVVYLFTRDPKDFYEHAVA
;
B,D
#
# COMPACT_ATOMS: atom_id res chain seq x y z
N GLU A 36 -3.31 -41.78 -5.69
CA GLU A 36 -2.54 -40.51 -5.71
C GLU A 36 -1.14 -40.79 -6.27
N LEU A 37 -0.61 -39.86 -7.07
CA LEU A 37 0.74 -40.03 -7.65
C LEU A 37 1.78 -39.66 -6.61
N GLN A 38 2.74 -40.56 -6.40
CA GLN A 38 3.83 -40.36 -5.43
C GLN A 38 4.57 -39.07 -5.76
N LYS A 39 4.77 -38.81 -7.03
CA LYS A 39 5.61 -37.67 -7.45
C LYS A 39 5.01 -36.37 -6.91
N LEU A 40 3.69 -36.27 -6.86
CA LEU A 40 2.96 -35.03 -6.59
C LEU A 40 2.48 -34.98 -5.13
N GLN A 41 2.81 -36.00 -4.32
CA GLN A 41 2.39 -36.04 -2.89
C GLN A 41 2.99 -34.85 -2.13
N TRP A 42 2.14 -34.22 -1.29
CA TRP A 42 2.49 -33.12 -0.36
C TRP A 42 3.00 -31.93 -1.16
N ALA A 43 2.64 -31.82 -2.44
CA ALA A 43 3.02 -30.66 -3.27
C ALA A 43 1.80 -29.77 -3.48
N LYS A 44 2.01 -28.46 -3.43
CA LYS A 44 0.93 -27.51 -3.69
C LYS A 44 0.87 -27.19 -5.19
N GLN A 45 -0.33 -27.08 -5.73
CA GLN A 45 -0.55 -26.72 -7.15
C GLN A 45 -0.87 -25.24 -7.31
N THR A 46 -0.22 -24.58 -8.26
CA THR A 46 -0.51 -23.19 -8.65
C THR A 46 -0.57 -23.12 -10.18
N THR A 47 -1.15 -22.07 -10.69
CA THR A 47 -1.21 -21.85 -12.15
C THR A 47 -0.14 -20.87 -12.54
N SER A 48 0.31 -21.00 -13.77
CA SER A 48 1.25 -20.05 -14.36
C SER A 48 0.99 -19.95 -15.86
N ILE A 49 1.76 -19.12 -16.52
CA ILE A 49 1.71 -18.90 -17.97
C ILE A 49 3.14 -19.12 -18.46
N CYS A 50 3.30 -19.82 -19.57
CA CYS A 50 4.60 -20.15 -20.16
C CYS A 50 5.49 -18.89 -20.25
N CYS A 51 6.77 -19.05 -19.94
CA CYS A 51 7.76 -17.95 -20.01
C CYS A 51 8.41 -17.80 -21.38
N TYR A 52 8.03 -18.60 -22.35
CA TYR A 52 8.62 -18.53 -23.70
C TYR A 52 7.73 -17.70 -24.62
N CYS A 53 7.08 -18.32 -25.61
CA CYS A 53 6.51 -17.54 -26.72
C CYS A 53 5.14 -16.93 -26.38
N ALA A 54 4.70 -16.05 -27.26
CA ALA A 54 3.51 -15.20 -27.02
C ALA A 54 2.21 -15.92 -27.36
N VAL A 55 2.22 -17.25 -27.50
CA VAL A 55 0.92 -18.00 -27.50
C VAL A 55 0.27 -17.82 -26.12
N GLY A 56 1.05 -17.92 -25.05
CA GLY A 56 0.51 -17.72 -23.69
C GLY A 56 -0.15 -18.95 -23.11
N CYS A 57 0.41 -20.11 -23.34
CA CYS A 57 -0.07 -21.39 -22.80
C CYS A 57 -0.11 -21.38 -21.28
N GLY A 58 -1.12 -22.03 -20.71
CA GLY A 58 -1.22 -22.19 -19.27
C GLY A 58 -0.43 -23.37 -18.74
N LEU A 59 0.12 -23.20 -17.54
CA LEU A 59 0.87 -24.24 -16.80
C LEU A 59 0.19 -24.55 -15.46
N ILE A 60 0.45 -25.75 -15.00
CA ILE A 60 0.25 -26.16 -13.60
C ILE A 60 1.61 -26.46 -13.04
N VAL A 61 1.95 -25.81 -11.94
CA VAL A 61 3.23 -26.00 -11.20
C VAL A 61 2.90 -26.73 -9.91
N HIS A 62 3.64 -27.78 -9.59
CA HIS A 62 3.58 -28.43 -8.26
C HIS A 62 4.84 -28.07 -7.50
N THR A 63 4.69 -27.58 -6.26
CA THR A 63 5.82 -27.13 -5.41
C THR A 63 5.84 -27.97 -4.14
N ALA A 64 6.96 -28.61 -3.84
CA ALA A 64 7.13 -29.47 -2.65
C ALA A 64 6.73 -28.75 -1.36
N LYS A 65 6.39 -29.55 -0.35
CA LYS A 65 6.20 -29.17 1.06
C LYS A 65 5.11 -28.11 1.07
N ASP A 66 3.99 -28.41 0.40
CA ASP A 66 2.81 -27.53 0.33
C ASP A 66 3.22 -26.07 -0.01
N GLY A 67 4.13 -25.88 -0.97
CA GLY A 67 4.56 -24.54 -1.43
C GLY A 67 5.85 -24.07 -0.82
N GLN A 68 6.43 -24.83 0.12
CA GLN A 68 7.57 -24.34 0.94
C GLN A 68 8.92 -24.80 0.37
N GLY A 69 8.93 -25.76 -0.58
CA GLY A 69 10.14 -26.32 -1.20
C GLY A 69 10.31 -25.92 -2.66
N ARG A 70 11.02 -26.74 -3.40
CA ARG A 70 11.33 -26.47 -4.85
C ARG A 70 10.18 -26.96 -5.72
N ALA A 71 10.13 -26.50 -6.98
CA ALA A 71 9.18 -27.13 -7.93
C ALA A 71 9.52 -28.61 -8.05
N VAL A 72 8.50 -29.46 -8.17
CA VAL A 72 8.71 -30.91 -8.43
C VAL A 72 8.16 -31.30 -9.81
N ASN A 73 7.31 -30.49 -10.39
CA ASN A 73 6.68 -30.84 -11.69
C ASN A 73 6.09 -29.58 -12.30
N VAL A 74 6.26 -29.40 -13.60
CA VAL A 74 5.60 -28.32 -14.38
C VAL A 74 5.05 -28.96 -15.65
N GLU A 75 3.75 -28.81 -15.85
CA GLU A 75 3.14 -29.30 -17.10
C GLU A 75 1.96 -28.41 -17.47
N GLY A 76 1.18 -28.79 -18.46
CA GLY A 76 0.15 -27.92 -19.03
C GLY A 76 -1.08 -27.81 -18.14
N ASP A 77 -1.73 -26.66 -18.23
CA ASP A 77 -3.02 -26.39 -17.55
C ASP A 77 -4.13 -26.95 -18.44
N PRO A 78 -4.80 -28.06 -18.05
CA PRO A 78 -5.84 -28.65 -18.90
C PRO A 78 -7.02 -27.71 -19.10
N ASP A 79 -7.24 -26.75 -18.21
CA ASP A 79 -8.43 -25.85 -18.26
C ASP A 79 -8.18 -24.62 -19.13
N HIS A 80 -6.93 -24.39 -19.55
CA HIS A 80 -6.61 -23.14 -20.27
C HIS A 80 -7.24 -23.23 -21.64
N PRO A 81 -7.94 -22.18 -22.10
CA PRO A 81 -8.63 -22.25 -23.40
C PRO A 81 -7.75 -22.21 -24.65
N ILE A 82 -6.49 -21.78 -24.49
CA ILE A 82 -5.58 -21.72 -25.67
C ILE A 82 -4.86 -23.04 -25.86
N ASN A 83 -4.22 -23.59 -24.82
CA ASN A 83 -3.42 -24.82 -25.02
C ASN A 83 -4.18 -26.07 -24.58
N GLU A 84 -5.16 -25.95 -23.69
CA GLU A 84 -5.94 -27.14 -23.24
C GLU A 84 -4.96 -28.19 -22.72
N GLY A 85 -3.91 -27.81 -21.99
CA GLY A 85 -2.94 -28.74 -21.40
C GLY A 85 -1.73 -29.01 -22.28
N SER A 86 -1.79 -28.73 -23.57
CA SER A 86 -0.67 -28.98 -24.50
C SER A 86 0.51 -28.08 -24.14
N LEU A 87 1.71 -28.57 -24.40
CA LEU A 87 2.95 -27.74 -24.33
C LEU A 87 3.91 -28.26 -25.36
N CYS A 88 4.60 -27.33 -26.03
CA CYS A 88 5.73 -27.66 -26.91
C CYS A 88 6.95 -27.97 -26.03
N PRO A 89 8.10 -28.34 -26.60
CA PRO A 89 9.23 -28.82 -25.78
C PRO A 89 9.80 -27.72 -24.86
N LYS A 90 9.60 -26.47 -25.23
CA LYS A 90 10.09 -25.34 -24.40
C LYS A 90 9.21 -25.29 -23.13
N GLY A 91 7.89 -25.10 -23.29
CA GLY A 91 7.00 -25.12 -22.12
C GLY A 91 7.15 -26.41 -21.31
N ALA A 92 7.30 -27.56 -21.96
CA ALA A 92 7.34 -28.86 -21.27
C ALA A 92 8.64 -28.99 -20.48
N SER A 93 9.66 -28.17 -20.73
CA SER A 93 10.97 -28.26 -20.06
C SER A 93 11.12 -27.14 -19.03
N ILE A 94 10.07 -26.36 -18.72
CA ILE A 94 10.22 -25.23 -17.74
C ILE A 94 10.74 -25.76 -16.40
N PHE A 95 10.33 -26.95 -15.99
CA PHE A 95 10.89 -27.55 -14.75
C PHE A 95 12.44 -27.52 -14.76
N GLN A 96 13.06 -27.91 -15.87
CA GLN A 96 14.52 -28.00 -16.02
C GLN A 96 15.18 -26.62 -16.03
N LEU A 97 14.47 -25.62 -16.57
CA LEU A 97 14.92 -24.22 -16.54
C LEU A 97 14.94 -23.76 -15.08
N GLY A 98 13.85 -23.95 -14.34
CA GLY A 98 13.74 -23.41 -12.97
C GLY A 98 14.65 -24.15 -12.01
N GLU A 99 14.62 -25.48 -12.06
CA GLU A 99 15.40 -26.30 -11.09
C GLU A 99 16.74 -26.64 -11.72
N ASN A 100 17.59 -25.63 -11.88
CA ASN A 100 18.75 -25.73 -12.80
C ASN A 100 19.97 -25.35 -12.02
N ASP A 101 20.90 -26.28 -11.85
CA ASP A 101 22.09 -26.07 -11.00
C ASP A 101 23.04 -25.05 -11.62
N GLN A 102 22.84 -24.63 -12.88
CA GLN A 102 23.74 -23.64 -13.50
C GLN A 102 23.20 -22.20 -13.29
N ARG A 103 22.04 -22.04 -12.72
CA ARG A 103 21.45 -20.71 -12.50
C ARG A 103 22.36 -19.88 -11.59
N GLY A 104 22.36 -18.57 -11.82
CA GLY A 104 22.99 -17.66 -10.86
C GLY A 104 22.40 -17.87 -9.46
N THR A 105 23.22 -17.72 -8.43
CA THR A 105 22.80 -17.87 -7.02
C THR A 105 22.85 -16.54 -6.27
N GLN A 106 23.77 -15.66 -6.64
CA GLN A 106 23.92 -14.38 -5.95
C GLN A 106 24.62 -13.42 -6.90
N PRO A 107 24.68 -12.13 -6.57
CA PRO A 107 25.40 -11.19 -7.39
C PRO A 107 26.88 -11.54 -7.58
N LEU A 108 27.38 -11.23 -8.78
CA LEU A 108 28.80 -11.36 -9.10
C LEU A 108 29.31 -10.01 -9.56
N TYR A 109 30.59 -9.80 -9.31
CA TYR A 109 31.27 -8.53 -9.63
C TYR A 109 32.54 -8.80 -10.41
N ARG A 110 32.70 -8.18 -11.57
CA ARG A 110 33.94 -8.28 -12.35
C ARG A 110 34.61 -6.91 -12.36
N ALA A 111 35.70 -6.82 -11.63
CA ALA A 111 36.48 -5.56 -11.61
C ALA A 111 37.04 -5.30 -12.98
N PRO A 112 37.27 -4.00 -13.30
CA PRO A 112 38.07 -3.64 -14.45
C PRO A 112 39.36 -4.47 -14.57
N PHE A 113 39.60 -5.02 -15.76
CA PHE A 113 40.84 -5.70 -16.14
C PHE A 113 40.99 -7.06 -15.47
N SER A 114 40.02 -7.52 -14.71
CA SER A 114 40.00 -8.81 -14.00
C SER A 114 39.58 -9.95 -14.95
N ASP A 115 40.04 -11.17 -14.67
CA ASP A 115 39.60 -12.35 -15.44
C ASP A 115 38.66 -13.23 -14.62
N THR A 116 38.20 -12.80 -13.45
CA THR A 116 37.39 -13.61 -12.55
C THR A 116 36.24 -12.77 -12.01
N TRP A 117 35.16 -13.46 -11.70
CA TRP A 117 34.01 -12.95 -10.95
C TRP A 117 34.31 -13.04 -9.48
N LYS A 118 33.83 -12.08 -8.72
CA LYS A 118 33.83 -12.16 -7.25
C LYS A 118 32.40 -12.20 -6.78
N PRO A 119 31.95 -13.18 -5.99
CA PRO A 119 30.64 -13.16 -5.36
C PRO A 119 30.54 -11.99 -4.39
N VAL A 120 29.45 -11.24 -4.48
CA VAL A 120 29.20 -10.06 -3.61
C VAL A 120 27.78 -10.10 -3.10
N THR A 121 27.51 -9.31 -2.06
CA THR A 121 26.18 -9.19 -1.51
C THR A 121 25.31 -8.30 -2.40
N TRP A 122 24.00 -8.47 -2.28
CA TRP A 122 23.05 -7.54 -2.91
C TRP A 122 23.33 -6.12 -2.42
N ASP A 123 23.55 -5.96 -1.14
CA ASP A 123 23.77 -4.58 -0.63
C ASP A 123 25.02 -3.98 -1.28
N PHE A 124 26.13 -4.70 -1.41
CA PHE A 124 27.35 -4.17 -2.07
C PHE A 124 26.99 -3.82 -3.52
N ALA A 125 26.39 -4.77 -4.23
CA ALA A 125 26.15 -4.64 -5.68
C ALA A 125 25.29 -3.40 -5.91
N LEU A 126 24.19 -3.26 -5.18
CA LEU A 126 23.22 -2.18 -5.47
C LEU A 126 23.74 -0.85 -4.96
N THR A 127 24.48 -0.83 -3.85
CA THR A 127 25.09 0.43 -3.35
C THR A 127 26.07 0.93 -4.41
N GLU A 128 26.90 0.04 -4.95
CA GLU A 128 27.93 0.45 -5.91
C GLU A 128 27.26 0.83 -7.22
N ILE A 129 26.26 0.09 -7.67
CA ILE A 129 25.54 0.46 -8.91
C ILE A 129 24.92 1.85 -8.73
N ALA A 130 24.35 2.13 -7.58
CA ALA A 130 23.76 3.47 -7.40
C ALA A 130 24.84 4.56 -7.55
N LYS A 131 26.04 4.31 -7.04
CA LYS A 131 27.14 5.27 -7.15
C LYS A 131 27.47 5.43 -8.63
N ARG A 132 27.54 4.34 -9.39
CA ARG A 132 27.93 4.47 -10.81
C ARG A 132 26.85 5.22 -11.60
N ILE A 133 25.58 4.92 -11.35
CA ILE A 133 24.45 5.61 -12.04
C ILE A 133 24.57 7.11 -11.75
N LYS A 134 24.75 7.46 -10.48
CA LYS A 134 24.74 8.86 -10.06
C LYS A 134 25.96 9.58 -10.62
N LYS A 135 27.14 9.00 -10.54
CA LYS A 135 28.36 9.65 -11.06
C LYS A 135 28.15 9.94 -12.55
N THR A 136 27.71 8.96 -13.31
CA THR A 136 27.50 9.08 -14.77
C THR A 136 26.39 10.10 -15.06
N ARG A 137 25.29 10.04 -14.32
CA ARG A 137 24.18 10.99 -14.54
C ARG A 137 24.66 12.40 -14.22
N ASP A 138 25.33 12.60 -13.11
CA ASP A 138 25.69 13.98 -12.65
C ASP A 138 26.64 14.62 -13.68
N ALA A 139 27.49 13.81 -14.29
CA ALA A 139 28.46 14.29 -15.32
C ALA A 139 27.80 14.47 -16.69
N SER A 140 26.76 13.72 -17.03
CA SER A 140 26.24 13.76 -18.41
C SER A 140 24.94 14.55 -18.50
N PHE A 141 24.27 14.81 -17.41
CA PHE A 141 22.91 15.40 -17.49
C PHE A 141 22.94 16.75 -18.20
N THR A 142 22.06 16.88 -19.18
CA THR A 142 21.89 18.09 -20.02
C THR A 142 20.53 18.72 -19.71
N GLU A 143 20.46 19.92 -19.17
CA GLU A 143 19.16 20.63 -18.96
C GLU A 143 18.65 21.12 -20.30
N LYS A 144 19.47 21.88 -21.02
CA LYS A 144 19.10 22.38 -22.35
C LYS A 144 20.02 21.84 -23.44
N ASN A 145 19.50 21.62 -24.63
CA ASN A 145 20.30 21.14 -25.78
C ASN A 145 21.00 22.35 -26.44
N ALA A 146 21.78 22.08 -27.47
CA ALA A 146 22.65 23.09 -28.13
C ALA A 146 21.78 24.20 -28.71
N ALA A 147 20.56 23.88 -29.10
CA ALA A 147 19.58 24.83 -29.66
C ALA A 147 18.99 25.72 -28.57
N GLY A 148 19.17 25.38 -27.27
CA GLY A 148 18.61 26.13 -26.13
C GLY A 148 17.28 25.59 -25.64
N ASP A 149 16.79 24.49 -26.19
CA ASP A 149 15.52 23.82 -25.81
C ASP A 149 15.72 22.93 -24.56
N LEU A 150 14.76 22.96 -23.67
CA LEU A 150 14.76 22.08 -22.47
C LEU A 150 14.65 20.61 -22.93
N VAL A 151 15.57 19.78 -22.44
CA VAL A 151 15.52 18.31 -22.70
C VAL A 151 15.72 17.48 -21.41
N ASN A 152 16.38 17.99 -20.37
CA ASN A 152 16.52 17.30 -19.06
C ASN A 152 16.86 15.82 -19.24
N ARG A 153 17.98 15.54 -19.90
CA ARG A 153 18.27 14.15 -20.25
C ARG A 153 19.71 13.79 -19.96
N THR A 154 19.87 12.51 -19.73
CA THR A 154 21.13 11.82 -19.49
C THR A 154 21.50 11.09 -20.79
N GLU A 155 22.51 11.50 -21.54
CA GLU A 155 22.79 10.76 -22.81
C GLU A 155 23.87 9.69 -22.58
N ALA A 156 24.49 9.54 -21.40
CA ALA A 156 25.65 8.64 -21.25
C ALA A 156 25.31 7.26 -20.70
N ILE A 157 24.03 6.96 -20.56
CA ILE A 157 23.56 5.63 -20.08
C ILE A 157 22.54 5.15 -21.09
N ALA A 158 22.61 3.87 -21.44
CA ALA A 158 21.60 3.20 -22.27
C ALA A 158 21.02 2.02 -21.52
N SER A 159 19.83 1.61 -21.90
CA SER A 159 19.22 0.39 -21.35
C SER A 159 18.63 -0.47 -22.46
N PHE A 160 18.86 -1.79 -22.37
CA PHE A 160 18.26 -2.82 -23.22
C PHE A 160 17.48 -3.77 -22.33
N GLY A 161 16.20 -3.97 -22.60
CA GLY A 161 15.41 -5.03 -21.98
C GLY A 161 14.18 -4.51 -21.25
N SER A 162 13.19 -5.38 -21.03
CA SER A 162 13.14 -6.74 -21.53
C SER A 162 11.68 -7.20 -21.65
N ALA A 163 11.36 -7.83 -22.77
CA ALA A 163 10.07 -8.49 -23.01
C ALA A 163 9.93 -9.73 -22.13
N ALA A 164 10.99 -10.17 -21.43
CA ALA A 164 10.91 -11.34 -20.54
C ALA A 164 10.36 -10.97 -19.15
N MET A 165 10.38 -9.69 -18.80
CA MET A 165 9.86 -9.21 -17.49
C MET A 165 8.34 -9.16 -17.55
N ASP A 166 7.72 -9.25 -16.38
N ASP A 166 7.68 -9.26 -16.43
CA ASP A 166 6.24 -9.13 -16.16
CA ASP A 166 6.21 -9.19 -16.48
C ASP A 166 5.82 -7.70 -16.56
C ASP A 166 5.81 -7.71 -16.57
N ASN A 167 4.54 -7.47 -16.81
CA ASN A 167 4.08 -6.15 -17.26
C ASN A 167 4.33 -5.09 -16.20
N GLU A 168 4.10 -5.42 -14.93
CA GLU A 168 4.29 -4.45 -13.85
C GLU A 168 5.77 -4.09 -13.73
N GLU A 169 6.65 -5.06 -13.93
CA GLU A 169 8.10 -4.82 -13.90
C GLU A 169 8.52 -3.95 -15.09
N CYS A 170 8.01 -4.23 -16.30
CA CYS A 170 8.32 -3.43 -17.49
C CYS A 170 7.91 -1.98 -17.25
N TRP A 171 6.72 -1.78 -16.70
CA TRP A 171 6.20 -0.40 -16.54
C TRP A 171 7.09 0.33 -15.53
N ALA A 172 7.34 -0.29 -14.38
CA ALA A 172 8.16 0.33 -13.33
C ALA A 172 9.54 0.60 -13.91
N TYR A 173 10.10 -0.33 -14.69
CA TYR A 173 11.49 -0.18 -15.17
C TYR A 173 11.65 1.05 -16.06
N GLY A 174 10.74 1.19 -17.00
CA GLY A 174 10.74 2.35 -17.90
C GLY A 174 10.60 3.63 -17.11
N ASN A 175 9.79 3.65 -16.05
CA ASN A 175 9.59 4.88 -15.23
C ASN A 175 10.85 5.18 -14.43
N ILE A 176 11.54 4.16 -13.90
CA ILE A 176 12.82 4.39 -13.22
C ILE A 176 13.78 5.02 -14.22
N LEU A 177 13.93 4.43 -15.39
CA LEU A 177 14.92 4.91 -16.37
C LEU A 177 14.60 6.33 -16.79
N ARG A 178 13.34 6.65 -17.01
CA ARG A 178 12.98 8.04 -17.45
C ARG A 178 13.17 9.00 -16.28
N SER A 179 12.91 8.60 -15.06
CA SER A 179 13.19 9.50 -13.90
C SER A 179 14.69 9.81 -13.79
N LEU A 180 15.56 8.89 -14.21
CA LEU A 180 17.02 9.08 -14.25
C LEU A 180 17.44 9.90 -15.47
N GLY A 181 16.50 10.22 -16.37
CA GLY A 181 16.73 11.12 -17.51
C GLY A 181 17.15 10.36 -18.77
N LEU A 182 16.94 9.03 -18.81
CA LEU A 182 17.41 8.28 -20.01
C LEU A 182 16.46 8.54 -21.16
N VAL A 183 17.02 8.55 -22.36
CA VAL A 183 16.26 8.47 -23.64
C VAL A 183 16.63 7.20 -24.41
N TYR A 184 17.83 6.66 -24.25
CA TYR A 184 18.29 5.45 -24.97
C TYR A 184 17.76 4.23 -24.23
N ILE A 185 16.47 3.94 -24.42
CA ILE A 185 15.73 2.85 -23.73
C ILE A 185 15.13 2.00 -24.80
N GLU A 186 15.66 0.78 -24.96
CA GLU A 186 15.23 -0.12 -26.03
C GLU A 186 15.04 -1.53 -25.47
N HIS A 187 14.45 -2.39 -26.28
CA HIS A 187 14.36 -3.81 -25.92
C HIS A 187 14.13 -4.64 -27.17
N GLN A 188 13.83 -5.94 -26.98
CA GLN A 188 13.56 -6.92 -28.05
C GLN A 188 12.72 -6.30 -29.16
N ALA A 189 11.69 -5.53 -28.82
CA ALA A 189 10.70 -5.06 -29.83
C ALA A 189 11.43 -4.38 -30.99
N ARG A 190 12.51 -3.63 -30.71
CA ARG A 190 13.22 -2.88 -31.77
C ARG A 190 13.64 -3.81 -32.91
N ILE A 191 14.14 -4.96 -32.53
CA ILE A 191 14.80 -5.91 -33.45
C ILE A 191 13.84 -7.04 -33.80
N SEC A 192 12.53 -6.85 -33.52
CA SEC A 192 11.50 -7.88 -33.60
C SEC A 192 10.32 -7.40 -34.45
N HIS A 193 9.29 -6.84 -33.77
CA HIS A 193 8.08 -6.41 -34.47
C HIS A 193 8.02 -4.89 -34.53
N SER A 194 9.11 -4.17 -34.32
CA SER A 194 9.06 -2.70 -34.46
C SER A 194 8.40 -2.29 -35.79
N PRO A 195 8.67 -2.89 -36.97
CA PRO A 195 8.03 -2.39 -38.20
C PRO A 195 6.52 -2.66 -38.26
N THR A 196 6.03 -3.68 -37.55
CA THR A 196 4.58 -3.98 -37.50
C THR A 196 3.81 -2.77 -36.98
N VAL A 197 4.38 -2.10 -35.98
CA VAL A 197 3.57 -1.06 -35.30
C VAL A 197 3.24 0.04 -36.30
N PRO A 198 4.19 0.78 -36.90
CA PRO A 198 3.84 1.79 -37.88
C PRO A 198 3.16 1.18 -39.11
N ALA A 199 3.50 -0.03 -39.57
CA ALA A 199 2.88 -0.64 -40.76
C ALA A 199 1.37 -0.81 -40.52
N LEU A 200 1.00 -1.40 -39.41
CA LEU A 200 -0.44 -1.66 -39.13
C LEU A 200 -1.07 -0.38 -38.60
N ALA A 201 -0.37 0.48 -37.86
CA ALA A 201 -1.01 1.74 -37.39
C ALA A 201 -1.32 2.63 -38.61
N GLU A 202 -0.42 2.67 -39.58
CA GLU A 202 -0.67 3.43 -40.84
C GLU A 202 -1.93 2.85 -41.48
N SER A 203 -2.07 1.54 -41.46
CA SER A 203 -3.12 0.83 -42.22
C SER A 203 -4.46 0.85 -41.51
N PHE A 204 -4.46 0.60 -40.21
CA PHE A 204 -5.69 0.32 -39.42
C PHE A 204 -5.88 1.27 -38.26
N GLY A 205 -4.83 1.92 -37.76
CA GLY A 205 -4.85 2.79 -36.59
C GLY A 205 -4.09 2.25 -35.39
N ARG A 206 -3.89 0.94 -35.33
CA ARG A 206 -3.13 0.32 -34.18
C ARG A 206 -2.10 -0.65 -34.73
N GLY A 207 -1.09 -0.90 -33.91
CA GLY A 207 0.04 -1.78 -34.25
C GLY A 207 -0.14 -3.24 -33.88
N ALA A 208 -1.10 -3.57 -33.05
CA ALA A 208 -1.17 -4.93 -32.47
C ALA A 208 -1.72 -5.94 -33.44
N MET A 209 -1.42 -7.21 -33.15
CA MET A 209 -2.09 -8.35 -33.77
C MET A 209 -3.60 -8.15 -33.63
N THR A 210 -4.33 -8.30 -34.73
CA THR A 210 -5.73 -7.83 -34.83
C THR A 210 -6.68 -8.86 -34.24
N ASN A 211 -6.35 -10.15 -34.36
CA ASN A 211 -7.23 -11.24 -33.89
C ASN A 211 -6.47 -11.91 -32.73
N HIS A 212 -6.63 -13.21 -32.60
CA HIS A 212 -6.08 -13.94 -31.43
C HIS A 212 -6.03 -15.42 -31.80
N TRP A 213 -5.34 -16.22 -31.01
CA TRP A 213 -4.96 -17.59 -31.40
C TRP A 213 -6.20 -18.46 -31.67
N ASN A 214 -7.17 -18.47 -30.76
CA ASN A 214 -8.37 -19.34 -30.91
C ASN A 214 -9.10 -18.99 -32.21
N ASP A 215 -9.00 -17.74 -32.63
CA ASP A 215 -9.76 -17.27 -33.81
C ASP A 215 -9.24 -17.89 -35.09
N LEU A 216 -8.01 -18.43 -35.13
CA LEU A 216 -7.46 -19.04 -36.37
C LEU A 216 -8.35 -20.17 -36.84
N ALA A 217 -8.99 -20.89 -35.93
CA ALA A 217 -9.85 -22.05 -36.29
C ALA A 217 -11.05 -21.59 -37.11
N ASN A 218 -11.34 -20.29 -37.18
CA ASN A 218 -12.49 -19.72 -37.94
C ASN A 218 -12.10 -19.40 -39.37
N SER A 219 -10.83 -19.51 -39.74
CA SER A 219 -10.35 -19.02 -41.05
C SER A 219 -10.73 -20.01 -42.15
N ASP A 220 -10.98 -19.50 -43.35
CA ASP A 220 -11.16 -20.37 -44.54
C ASP A 220 -9.85 -20.58 -45.29
N CYS A 221 -8.85 -19.70 -45.10
CA CYS A 221 -7.59 -19.83 -45.82
C CYS A 221 -6.54 -19.19 -44.94
N ILE A 222 -5.60 -19.99 -44.51
CA ILE A 222 -4.52 -19.47 -43.61
C ILE A 222 -3.27 -19.43 -44.43
N LEU A 223 -2.77 -18.22 -44.67
CA LEU A 223 -1.46 -17.99 -45.27
C LEU A 223 -0.44 -17.79 -44.15
N ILE A 224 0.54 -18.66 -44.13
CA ILE A 224 1.68 -18.56 -43.19
C ILE A 224 2.86 -18.12 -44.06
N MET A 225 3.31 -16.88 -43.84
CA MET A 225 4.33 -16.34 -44.74
C MET A 225 5.21 -15.38 -43.95
N GLY A 226 6.51 -15.63 -43.96
CA GLY A 226 7.43 -14.94 -43.05
C GLY A 226 7.27 -15.39 -41.62
N SER A 227 6.74 -16.59 -41.44
CA SER A 227 6.48 -17.21 -40.14
C SER A 227 6.77 -18.70 -40.26
N ASN A 228 7.28 -19.29 -39.19
CA ASN A 228 7.40 -20.76 -39.11
C ASN A 228 6.61 -21.25 -37.91
N ALA A 229 5.31 -21.01 -37.92
CA ALA A 229 4.48 -21.11 -36.71
C ALA A 229 4.49 -22.50 -36.07
N ALA A 230 4.59 -23.60 -36.81
CA ALA A 230 4.57 -24.94 -36.19
C ALA A 230 5.79 -25.13 -35.29
N GLU A 231 6.85 -24.36 -35.52
CA GLU A 231 8.10 -24.44 -34.72
C GLU A 231 8.12 -23.30 -33.70
N ASN A 232 7.67 -22.10 -34.06
CA ASN A 232 7.90 -20.90 -33.22
C ASN A 232 6.66 -20.43 -32.49
N HIS A 233 5.49 -20.98 -32.86
CA HIS A 233 4.26 -20.77 -32.05
C HIS A 233 3.50 -22.08 -31.97
N PRO A 234 4.11 -23.16 -31.45
CA PRO A 234 3.58 -24.49 -31.76
C PRO A 234 2.12 -24.74 -31.42
N ILE A 235 1.65 -24.25 -30.27
CA ILE A 235 0.25 -24.50 -29.85
C ILE A 235 -0.69 -23.77 -30.84
N ALA A 236 -0.23 -22.73 -31.55
CA ALA A 236 -1.03 -22.12 -32.62
C ALA A 236 -1.50 -23.18 -33.60
N PHE A 237 -0.68 -24.21 -33.85
CA PHE A 237 -1.02 -25.23 -34.86
C PHE A 237 -2.19 -26.11 -34.39
N LYS A 238 -2.49 -26.15 -33.10
CA LYS A 238 -3.76 -26.76 -32.65
C LYS A 238 -4.91 -26.08 -33.40
N TRP A 239 -4.90 -24.76 -33.42
CA TRP A 239 -6.02 -23.94 -33.98
C TRP A 239 -5.93 -23.92 -35.50
N VAL A 240 -4.72 -23.86 -36.07
CA VAL A 240 -4.52 -23.94 -37.54
C VAL A 240 -5.09 -25.26 -38.08
N LEU A 241 -4.74 -26.36 -37.48
CA LEU A 241 -5.22 -27.66 -37.96
C LEU A 241 -6.73 -27.78 -37.72
N ARG A 242 -7.26 -27.18 -36.69
CA ARG A 242 -8.74 -27.19 -36.51
C ARG A 242 -9.40 -26.43 -37.65
N ALA A 243 -8.82 -25.31 -38.11
CA ALA A 243 -9.35 -24.61 -39.31
C ALA A 243 -9.39 -25.60 -40.47
N LYS A 244 -8.30 -26.33 -40.67
CA LYS A 244 -8.17 -27.25 -41.82
C LYS A 244 -9.23 -28.36 -41.65
N ASP A 245 -9.47 -28.83 -40.44
CA ASP A 245 -10.49 -29.89 -40.21
C ASP A 245 -11.86 -29.40 -40.70
N LYS A 246 -12.12 -28.11 -40.60
CA LYS A 246 -13.42 -27.48 -40.93
C LYS A 246 -13.37 -26.95 -42.37
N GLY A 247 -12.33 -27.28 -43.15
CA GLY A 247 -12.29 -27.06 -44.60
C GLY A 247 -11.33 -25.97 -45.06
N ALA A 248 -10.58 -25.35 -44.15
CA ALA A 248 -9.59 -24.32 -44.55
C ALA A 248 -8.48 -24.93 -45.39
N THR A 249 -7.94 -24.13 -46.29
CA THR A 249 -6.69 -24.41 -47.01
C THR A 249 -5.55 -23.76 -46.21
N LEU A 250 -4.48 -24.50 -46.00
CA LEU A 250 -3.29 -23.99 -45.29
C LEU A 250 -2.18 -23.80 -46.32
N ILE A 251 -1.57 -22.63 -46.32
CA ILE A 251 -0.55 -22.26 -47.33
C ILE A 251 0.69 -21.77 -46.57
N HIS A 252 1.84 -22.36 -46.88
CA HIS A 252 3.14 -21.94 -46.32
C HIS A 252 4.01 -21.43 -47.45
N VAL A 253 4.45 -20.17 -47.34
CA VAL A 253 5.37 -19.57 -48.32
C VAL A 253 6.65 -19.21 -47.55
N ASP A 254 7.74 -19.86 -47.88
CA ASP A 254 9.00 -19.75 -47.06
C ASP A 254 10.17 -20.14 -47.93
N PRO A 255 11.36 -19.50 -47.79
CA PRO A 255 12.53 -19.98 -48.51
C PRO A 255 12.89 -21.43 -48.25
N ARG A 256 12.43 -21.96 -47.11
CA ARG A 256 12.81 -23.32 -46.67
C ARG A 256 11.51 -24.13 -46.53
N PHE A 257 11.60 -25.42 -46.72
CA PHE A 257 10.57 -26.40 -46.31
C PHE A 257 10.84 -26.77 -44.86
N THR A 258 9.87 -26.45 -44.02
CA THR A 258 10.04 -26.55 -42.55
C THR A 258 9.06 -27.58 -41.96
N ARG A 259 9.05 -27.65 -40.63
CA ARG A 259 8.09 -28.54 -39.95
C ARG A 259 6.68 -28.00 -40.17
N THR A 260 6.51 -26.70 -40.35
CA THR A 260 5.21 -26.08 -40.74
C THR A 260 4.80 -26.61 -42.13
N SER A 261 5.72 -26.53 -43.09
CA SER A 261 5.42 -26.84 -44.49
C SER A 261 4.87 -28.27 -44.58
N ALA A 262 5.44 -29.18 -43.79
CA ALA A 262 5.05 -30.59 -43.79
C ALA A 262 3.55 -30.76 -43.55
N ARG A 263 2.89 -29.84 -42.83
CA ARG A 263 1.47 -29.96 -42.41
C ARG A 263 0.55 -29.01 -43.19
N CYS A 264 1.07 -28.30 -44.19
CA CYS A 264 0.24 -27.37 -44.98
C CYS A 264 -0.23 -28.05 -46.27
N ASP A 265 -1.30 -27.56 -46.86
CA ASP A 265 -1.83 -28.07 -48.15
C ASP A 265 -0.96 -27.60 -49.30
N VAL A 266 -0.48 -26.36 -49.25
CA VAL A 266 0.32 -25.77 -50.33
C VAL A 266 1.62 -25.27 -49.70
N TYR A 267 2.74 -25.67 -50.25
CA TYR A 267 4.06 -25.09 -49.91
C TYR A 267 4.64 -24.43 -51.15
N ALA A 268 5.02 -23.16 -51.10
CA ALA A 268 5.75 -22.50 -52.20
C ALA A 268 7.02 -21.89 -51.61
N PRO A 269 8.16 -22.03 -52.27
CA PRO A 269 9.38 -21.31 -51.90
C PRO A 269 9.25 -19.84 -52.29
N ILE A 270 9.97 -18.98 -51.58
CA ILE A 270 10.20 -17.58 -51.95
C ILE A 270 11.62 -17.21 -51.53
N ARG A 271 12.34 -16.50 -52.38
CA ARG A 271 13.68 -16.00 -52.05
C ARG A 271 13.61 -15.02 -50.88
N SER A 272 14.54 -15.11 -49.91
CA SER A 272 14.63 -14.09 -48.83
C SER A 272 14.70 -12.70 -49.44
N GLY A 273 13.85 -11.77 -48.98
CA GLY A 273 13.86 -10.37 -49.46
C GLY A 273 13.02 -10.13 -50.69
N ALA A 274 12.25 -11.10 -51.16
CA ALA A 274 11.38 -10.96 -52.37
C ALA A 274 9.89 -11.01 -52.04
N ASP A 275 9.51 -10.65 -50.81
CA ASP A 275 8.11 -10.64 -50.37
C ASP A 275 7.29 -9.59 -51.14
N ILE A 276 7.78 -8.37 -51.30
CA ILE A 276 6.95 -7.30 -51.92
C ILE A 276 6.58 -7.70 -53.37
N PRO A 277 7.48 -8.28 -54.20
CA PRO A 277 7.07 -8.79 -55.52
C PRO A 277 5.88 -9.75 -55.45
N PHE A 278 5.97 -10.69 -54.53
CA PHE A 278 4.91 -11.68 -54.33
C PHE A 278 3.60 -10.98 -53.95
N LEU A 279 3.63 -10.11 -52.94
CA LEU A 279 2.44 -9.42 -52.40
C LEU A 279 1.87 -8.40 -53.38
N GLY A 280 2.72 -7.61 -54.04
CA GLY A 280 2.27 -6.69 -55.09
C GLY A 280 1.65 -7.46 -56.24
N GLY A 281 2.15 -8.64 -56.58
CA GLY A 281 1.54 -9.48 -57.61
C GLY A 281 0.16 -9.91 -57.17
N LEU A 282 -0.05 -10.17 -55.87
CA LEU A 282 -1.39 -10.56 -55.42
C LEU A 282 -2.30 -9.34 -55.42
N ILE A 283 -1.81 -8.13 -55.10
CA ILE A 283 -2.60 -6.89 -55.24
C ILE A 283 -3.07 -6.79 -56.70
N LYS A 284 -2.16 -6.92 -57.65
CA LYS A 284 -2.49 -6.79 -59.10
CA LYS A 284 -2.55 -6.74 -59.07
C LYS A 284 -3.57 -7.84 -59.45
N TYR A 285 -3.35 -9.05 -59.01
CA TYR A 285 -4.27 -10.17 -59.29
C TYR A 285 -5.67 -9.86 -58.77
N ILE A 286 -5.78 -9.37 -57.54
CA ILE A 286 -7.08 -9.07 -56.92
C ILE A 286 -7.78 -7.92 -57.67
N LEU A 287 -7.04 -6.89 -58.01
CA LEU A 287 -7.63 -5.70 -58.70
C LEU A 287 -8.01 -6.10 -60.13
N ASP A 288 -7.14 -6.78 -60.84
CA ASP A 288 -7.38 -7.13 -62.28
C ASP A 288 -8.61 -8.06 -62.35
N ASN A 289 -8.74 -9.01 -61.44
CA ASN A 289 -9.83 -10.01 -61.46
C ASN A 289 -11.08 -9.57 -60.71
N LYS A 290 -11.12 -8.36 -60.14
CA LYS A 290 -12.28 -7.79 -59.42
C LYS A 290 -12.66 -8.76 -58.31
N LEU A 291 -11.65 -9.23 -57.58
CA LEU A 291 -11.88 -10.19 -56.48
C LEU A 291 -12.01 -9.44 -55.16
N TYR A 292 -11.87 -8.13 -55.17
CA TYR A 292 -11.98 -7.31 -53.96
C TYR A 292 -13.46 -7.24 -53.57
N PHE A 293 -13.71 -7.05 -52.28
CA PHE A 293 -15.04 -6.88 -51.68
C PHE A 293 -15.47 -5.42 -51.90
N THR A 294 -16.21 -5.18 -53.00
CA THR A 294 -16.50 -3.80 -53.48
C THR A 294 -17.06 -2.93 -52.36
N ASP A 295 -18.10 -3.37 -51.65
CA ASP A 295 -18.79 -2.48 -50.71
C ASP A 295 -17.91 -2.16 -49.50
N TYR A 296 -17.18 -3.17 -49.02
CA TYR A 296 -16.21 -3.00 -47.90
C TYR A 296 -15.16 -1.99 -48.32
N VAL A 297 -14.62 -2.14 -49.52
CA VAL A 297 -13.51 -1.28 -50.01
C VAL A 297 -14.04 0.16 -50.14
N ARG A 298 -15.21 0.33 -50.77
CA ARG A 298 -15.78 1.68 -50.98
CA ARG A 298 -15.79 1.68 -50.98
C ARG A 298 -16.05 2.36 -49.63
N GLU A 299 -16.63 1.66 -48.67
CA GLU A 299 -17.14 2.28 -47.44
C GLU A 299 -16.06 2.40 -46.35
N TYR A 300 -15.22 1.37 -46.22
CA TYR A 300 -14.40 1.21 -45.00
C TYR A 300 -12.91 1.45 -45.27
N THR A 301 -12.48 1.56 -46.52
CA THR A 301 -11.05 1.83 -46.85
C THR A 301 -10.95 3.25 -47.37
N ASN A 302 -9.75 3.74 -47.61
CA ASN A 302 -9.57 5.09 -48.19
C ASN A 302 -9.53 5.03 -49.71
N ALA A 303 -10.07 3.98 -50.31
CA ALA A 303 -10.13 3.81 -51.78
C ALA A 303 -10.65 5.09 -52.48
N SER A 304 -11.63 5.73 -51.86
CA SER A 304 -12.33 6.89 -52.47
C SER A 304 -11.57 8.19 -52.26
N LEU A 305 -10.58 8.23 -51.37
CA LEU A 305 -9.96 9.53 -51.05
C LEU A 305 -9.14 9.97 -52.24
N ILE A 306 -9.11 11.26 -52.44
CA ILE A 306 -8.35 11.87 -53.56
CA ILE A 306 -8.36 11.91 -53.55
C ILE A 306 -6.97 12.34 -53.06
N VAL A 307 -5.94 11.77 -53.65
CA VAL A 307 -4.53 12.12 -53.39
C VAL A 307 -4.20 13.40 -54.17
N GLY A 308 -3.40 14.28 -53.57
CA GLY A 308 -2.98 15.53 -54.22
C GLY A 308 -2.22 15.31 -55.51
N GLU A 309 -2.17 16.36 -56.35
CA GLU A 309 -1.41 16.38 -57.63
C GLU A 309 0.09 16.20 -57.37
N LYS A 310 0.61 16.55 -56.19
CA LYS A 310 2.06 16.48 -55.91
C LYS A 310 2.53 15.03 -55.77
N PHE A 311 1.62 14.09 -55.60
CA PHE A 311 2.01 12.65 -55.53
C PHE A 311 2.40 12.17 -56.93
N SER A 312 3.54 11.51 -57.02
CA SER A 312 3.94 10.74 -58.20
C SER A 312 4.96 9.68 -57.80
N PHE A 313 5.22 8.82 -58.76
CA PHE A 313 6.17 7.70 -58.59
C PHE A 313 6.81 7.50 -59.95
N LYS A 314 8.13 7.48 -59.99
CA LYS A 314 8.85 7.19 -61.25
C LYS A 314 10.16 6.48 -60.97
N ASP A 315 10.39 5.35 -61.65
CA ASP A 315 11.73 4.69 -61.67
C ASP A 315 12.16 4.37 -60.23
N GLY A 316 11.20 4.08 -59.38
CA GLY A 316 11.46 3.56 -58.03
C GLY A 316 11.52 4.64 -56.97
N LEU A 317 11.28 5.90 -57.33
CA LEU A 317 11.27 7.00 -56.34
C LEU A 317 9.91 7.67 -56.41
N PHE A 318 9.31 7.88 -55.24
CA PHE A 318 8.13 8.75 -55.08
C PHE A 318 8.59 10.19 -55.24
N SER A 319 7.62 11.06 -55.44
CA SER A 319 7.87 12.51 -55.44
C SER A 319 8.49 12.95 -54.12
N GLY A 320 9.27 14.04 -54.14
CA GLY A 320 9.83 14.71 -52.95
C GLY A 320 11.13 14.10 -52.49
N TYR A 321 11.80 13.33 -53.33
CA TYR A 321 13.09 12.75 -52.88
C TYR A 321 14.17 13.84 -52.84
N ASP A 322 14.82 13.97 -51.70
CA ASP A 322 16.01 14.83 -51.48
C ASP A 322 17.26 13.94 -51.54
N ALA A 323 17.93 13.89 -52.69
CA ALA A 323 19.07 12.99 -52.94
C ALA A 323 20.23 13.29 -51.98
N ALA A 324 20.55 14.57 -51.75
CA ALA A 324 21.66 14.99 -50.85
C ALA A 324 21.41 14.49 -49.42
N ASN A 325 20.17 14.53 -48.93
CA ASN A 325 19.87 14.19 -47.52
C ASN A 325 19.24 12.80 -47.40
N LYS A 326 19.02 12.08 -48.52
CA LYS A 326 18.47 10.71 -48.51
C LYS A 326 17.19 10.68 -47.68
N LYS A 327 16.24 11.55 -48.04
CA LYS A 327 14.99 11.73 -47.28
C LYS A 327 13.91 12.15 -48.27
N TYR A 328 12.68 11.73 -48.01
CA TYR A 328 11.51 12.23 -48.75
C TYR A 328 10.85 13.40 -48.02
N ASP A 329 10.37 14.37 -48.80
CA ASP A 329 9.40 15.38 -48.32
C ASP A 329 7.99 14.77 -48.44
N LYS A 330 7.47 14.28 -47.32
CA LYS A 330 6.22 13.50 -47.33
C LYS A 330 5.03 14.41 -47.59
N SER A 331 5.20 15.73 -47.46
CA SER A 331 4.13 16.71 -47.78
C SER A 331 3.73 16.57 -49.25
N MET A 332 4.60 16.02 -50.10
CA MET A 332 4.29 15.80 -51.54
C MET A 332 3.21 14.73 -51.69
N TRP A 333 2.97 13.94 -50.64
CA TRP A 333 2.06 12.75 -50.70
C TRP A 333 0.70 13.03 -50.07
N ALA A 334 0.45 14.25 -49.67
CA ALA A 334 -0.78 14.63 -48.93
C ALA A 334 -2.04 14.37 -49.79
N PHE A 335 -3.15 14.15 -49.11
CA PHE A 335 -4.50 14.11 -49.71
C PHE A 335 -4.86 15.52 -50.17
N GLU A 336 -5.63 15.61 -51.23
CA GLU A 336 -6.31 16.88 -51.59
C GLU A 336 -7.43 17.12 -50.58
N LEU A 337 -7.48 18.27 -49.92
CA LEU A 337 -8.48 18.54 -48.86
C LEU A 337 -9.64 19.37 -49.43
N ASP A 338 -10.86 19.17 -48.92
CA ASP A 338 -12.06 20.02 -49.23
C ASP A 338 -11.90 21.34 -48.46
N ALA A 339 -12.85 22.27 -48.60
CA ALA A 339 -12.78 23.62 -47.98
C ALA A 339 -12.85 23.50 -46.45
N ASN A 340 -13.41 22.41 -45.95
CA ASN A 340 -13.54 22.09 -44.50
C ASN A 340 -12.27 21.37 -43.99
N GLY A 341 -11.27 21.11 -44.85
CA GLY A 341 -10.00 20.48 -44.48
C GLY A 341 -10.11 18.98 -44.32
N VAL A 342 -11.19 18.36 -44.79
CA VAL A 342 -11.37 16.87 -44.81
C VAL A 342 -10.86 16.40 -46.16
N PRO A 343 -10.08 15.30 -46.24
CA PRO A 343 -9.71 14.76 -47.53
C PRO A 343 -10.94 14.61 -48.44
N LYS A 344 -10.80 15.04 -49.68
CA LYS A 344 -11.84 14.85 -50.72
C LYS A 344 -12.08 13.36 -50.96
N ARG A 345 -13.31 13.02 -51.29
CA ARG A 345 -13.71 11.64 -51.63
C ARG A 345 -14.54 11.66 -52.91
N ASP A 346 -14.31 10.66 -53.75
CA ASP A 346 -15.17 10.35 -54.92
C ASP A 346 -15.76 8.96 -54.69
N PRO A 347 -16.98 8.84 -54.14
CA PRO A 347 -17.62 7.53 -53.94
C PRO A 347 -17.80 6.72 -55.22
N ALA A 348 -17.78 7.36 -56.39
CA ALA A 348 -17.85 6.67 -57.69
C ALA A 348 -16.52 5.96 -58.01
N LEU A 349 -15.41 6.24 -57.27
CA LEU A 349 -14.09 5.61 -57.50
C LEU A 349 -13.65 5.83 -58.97
N LYS A 350 -13.98 6.99 -59.54
CA LYS A 350 -13.69 7.31 -60.96
C LYS A 350 -12.52 8.30 -61.08
N HIS A 351 -12.40 9.27 -60.16
CA HIS A 351 -11.32 10.28 -60.21
C HIS A 351 -9.97 9.58 -60.39
N PRO A 352 -9.11 10.01 -61.33
CA PRO A 352 -7.82 9.36 -61.53
C PRO A 352 -6.93 9.44 -60.28
N ARG A 353 -7.15 10.38 -59.40
CA ARG A 353 -6.30 10.51 -58.18
C ARG A 353 -7.02 9.87 -56.99
N CYS A 354 -8.11 9.13 -57.17
CA CYS A 354 -8.68 8.26 -56.10
CA CYS A 354 -8.61 8.37 -56.00
C CYS A 354 -7.61 7.26 -55.68
N VAL A 355 -7.46 6.99 -54.40
CA VAL A 355 -6.47 5.99 -53.91
C VAL A 355 -6.58 4.71 -54.74
N ILE A 356 -7.78 4.17 -55.00
CA ILE A 356 -7.82 2.82 -55.61
CA ILE A 356 -7.93 2.83 -55.65
C ILE A 356 -7.35 2.88 -57.07
N ASN A 357 -7.55 3.99 -57.78
CA ASN A 357 -7.02 4.10 -59.15
C ASN A 357 -5.48 4.27 -59.11
N LEU A 358 -4.92 5.02 -58.17
CA LEU A 358 -3.44 5.14 -58.05
C LEU A 358 -2.85 3.80 -57.61
N LEU A 359 -3.57 3.04 -56.80
CA LEU A 359 -3.17 1.66 -56.39
C LEU A 359 -3.09 0.77 -57.63
N LYS A 360 -4.17 0.68 -58.43
CA LYS A 360 -4.14 -0.14 -59.68
C LYS A 360 -2.92 0.27 -60.52
N LYS A 361 -2.66 1.57 -60.66
CA LYS A 361 -1.56 2.07 -61.53
C LYS A 361 -0.20 1.61 -60.96
N HIS A 362 -0.03 1.66 -59.63
CA HIS A 362 1.27 1.33 -59.00
C HIS A 362 1.59 -0.15 -59.23
N TYR A 363 0.61 -1.03 -59.04
CA TYR A 363 0.85 -2.49 -59.03
C TYR A 363 0.69 -3.09 -60.43
N GLU A 364 0.39 -2.28 -61.44
CA GLU A 364 0.27 -2.89 -62.80
C GLU A 364 1.59 -3.51 -63.25
N ARG A 365 2.76 -3.08 -62.75
CA ARG A 365 4.07 -3.66 -63.12
C ARG A 365 4.28 -5.07 -62.58
N TYR A 366 3.49 -5.48 -61.60
CA TYR A 366 3.74 -6.74 -60.85
C TYR A 366 3.08 -7.93 -61.54
N ASN A 367 3.39 -8.11 -62.83
CA ASN A 367 2.82 -9.25 -63.57
C ASN A 367 3.49 -10.55 -63.14
N LEU A 368 2.85 -11.69 -63.44
CA LEU A 368 3.31 -13.00 -62.95
C LEU A 368 4.73 -13.29 -63.41
N ASP A 369 5.08 -13.01 -64.66
CA ASP A 369 6.41 -13.38 -65.16
C ASP A 369 7.49 -12.61 -64.38
N LYS A 370 7.32 -11.31 -64.14
CA LYS A 370 8.33 -10.51 -63.41
CA LYS A 370 8.27 -10.45 -63.38
C LYS A 370 8.36 -10.95 -61.93
N VAL A 371 7.22 -11.19 -61.32
CA VAL A 371 7.17 -11.66 -59.91
C VAL A 371 7.88 -13.01 -59.81
N ALA A 372 7.59 -13.95 -60.72
CA ALA A 372 8.26 -15.27 -60.74
C ALA A 372 9.77 -15.11 -60.89
N ALA A 373 10.21 -14.22 -61.77
CA ALA A 373 11.63 -14.06 -62.10
C ALA A 373 12.40 -13.53 -60.90
N ILE A 374 11.77 -12.75 -60.02
CA ILE A 374 12.51 -12.11 -58.90
C ILE A 374 12.34 -12.92 -57.58
N THR A 375 11.23 -13.64 -57.42
CA THR A 375 10.95 -14.47 -56.23
C THR A 375 11.57 -15.86 -56.39
N GLY A 376 11.74 -16.34 -57.62
CA GLY A 376 12.08 -17.74 -57.89
C GLY A 376 10.85 -18.65 -57.88
N THR A 377 9.68 -18.15 -57.51
CA THR A 377 8.43 -18.94 -57.36
C THR A 377 7.83 -19.14 -58.75
N SER A 378 7.46 -20.36 -59.11
CA SER A 378 6.89 -20.60 -60.46
C SER A 378 5.59 -19.79 -60.67
N LYS A 379 5.31 -19.41 -61.91
CA LYS A 379 4.05 -18.72 -62.27
C LYS A 379 2.88 -19.60 -61.81
N GLU A 380 3.00 -20.92 -61.96
CA GLU A 380 1.91 -21.88 -61.65
C GLU A 380 1.62 -21.81 -60.14
N GLN A 381 2.67 -21.80 -59.33
CA GLN A 381 2.44 -21.74 -57.86
C GLN A 381 1.94 -20.36 -57.45
N LEU A 382 2.43 -19.28 -58.07
CA LEU A 382 1.84 -17.94 -57.82
C LEU A 382 0.34 -17.95 -58.09
N GLN A 383 -0.07 -18.44 -59.26
CA GLN A 383 -1.51 -18.50 -59.63
C GLN A 383 -2.27 -19.32 -58.62
N GLN A 384 -1.70 -20.45 -58.20
CA GLN A 384 -2.41 -21.35 -57.26
C GLN A 384 -2.64 -20.63 -55.93
N VAL A 385 -1.59 -19.98 -55.40
CA VAL A 385 -1.70 -19.31 -54.06
C VAL A 385 -2.64 -18.12 -54.20
N TYR A 386 -2.46 -17.32 -55.25
CA TYR A 386 -3.28 -16.10 -55.45
C TYR A 386 -4.78 -16.48 -55.57
N LYS A 387 -5.08 -17.50 -56.37
CA LYS A 387 -6.48 -17.95 -56.54
C LYS A 387 -7.06 -18.37 -55.20
N ALA A 388 -6.35 -19.20 -54.44
CA ALA A 388 -6.85 -19.74 -53.16
C ALA A 388 -7.08 -18.60 -52.18
N TYR A 389 -6.12 -17.67 -52.08
CA TYR A 389 -6.19 -16.63 -51.03
C TYR A 389 -7.24 -15.58 -51.44
N ALA A 390 -7.23 -15.16 -52.69
CA ALA A 390 -8.11 -14.06 -53.16
C ALA A 390 -9.57 -14.54 -53.15
N ALA A 391 -9.81 -15.85 -53.12
CA ALA A 391 -11.18 -16.40 -52.99
C ALA A 391 -11.81 -15.91 -51.69
N THR A 392 -11.00 -15.50 -50.70
CA THR A 392 -11.54 -15.07 -49.39
C THR A 392 -12.12 -13.65 -49.46
N GLY A 393 -12.02 -12.94 -50.60
CA GLY A 393 -12.69 -11.65 -50.79
C GLY A 393 -14.21 -11.75 -50.75
N LYS A 394 -14.76 -12.96 -50.84
CA LYS A 394 -16.23 -13.15 -50.63
C LYS A 394 -16.60 -12.76 -49.21
N PRO A 395 -17.74 -12.07 -48.99
CA PRO A 395 -18.12 -11.61 -47.66
C PRO A 395 -18.23 -12.73 -46.61
N ASP A 396 -18.63 -13.93 -47.05
CA ASP A 396 -18.89 -15.09 -46.17
C ASP A 396 -17.64 -15.97 -46.11
N LYS A 397 -16.48 -15.45 -46.53
CA LYS A 397 -15.21 -16.22 -46.41
C LYS A 397 -14.18 -15.31 -45.76
N ALA A 398 -13.25 -15.92 -45.03
CA ALA A 398 -12.26 -15.16 -44.24
C ALA A 398 -10.89 -15.75 -44.53
N GLY A 399 -9.95 -14.90 -44.92
CA GLY A 399 -8.54 -15.28 -45.03
C GLY A 399 -7.73 -14.59 -43.98
N THR A 400 -6.73 -15.28 -43.45
CA THR A 400 -5.80 -14.67 -42.49
C THR A 400 -4.37 -14.88 -42.92
N ILE A 401 -3.54 -13.95 -42.44
CA ILE A 401 -2.07 -14.03 -42.57
C ILE A 401 -1.48 -14.21 -41.17
N MET A 402 -0.61 -15.21 -41.07
CA MET A 402 0.30 -15.39 -39.89
C MET A 402 1.70 -15.03 -40.39
N TYR A 403 2.30 -13.95 -39.88
CA TYR A 403 3.67 -13.56 -40.25
C TYR A 403 4.42 -13.15 -38.98
N ALA A 404 5.73 -13.20 -39.08
CA ALA A 404 6.58 -12.61 -38.05
C ALA A 404 7.91 -12.23 -38.67
N MET A 405 9.03 -12.81 -38.25
CA MET A 405 10.33 -12.16 -38.52
C MET A 405 10.73 -12.30 -39.98
N GLY A 406 10.21 -13.28 -40.73
CA GLY A 406 10.51 -13.38 -42.15
C GLY A 406 10.11 -12.11 -42.88
N TRP A 407 9.11 -11.39 -42.35
CA TRP A 407 8.73 -10.10 -42.92
C TRP A 407 9.36 -8.91 -42.21
N THR A 408 9.51 -8.91 -40.90
CA THR A 408 9.90 -7.69 -40.22
C THR A 408 11.38 -7.37 -40.43
N GLN A 409 12.24 -8.39 -40.48
CA GLN A 409 13.70 -8.17 -40.31
C GLN A 409 14.32 -7.92 -41.68
N HIS A 410 13.90 -6.83 -42.28
CA HIS A 410 14.31 -6.36 -43.61
C HIS A 410 14.43 -4.83 -43.62
N SER A 411 15.13 -4.32 -44.63
CA SER A 411 15.20 -2.89 -44.91
C SER A 411 13.89 -2.38 -45.49
N VAL A 412 12.99 -3.31 -45.87
CA VAL A 412 11.61 -3.00 -46.32
C VAL A 412 10.61 -3.67 -45.39
N GLY A 413 10.96 -3.93 -44.13
CA GLY A 413 10.03 -4.61 -43.22
C GLY A 413 8.66 -3.93 -43.15
N VAL A 414 8.63 -2.62 -42.91
CA VAL A 414 7.34 -1.88 -42.85
C VAL A 414 6.54 -2.13 -44.14
N GLN A 415 7.18 -1.99 -45.29
CA GLN A 415 6.45 -2.07 -46.59
C GLN A 415 6.00 -3.50 -46.85
N ASN A 416 6.75 -4.52 -46.44
CA ASN A 416 6.27 -5.92 -46.57
C ASN A 416 4.91 -6.06 -45.90
N ILE A 417 4.81 -5.54 -44.69
CA ILE A 417 3.62 -5.69 -43.84
C ILE A 417 2.50 -4.82 -44.42
N ARG A 418 2.82 -3.61 -44.81
CA ARG A 418 1.84 -2.71 -45.48
C ARG A 418 1.19 -3.45 -46.65
N ALA A 419 1.96 -4.17 -47.45
CA ALA A 419 1.41 -4.82 -48.68
C ALA A 419 0.35 -5.83 -48.27
N MET A 420 0.64 -6.60 -47.23
CA MET A 420 -0.34 -7.62 -46.78
C MET A 420 -1.55 -6.94 -46.13
N ALA A 421 -1.36 -5.86 -45.37
CA ALA A 421 -2.47 -5.09 -44.77
C ALA A 421 -3.39 -4.60 -45.91
N MET A 422 -2.80 -4.19 -47.03
CA MET A 422 -3.57 -3.62 -48.17
C MET A 422 -4.38 -4.75 -48.79
N ILE A 423 -3.79 -5.93 -48.92
CA ILE A 423 -4.47 -7.12 -49.47
C ILE A 423 -5.68 -7.42 -48.59
N GLN A 424 -5.47 -7.46 -47.28
CA GLN A 424 -6.56 -7.83 -46.35
C GLN A 424 -7.69 -6.82 -46.49
N LEU A 425 -7.36 -5.54 -46.63
CA LEU A 425 -8.40 -4.50 -46.80
C LEU A 425 -9.15 -4.72 -48.11
N LEU A 426 -8.47 -5.06 -49.20
CA LEU A 426 -9.14 -5.25 -50.52
C LEU A 426 -10.14 -6.41 -50.37
N LEU A 427 -9.78 -7.42 -49.58
CA LEU A 427 -10.58 -8.66 -49.47
C LEU A 427 -11.59 -8.56 -48.33
N GLY A 428 -11.66 -7.46 -47.60
CA GLY A 428 -12.64 -7.34 -46.52
C GLY A 428 -12.33 -8.27 -45.36
N ASN A 429 -11.05 -8.59 -45.13
CA ASN A 429 -10.67 -9.58 -44.09
C ASN A 429 -10.36 -8.87 -42.77
N ILE A 430 -10.38 -7.55 -42.68
CA ILE A 430 -10.03 -6.87 -41.40
C ILE A 430 -11.29 -6.68 -40.55
N GLY A 431 -11.24 -7.14 -39.31
CA GLY A 431 -12.36 -6.97 -38.36
C GLY A 431 -13.19 -8.23 -38.25
N VAL A 432 -12.89 -9.25 -39.06
CA VAL A 432 -13.76 -10.45 -39.23
C VAL A 432 -13.15 -11.66 -38.51
N ALA A 433 -14.00 -12.57 -38.05
CA ALA A 433 -13.52 -13.85 -37.48
C ALA A 433 -12.83 -14.70 -38.54
N GLY A 434 -11.63 -15.22 -38.21
CA GLY A 434 -10.86 -16.01 -39.18
C GLY A 434 -10.09 -15.13 -40.15
N GLY A 435 -10.16 -13.81 -39.99
CA GLY A 435 -9.40 -12.88 -40.85
C GLY A 435 -8.26 -12.21 -40.10
N GLY A 436 -8.09 -10.94 -40.38
CA GLY A 436 -7.16 -10.07 -39.65
C GLY A 436 -5.75 -10.16 -40.15
N VAL A 437 -4.89 -9.44 -39.44
CA VAL A 437 -3.42 -9.55 -39.62
C VAL A 437 -2.84 -10.11 -38.33
N ASN A 438 -2.51 -11.39 -38.34
CA ASN A 438 -1.98 -12.08 -37.14
C ASN A 438 -0.47 -11.97 -37.19
N ALA A 439 -0.01 -10.80 -36.81
CA ALA A 439 1.40 -10.44 -36.61
C ALA A 439 1.82 -11.13 -35.32
N LEU A 440 2.49 -12.27 -35.42
CA LEU A 440 2.71 -13.18 -34.26
C LEU A 440 3.84 -12.61 -33.39
N ARG A 441 3.48 -12.09 -32.22
CA ARG A 441 4.48 -11.56 -31.29
C ARG A 441 5.33 -12.72 -30.77
N GLY A 442 6.52 -12.35 -30.33
CA GLY A 442 7.57 -13.31 -30.00
C GLY A 442 7.58 -13.73 -28.55
N GLU A 443 8.22 -12.94 -27.70
CA GLU A 443 8.35 -13.23 -26.24
C GLU A 443 6.98 -13.15 -25.56
N SER A 444 6.89 -13.91 -24.46
CA SER A 444 5.70 -13.98 -23.58
C SER A 444 5.14 -12.61 -23.28
N ASN A 445 5.95 -11.56 -23.13
CA ASN A 445 5.41 -10.24 -22.83
C ASN A 445 6.03 -9.18 -23.71
N VAL A 446 6.40 -9.46 -24.96
CA VAL A 446 6.92 -8.34 -25.81
C VAL A 446 5.75 -7.42 -26.17
N GLN A 447 4.53 -7.93 -26.24
CA GLN A 447 3.37 -7.02 -26.40
C GLN A 447 3.33 -6.07 -25.21
N GLY A 448 3.48 -6.60 -23.99
CA GLY A 448 3.38 -5.78 -22.79
C GLY A 448 4.57 -4.81 -22.68
N SER A 449 5.78 -5.28 -22.95
CA SER A 449 6.96 -4.39 -22.78
C SER A 449 6.88 -3.23 -23.78
N THR A 450 6.33 -3.46 -24.96
CA THR A 450 6.09 -2.38 -25.96
C THR A 450 5.00 -1.44 -25.42
N ASP A 451 3.93 -2.02 -24.93
CA ASP A 451 2.83 -1.27 -24.30
C ASP A 451 3.37 -0.39 -23.17
N GLN A 452 4.41 -0.81 -22.43
CA GLN A 452 4.94 -0.03 -21.29
C GLN A 452 6.02 0.94 -21.77
N GLY A 453 6.27 1.08 -23.07
CA GLY A 453 7.16 2.14 -23.57
C GLY A 453 8.64 1.86 -23.36
N LEU A 454 9.07 0.60 -23.47
CA LEU A 454 10.52 0.31 -23.37
C LEU A 454 11.17 0.42 -24.75
N LEU A 455 10.80 1.48 -25.46
CA LEU A 455 11.42 1.90 -26.73
C LEU A 455 11.61 3.41 -26.69
N ALA A 456 12.59 3.90 -27.44
CA ALA A 456 13.10 5.28 -27.21
C ALA A 456 12.03 6.31 -27.62
N HIS A 457 11.13 5.95 -28.52
CA HIS A 457 10.18 6.92 -29.09
C HIS A 457 8.84 6.97 -28.38
N ILE A 458 8.55 6.07 -27.44
CA ILE A 458 7.20 5.99 -26.83
C ILE A 458 7.27 5.91 -25.32
N TRP A 459 6.35 6.63 -24.68
CA TRP A 459 5.95 6.44 -23.27
C TRP A 459 4.98 5.27 -23.22
N PRO A 460 4.57 4.81 -22.03
CA PRO A 460 3.56 3.78 -21.95
C PRO A 460 2.30 4.23 -22.70
N GLY A 461 1.58 3.27 -23.24
CA GLY A 461 0.34 3.57 -23.95
C GLY A 461 0.56 4.25 -25.28
N TYR A 462 1.75 4.19 -25.90
CA TYR A 462 1.98 4.70 -27.28
C TYR A 462 1.76 6.21 -27.34
N ASN A 463 1.89 6.90 -26.22
CA ASN A 463 2.01 8.37 -26.26
C ASN A 463 3.45 8.66 -26.62
N PRO A 464 3.73 9.46 -27.65
CA PRO A 464 5.11 9.71 -28.03
C PRO A 464 5.93 10.34 -26.91
N VAL A 465 7.19 9.92 -26.80
CA VAL A 465 8.19 10.69 -26.01
C VAL A 465 8.23 12.08 -26.62
N PRO A 466 8.15 13.12 -25.77
CA PRO A 466 8.24 14.51 -26.25
C PRO A 466 9.54 14.78 -26.99
N ASN A 467 9.47 15.58 -28.06
CA ASN A 467 10.69 16.16 -28.63
C ASN A 467 10.89 17.57 -28.10
N SER A 468 12.04 18.10 -28.44
CA SER A 468 12.63 19.31 -27.85
C SER A 468 11.78 20.55 -28.23
N LYS A 469 10.98 20.47 -29.30
CA LYS A 469 10.09 21.59 -29.68
C LYS A 469 8.80 21.57 -28.86
N ALA A 470 8.43 20.47 -28.19
CA ALA A 470 7.21 20.39 -27.39
C ALA A 470 7.54 20.95 -26.02
N ALA A 471 7.76 22.26 -25.93
CA ALA A 471 8.29 22.97 -24.76
C ALA A 471 7.27 23.00 -23.62
N THR A 472 6.00 22.70 -23.91
CA THR A 472 4.91 22.74 -22.92
C THR A 472 3.98 21.56 -23.20
N LEU A 473 3.21 21.17 -22.20
CA LEU A 473 2.19 20.13 -22.35
C LEU A 473 1.17 20.59 -23.39
N GLU A 474 0.84 21.89 -23.45
CA GLU A 474 -0.06 22.39 -24.52
C GLU A 474 0.53 22.10 -25.91
N LEU A 475 1.81 22.37 -26.12
CA LEU A 475 2.48 22.17 -27.44
C LEU A 475 2.55 20.67 -27.72
N TYR A 476 2.83 19.87 -26.71
CA TYR A 476 2.79 18.39 -26.89
C TYR A 476 1.42 17.94 -27.41
N ASN A 477 0.32 18.38 -26.78
CA ASN A 477 -1.05 17.93 -27.15
C ASN A 477 -1.46 18.50 -28.52
N ALA A 478 -0.93 19.65 -28.90
CA ALA A 478 -1.31 20.32 -30.17
C ALA A 478 -0.82 19.50 -31.37
N ALA A 479 0.11 18.55 -31.18
CA ALA A 479 0.65 17.73 -32.29
C ALA A 479 -0.36 16.65 -32.69
N THR A 480 -1.35 16.34 -31.85
CA THR A 480 -2.27 15.22 -32.13
C THR A 480 -3.15 15.63 -33.31
N PRO A 481 -3.24 14.86 -34.42
CA PRO A 481 -4.10 15.25 -35.53
C PRO A 481 -5.59 15.31 -35.15
N GLN A 482 -6.31 16.31 -35.67
CA GLN A 482 -7.77 16.42 -35.46
C GLN A 482 -8.48 16.12 -36.77
N SER A 483 -9.74 15.72 -36.68
CA SER A 483 -10.62 15.44 -37.84
C SER A 483 -11.82 16.37 -37.79
N LYS A 484 -12.30 16.79 -38.95
CA LYS A 484 -13.57 17.57 -39.06
C LYS A 484 -14.62 16.69 -39.71
N ASP A 485 -14.36 15.40 -39.89
CA ASP A 485 -15.33 14.44 -40.46
C ASP A 485 -16.21 13.97 -39.33
N PRO A 486 -17.52 14.29 -39.29
CA PRO A 486 -18.35 13.90 -38.16
C PRO A 486 -18.51 12.39 -37.94
N MET A 487 -18.16 11.57 -38.94
CA MET A 487 -18.25 10.11 -38.82
C MET A 487 -16.88 9.54 -38.36
N SER A 488 -15.85 10.39 -38.25
CA SER A 488 -14.49 9.94 -37.82
C SER A 488 -14.40 10.06 -36.30
N VAL A 489 -14.36 8.93 -35.62
CA VAL A 489 -14.20 8.85 -34.15
C VAL A 489 -12.90 9.53 -33.75
N ASN A 490 -11.80 9.28 -34.44
CA ASN A 490 -10.47 9.90 -34.18
C ASN A 490 -10.18 9.83 -32.68
N TRP A 491 -10.12 8.62 -32.14
CA TRP A 491 -10.03 8.39 -30.69
C TRP A 491 -8.80 9.00 -30.04
N TRP A 492 -7.68 9.17 -30.77
CA TRP A 492 -6.46 9.77 -30.19
C TRP A 492 -6.70 11.21 -29.74
N GLN A 493 -7.81 11.86 -30.14
CA GLN A 493 -8.12 13.19 -29.58
C GLN A 493 -8.22 13.14 -28.04
N ASN A 494 -8.37 11.95 -27.47
CA ASN A 494 -8.43 11.73 -26.00
C ASN A 494 -7.03 11.67 -25.36
N ARG A 495 -5.96 11.79 -26.17
CA ARG A 495 -4.56 11.73 -25.69
C ARG A 495 -4.32 12.67 -24.49
N PRO A 496 -4.84 13.93 -24.40
CA PRO A 496 -4.53 14.75 -23.25
C PRO A 496 -4.95 14.09 -21.93
N LYS A 497 -6.01 13.32 -21.93
CA LYS A 497 -6.47 12.62 -20.70
C LYS A 497 -5.39 11.60 -20.30
N TYR A 498 -4.84 10.95 -21.32
CA TYR A 498 -3.93 9.79 -21.07
C TYR A 498 -2.58 10.33 -20.63
N VAL A 499 -2.06 11.37 -21.28
CA VAL A 499 -0.77 11.95 -20.85
C VAL A 499 -0.90 12.58 -19.45
N ALA A 500 -1.98 13.32 -19.16
CA ALA A 500 -2.20 13.89 -17.83
C ALA A 500 -2.30 12.78 -16.79
N SER A 501 -3.05 11.71 -17.08
CA SER A 501 -3.26 10.63 -16.09
C SER A 501 -1.93 9.88 -15.86
N TYR A 502 -1.11 9.78 -16.91
CA TYR A 502 0.23 9.14 -16.80
C TYR A 502 1.13 10.00 -15.91
N LEU A 503 1.20 11.31 -16.19
CA LEU A 503 2.01 12.21 -15.37
C LEU A 503 1.51 12.21 -13.91
N LYS A 504 0.22 12.05 -13.66
CA LYS A 504 -0.31 11.94 -12.28
C LYS A 504 0.08 10.60 -11.63
N ALA A 505 0.24 9.52 -12.41
CA ALA A 505 0.70 8.23 -11.88
C ALA A 505 2.13 8.37 -11.36
N LEU A 506 2.98 9.14 -12.07
CA LEU A 506 4.40 9.36 -11.69
C LEU A 506 4.55 10.41 -10.59
N TYR A 507 3.82 11.52 -10.70
CA TYR A 507 4.05 12.77 -9.92
C TYR A 507 2.68 13.25 -9.44
N PRO A 508 2.03 12.49 -8.54
CA PRO A 508 0.66 12.82 -8.11
C PRO A 508 0.53 14.16 -7.38
N ASP A 509 1.63 14.71 -6.86
CA ASP A 509 1.62 16.01 -6.12
C ASP A 509 1.70 17.19 -7.10
N GLU A 510 1.97 16.94 -8.37
CA GLU A 510 2.24 18.01 -9.34
C GLU A 510 1.09 18.13 -10.34
N GLU A 511 0.84 19.34 -10.81
CA GLU A 511 -0.05 19.52 -11.99
C GLU A 511 0.66 18.85 -13.16
N PRO A 512 -0.12 18.22 -14.07
CA PRO A 512 0.48 17.59 -15.25
C PRO A 512 1.40 18.53 -16.01
N ALA A 513 1.02 19.80 -16.20
CA ALA A 513 1.87 20.76 -16.94
C ALA A 513 3.23 20.96 -16.29
N ALA A 514 3.31 20.88 -14.96
CA ALA A 514 4.56 21.05 -14.21
C ALA A 514 5.35 19.72 -14.29
N ALA A 515 4.71 18.58 -14.06
CA ALA A 515 5.40 17.25 -14.12
C ALA A 515 6.00 17.02 -15.51
N TYR A 516 5.39 17.59 -16.55
CA TYR A 516 5.83 17.42 -17.94
C TYR A 516 7.31 17.81 -18.06
N ASP A 517 7.77 18.78 -17.28
CA ASP A 517 9.17 19.23 -17.35
C ASP A 517 10.11 18.23 -16.66
N TYR A 518 9.60 17.18 -15.99
CA TYR A 518 10.53 16.25 -15.30
C TYR A 518 11.06 15.23 -16.29
N LEU A 519 10.30 14.92 -17.32
CA LEU A 519 10.60 13.76 -18.19
C LEU A 519 11.50 14.23 -19.31
N PRO A 520 12.49 13.41 -19.69
CA PRO A 520 13.41 13.82 -20.74
C PRO A 520 12.75 13.91 -22.12
N ARG A 521 13.41 14.69 -22.98
CA ARG A 521 12.94 14.91 -24.37
C ARG A 521 14.05 14.55 -25.36
N ILE A 522 13.62 14.02 -26.51
CA ILE A 522 14.55 13.76 -27.65
C ILE A 522 14.63 15.02 -28.52
N ASP A 523 15.72 15.20 -29.24
CA ASP A 523 15.88 16.34 -30.16
C ASP A 523 14.93 16.21 -31.35
N ALA A 524 14.14 17.24 -31.60
CA ALA A 524 13.24 17.31 -32.77
C ALA A 524 14.03 17.28 -34.08
N GLY A 525 15.23 17.84 -34.09
CA GLY A 525 16.05 17.93 -35.32
C GLY A 525 16.59 16.60 -35.86
N ARG A 526 16.61 15.52 -35.06
CA ARG A 526 17.37 14.27 -35.35
C ARG A 526 16.48 13.23 -36.03
N LYS A 527 17.07 12.36 -36.85
CA LYS A 527 16.34 11.13 -37.30
C LYS A 527 16.00 10.33 -36.04
N LEU A 528 14.78 9.81 -35.90
CA LEU A 528 14.36 9.01 -34.74
C LEU A 528 15.29 7.81 -34.58
N THR A 529 15.74 7.23 -35.69
CA THR A 529 16.60 6.02 -35.65
C THR A 529 17.88 6.37 -34.92
N ASP A 530 18.24 7.64 -34.74
CA ASP A 530 19.47 7.95 -33.95
C ASP A 530 19.34 7.46 -32.50
N TYR A 531 18.12 7.21 -32.02
CA TYR A 531 17.86 6.88 -30.61
C TYR A 531 17.69 5.37 -30.44
N PHE A 532 17.86 4.60 -31.50
CA PHE A 532 17.45 3.17 -31.48
C PHE A 532 18.71 2.28 -31.44
N TRP A 533 18.44 1.03 -31.12
CA TRP A 533 19.40 -0.09 -30.95
C TRP A 533 20.64 0.05 -31.81
N LEU A 534 20.52 0.03 -33.12
CA LEU A 534 21.73 -0.07 -33.96
C LEU A 534 22.58 1.17 -33.76
N ASN A 535 21.98 2.35 -33.70
CA ASN A 535 22.77 3.59 -33.49
C ASN A 535 23.30 3.64 -32.06
N ILE A 536 22.61 3.03 -31.10
CA ILE A 536 23.17 2.98 -29.71
C ILE A 536 24.50 2.22 -29.79
N PHE A 537 24.53 1.08 -30.46
CA PHE A 537 25.80 0.32 -30.58
C PHE A 537 26.85 1.11 -31.35
N GLU A 538 26.46 1.87 -32.36
CA GLU A 538 27.44 2.68 -33.13
C GLU A 538 28.04 3.75 -32.20
N LYS A 539 27.20 4.46 -31.47
CA LYS A 539 27.64 5.45 -30.45
C LYS A 539 28.53 4.77 -29.42
N MET A 540 28.16 3.60 -28.97
CA MET A 540 28.94 2.88 -27.96
C MET A 540 30.33 2.53 -28.50
N ASP A 541 30.41 2.22 -29.78
CA ASP A 541 31.68 1.83 -30.44
C ASP A 541 32.54 3.08 -30.64
N LYS A 542 31.92 4.26 -30.61
CA LYS A 542 32.64 5.56 -30.65
C LYS A 542 32.95 6.06 -29.24
N GLY A 543 32.66 5.29 -28.19
CA GLY A 543 32.95 5.65 -26.80
C GLY A 543 32.00 6.66 -26.22
N GLU A 544 30.78 6.79 -26.75
CA GLU A 544 29.84 7.81 -26.28
C GLU A 544 28.97 7.35 -25.11
N PHE A 545 29.05 6.08 -24.68
CA PHE A 545 28.29 5.62 -23.51
C PHE A 545 29.24 5.25 -22.39
N LYS A 546 28.91 5.64 -21.16
CA LYS A 546 29.64 5.22 -19.95
C LYS A 546 29.01 3.98 -19.36
N GLY A 547 27.68 3.88 -19.40
CA GLY A 547 27.02 2.76 -18.74
C GLY A 547 25.97 2.11 -19.60
N LEU A 548 25.80 0.80 -19.43
CA LEU A 548 24.70 0.07 -20.09
C LEU A 548 24.03 -0.82 -19.09
N PHE A 549 22.69 -0.85 -19.12
CA PHE A 549 21.88 -1.92 -18.49
C PHE A 549 21.57 -2.92 -19.58
N ALA A 550 22.08 -4.16 -19.47
CA ALA A 550 21.61 -5.31 -20.25
C ALA A 550 20.68 -6.08 -19.36
N TRP A 551 19.41 -5.66 -19.35
CA TRP A 551 18.42 -6.11 -18.37
C TRP A 551 17.59 -7.17 -19.05
N GLY A 552 17.93 -8.43 -18.91
CA GLY A 552 17.11 -9.51 -19.48
C GLY A 552 17.23 -9.60 -21.00
N MET A 553 18.40 -9.29 -21.55
CA MET A 553 18.75 -9.44 -22.98
C MET A 553 20.20 -9.90 -23.06
N ASN A 554 20.56 -10.44 -24.21
CA ASN A 554 21.90 -10.98 -24.49
C ASN A 554 22.37 -10.35 -25.79
N PRO A 555 22.63 -9.02 -25.81
CA PRO A 555 23.02 -8.35 -27.06
C PRO A 555 24.34 -8.82 -27.69
N ALA A 556 25.22 -9.43 -26.89
CA ALA A 556 26.44 -10.06 -27.46
C ALA A 556 26.07 -11.18 -28.43
N CYS A 557 24.86 -11.74 -28.37
CA CYS A 557 24.39 -12.77 -29.31
C CYS A 557 23.17 -12.31 -30.11
N GLY A 558 22.29 -11.49 -29.55
CA GLY A 558 20.99 -11.16 -30.20
C GLY A 558 21.04 -9.97 -31.10
N GLY A 559 22.06 -9.12 -30.95
CA GLY A 559 22.20 -7.92 -31.79
C GLY A 559 22.88 -8.20 -33.11
N ALA A 560 22.34 -7.67 -34.21
CA ALA A 560 22.97 -7.85 -35.52
C ALA A 560 24.38 -7.25 -35.47
N ASN A 561 25.32 -7.86 -36.18
CA ASN A 561 26.74 -7.46 -36.25
C ASN A 561 27.35 -7.56 -34.87
N ALA A 562 27.33 -8.77 -34.34
CA ALA A 562 27.66 -9.03 -32.92
C ALA A 562 29.15 -8.76 -32.65
N ASN A 563 30.03 -8.82 -33.64
CA ASN A 563 31.46 -8.48 -33.39
C ASN A 563 31.54 -7.02 -32.98
N LYS A 564 30.78 -6.15 -33.63
CA LYS A 564 30.79 -4.71 -33.27
C LYS A 564 30.31 -4.58 -31.83
N ASN A 565 29.25 -5.29 -31.49
CA ASN A 565 28.64 -5.17 -30.15
C ASN A 565 29.65 -5.60 -29.10
N ARG A 566 30.30 -6.75 -29.31
CA ARG A 566 31.23 -7.32 -28.31
C ARG A 566 32.42 -6.36 -28.11
N LYS A 567 32.87 -5.75 -29.18
CA LYS A 567 34.00 -4.78 -29.10
C LYS A 567 33.49 -3.50 -28.42
N ALA A 568 32.29 -3.04 -28.77
CA ALA A 568 31.75 -1.77 -28.26
C ALA A 568 31.52 -1.85 -26.77
N MET A 569 31.12 -3.00 -26.24
CA MET A 569 30.86 -3.12 -24.78
C MET A 569 32.15 -2.90 -23.99
N GLY A 570 33.31 -3.20 -24.58
CA GLY A 570 34.59 -2.92 -23.88
C GLY A 570 34.88 -1.45 -23.79
N LYS A 571 34.11 -0.55 -24.41
CA LYS A 571 34.29 0.90 -24.30
C LYS A 571 33.38 1.48 -23.22
N LEU A 572 32.52 0.66 -22.60
CA LEU A 572 31.73 1.09 -21.42
C LEU A 572 32.64 1.20 -20.20
N GLU A 573 32.33 2.10 -19.26
CA GLU A 573 32.92 2.09 -17.91
C GLU A 573 32.25 0.98 -17.08
N TRP A 574 30.93 0.84 -17.22
CA TRP A 574 30.20 -0.14 -16.40
C TRP A 574 29.05 -0.77 -17.19
N LEU A 575 28.76 -2.01 -16.82
CA LEU A 575 27.69 -2.82 -17.43
C LEU A 575 26.95 -3.46 -16.27
N VAL A 576 25.61 -3.30 -16.25
CA VAL A 576 24.76 -4.05 -15.29
C VAL A 576 23.98 -5.08 -16.09
N ASN A 577 24.19 -6.35 -15.78
CA ASN A 577 23.53 -7.44 -16.52
C ASN A 577 22.59 -8.11 -15.52
N VAL A 578 21.29 -8.16 -15.81
CA VAL A 578 20.30 -8.82 -14.92
C VAL A 578 19.82 -10.03 -15.71
N ASN A 579 20.08 -11.24 -15.21
CA ASN A 579 19.67 -12.39 -16.01
C ASN A 579 19.72 -13.66 -15.15
N LEU A 580 19.29 -14.76 -15.72
CA LEU A 580 19.11 -16.03 -15.00
C LEU A 580 20.44 -16.76 -14.88
N PHE A 581 21.33 -16.62 -15.87
CA PHE A 581 22.59 -17.39 -15.94
C PHE A 581 23.72 -16.43 -16.33
N GLU A 582 24.96 -16.75 -15.99
CA GLU A 582 26.13 -16.15 -16.66
C GLU A 582 26.01 -16.37 -18.17
N ASN A 583 26.47 -15.44 -18.96
CA ASN A 583 26.18 -15.46 -20.40
C ASN A 583 27.21 -14.65 -21.22
N GLU A 584 27.01 -14.63 -22.52
CA GLU A 584 27.95 -13.98 -23.46
C GLU A 584 27.99 -12.46 -23.26
N THR A 585 26.93 -11.87 -22.73
CA THR A 585 26.92 -10.43 -22.46
C THR A 585 27.60 -10.18 -21.10
N SER A 586 27.18 -10.82 -20.02
CA SER A 586 27.80 -10.64 -18.69
C SER A 586 29.31 -10.80 -18.84
N SER A 587 29.73 -11.75 -19.67
CA SER A 587 31.13 -12.22 -19.72
C SER A 587 31.77 -11.92 -21.07
N PHE A 588 31.34 -10.86 -21.75
CA PHE A 588 31.83 -10.50 -23.09
C PHE A 588 33.37 -10.30 -23.01
N TRP A 589 33.89 -9.84 -21.86
CA TRP A 589 35.32 -9.54 -21.63
C TRP A 589 36.17 -10.80 -21.63
N LYS A 590 35.60 -12.01 -21.58
CA LYS A 590 36.41 -13.24 -21.75
C LYS A 590 35.88 -14.04 -22.94
N GLY A 591 35.23 -13.37 -23.90
CA GLY A 591 34.70 -14.02 -25.10
C GLY A 591 35.81 -14.28 -26.10
N PRO A 592 35.44 -14.74 -27.29
CA PRO A 592 36.40 -15.02 -28.36
C PRO A 592 37.28 -13.84 -28.73
N GLY A 593 38.60 -14.07 -28.69
CA GLY A 593 39.54 -13.04 -29.13
C GLY A 593 39.75 -11.95 -28.09
N MET A 594 39.06 -11.95 -26.95
CA MET A 594 39.10 -10.85 -25.98
C MET A 594 40.19 -11.13 -24.96
N ASN A 595 40.87 -10.07 -24.53
CA ASN A 595 41.90 -10.14 -23.48
C ASN A 595 41.36 -9.41 -22.26
N PRO A 596 40.91 -10.13 -21.21
CA PRO A 596 40.32 -9.49 -20.03
C PRO A 596 41.23 -8.40 -19.46
N ALA A 597 42.55 -8.64 -19.52
CA ALA A 597 43.52 -7.69 -18.92
C ALA A 597 43.54 -6.37 -19.66
N GLU A 598 42.97 -6.25 -20.86
CA GLU A 598 42.93 -4.97 -21.61
C GLU A 598 41.55 -4.32 -21.52
N ILE A 599 40.56 -4.97 -20.88
CA ILE A 599 39.16 -4.50 -20.96
C ILE A 599 38.80 -3.94 -19.60
N GLY A 600 38.54 -2.62 -19.56
CA GLY A 600 38.33 -1.89 -18.30
C GLY A 600 36.91 -1.92 -17.81
N THR A 601 35.98 -2.55 -18.53
CA THR A 601 34.55 -2.46 -18.15
C THR A 601 34.30 -3.16 -16.81
N GLU A 602 33.71 -2.46 -15.87
CA GLU A 602 33.26 -3.06 -14.61
C GLU A 602 31.91 -3.73 -14.88
N VAL A 603 31.71 -4.94 -14.40
CA VAL A 603 30.45 -5.66 -14.69
C VAL A 603 29.83 -6.10 -13.38
N PHE A 604 28.54 -5.83 -13.25
CA PHE A 604 27.70 -6.37 -12.17
C PHE A 604 26.74 -7.38 -12.79
N PHE A 605 26.78 -8.61 -12.32
CA PHE A 605 25.81 -9.65 -12.71
C PHE A 605 24.83 -9.87 -11.57
N LEU A 606 23.55 -9.62 -11.82
CA LEU A 606 22.51 -9.68 -10.79
C LEU A 606 21.54 -10.79 -11.22
N PRO A 607 21.43 -11.89 -10.46
CA PRO A 607 20.61 -13.02 -10.89
C PRO A 607 19.17 -12.78 -10.48
N CYS A 608 18.29 -12.92 -11.45
CA CYS A 608 16.85 -12.76 -11.25
C CYS A 608 16.19 -14.12 -11.11
N CYS A 609 14.92 -14.07 -10.75
N CYS A 609 14.93 -14.11 -10.73
CA CYS A 609 13.99 -15.23 -10.62
CA CYS A 609 14.17 -15.37 -10.55
C CYS A 609 13.49 -15.71 -11.97
C CYS A 609 13.36 -15.69 -11.81
N VAL A 610 13.11 -16.98 -12.03
CA VAL A 610 12.35 -17.49 -13.20
C VAL A 610 10.86 -17.19 -13.02
N SER A 611 10.12 -17.35 -14.10
CA SER A 611 8.71 -16.93 -14.15
C SER A 611 7.90 -17.61 -13.04
N ILE A 612 8.15 -18.90 -12.77
CA ILE A 612 7.31 -19.66 -11.80
C ILE A 612 7.63 -19.27 -10.36
N GLU A 613 8.64 -18.42 -10.15
CA GLU A 613 9.02 -17.92 -8.81
C GLU A 613 8.44 -16.54 -8.53
N LYS A 614 7.61 -16.01 -9.41
CA LYS A 614 6.98 -14.74 -9.07
C LYS A 614 5.58 -14.63 -9.64
N GLU A 615 4.93 -13.56 -9.21
CA GLU A 615 3.54 -13.23 -9.57
C GLU A 615 3.57 -12.00 -10.47
N GLY A 616 2.53 -11.88 -11.28
CA GLY A 616 2.41 -10.74 -12.18
C GLY A 616 1.72 -11.16 -13.45
N SER A 617 1.70 -10.28 -14.43
CA SER A 617 0.97 -10.50 -15.71
C SER A 617 1.90 -10.47 -16.90
N VAL A 618 1.52 -11.21 -17.93
CA VAL A 618 2.17 -11.15 -19.26
C VAL A 618 1.06 -11.00 -20.29
N ALA A 619 1.31 -10.14 -21.26
CA ALA A 619 0.35 -9.85 -22.33
C ALA A 619 0.76 -10.64 -23.58
N ASN A 620 -0.10 -11.58 -24.01
CA ASN A 620 0.24 -12.47 -25.14
C ASN A 620 -0.03 -11.77 -26.48
N SER A 621 0.19 -12.46 -27.59
CA SER A 621 0.12 -11.83 -28.92
C SER A 621 -1.29 -11.30 -29.24
N GLY A 622 -2.32 -11.94 -28.69
CA GLY A 622 -3.71 -11.44 -28.85
C GLY A 622 -4.09 -10.40 -27.84
N ARG A 623 -3.12 -9.83 -27.11
CA ARG A 623 -3.29 -8.75 -26.12
C ARG A 623 -3.99 -9.31 -24.87
N TRP A 624 -4.05 -10.62 -24.67
CA TRP A 624 -4.60 -11.21 -23.44
C TRP A 624 -3.59 -11.04 -22.30
N MET A 625 -3.97 -10.26 -21.30
CA MET A 625 -3.14 -9.93 -20.14
C MET A 625 -3.47 -10.95 -19.07
N GLN A 626 -2.59 -11.91 -18.86
CA GLN A 626 -2.87 -13.09 -18.02
C GLN A 626 -2.06 -13.02 -16.73
N TRP A 627 -2.75 -13.17 -15.61
CA TRP A 627 -2.12 -13.17 -14.27
C TRP A 627 -1.58 -14.54 -13.93
N ARG A 628 -0.38 -14.55 -13.35
CA ARG A 628 0.22 -15.82 -12.91
C ARG A 628 0.79 -15.70 -11.49
N TYR A 629 0.96 -16.85 -10.86
CA TYR A 629 1.23 -16.94 -9.41
C TYR A 629 2.59 -17.56 -9.16
N ARG A 630 3.13 -17.29 -7.97
CA ARG A 630 4.38 -17.93 -7.53
C ARG A 630 4.10 -19.40 -7.19
N GLY A 631 4.98 -20.29 -7.59
CA GLY A 631 5.03 -21.67 -7.08
C GLY A 631 6.12 -21.77 -6.04
N PRO A 632 7.36 -22.15 -6.39
CA PRO A 632 8.46 -22.10 -5.44
C PRO A 632 8.88 -20.66 -5.14
N LYS A 633 9.49 -20.47 -3.98
CA LYS A 633 10.22 -19.24 -3.66
C LYS A 633 11.39 -19.07 -4.61
N PRO A 634 11.90 -17.83 -4.75
CA PRO A 634 13.09 -17.60 -5.54
C PRO A 634 14.20 -18.54 -5.16
N TYR A 635 14.84 -19.09 -6.17
CA TYR A 635 16.01 -19.97 -6.02
C TYR A 635 17.18 -19.23 -5.36
N ALA A 636 17.85 -19.88 -4.43
CA ALA A 636 19.07 -19.32 -3.82
C ALA A 636 18.84 -17.87 -3.42
N GLU A 637 19.71 -16.93 -3.83
CA GLU A 637 19.58 -15.51 -3.42
C GLU A 637 19.09 -14.71 -4.63
N THR A 638 18.42 -15.36 -5.57
CA THR A 638 17.85 -14.63 -6.74
C THR A 638 16.68 -13.77 -6.31
N LYS A 639 16.36 -12.79 -7.13
CA LYS A 639 15.30 -11.83 -6.82
C LYS A 639 14.47 -11.61 -8.06
N PRO A 640 13.18 -11.29 -7.89
CA PRO A 640 12.38 -10.86 -9.02
C PRO A 640 12.89 -9.50 -9.50
N ASP A 641 12.76 -9.27 -10.79
CA ASP A 641 13.25 -7.97 -11.36
C ASP A 641 12.65 -6.77 -10.62
N GLY A 642 11.38 -6.84 -10.26
CA GLY A 642 10.72 -5.71 -9.57
C GLY A 642 11.48 -5.29 -8.31
N ASP A 643 11.93 -6.25 -7.51
CA ASP A 643 12.71 -5.94 -6.30
C ASP A 643 14.08 -5.40 -6.70
N ILE A 644 14.73 -6.01 -7.69
CA ILE A 644 16.09 -5.53 -8.07
C ILE A 644 16.00 -4.05 -8.44
N MET A 645 15.10 -3.70 -9.34
CA MET A 645 15.07 -2.32 -9.87
C MET A 645 14.56 -1.35 -8.78
N LEU A 646 13.65 -1.78 -7.94
CA LEU A 646 13.13 -0.88 -6.88
C LEU A 646 14.25 -0.66 -5.86
N ASP A 647 14.93 -1.72 -5.45
CA ASP A 647 16.02 -1.58 -4.45
C ASP A 647 17.09 -0.67 -5.05
N MET A 648 17.43 -0.84 -6.31
CA MET A 648 18.51 -0.05 -6.94
C MET A 648 18.07 1.42 -6.94
N PHE A 649 16.84 1.67 -7.35
CA PHE A 649 16.36 3.06 -7.47
C PHE A 649 16.34 3.73 -6.07
N LYS A 650 15.88 3.01 -5.06
CA LYS A 650 15.85 3.55 -3.68
C LYS A 650 17.28 3.89 -3.28
N LYS A 651 18.28 3.08 -3.65
CA LYS A 651 19.68 3.41 -3.31
C LYS A 651 20.12 4.69 -4.05
N VAL A 652 19.66 4.89 -5.30
CA VAL A 652 19.99 6.14 -6.00
C VAL A 652 19.35 7.33 -5.26
N ARG A 653 18.10 7.20 -4.88
CA ARG A 653 17.37 8.29 -4.18
C ARG A 653 18.10 8.62 -2.89
N GLU A 654 18.52 7.61 -2.13
CA GLU A 654 19.25 7.81 -0.85
C GLU A 654 20.59 8.51 -1.14
N LEU A 655 21.25 8.21 -2.25
CA LEU A 655 22.57 8.81 -2.52
C LEU A 655 22.39 10.27 -2.89
N TYR A 656 21.34 10.64 -3.59
CA TYR A 656 21.04 12.04 -3.89
C TYR A 656 20.80 12.77 -2.57
N ALA A 657 20.07 12.17 -1.64
CA ALA A 657 19.80 12.82 -0.35
C ALA A 657 21.14 13.10 0.34
N LYS A 658 22.11 12.21 0.20
CA LYS A 658 23.42 12.37 0.85
C LYS A 658 24.24 13.48 0.18
N GLU A 659 24.21 13.57 -1.15
CA GLU A 659 25.21 14.38 -1.90
C GLU A 659 24.61 15.58 -2.60
N GLY A 660 23.33 15.59 -2.90
CA GLY A 660 22.78 16.48 -3.94
C GLY A 660 23.24 15.99 -5.29
N GLY A 661 23.08 16.79 -6.34
CA GLY A 661 23.57 16.43 -7.68
C GLY A 661 22.79 17.12 -8.78
N ALA A 662 22.86 16.57 -9.98
CA ALA A 662 22.18 17.13 -11.15
C ALA A 662 20.66 17.00 -10.95
N TYR A 663 19.92 18.06 -11.26
CA TYR A 663 18.43 18.13 -11.23
C TYR A 663 17.78 16.91 -10.59
N PRO A 664 17.76 16.83 -9.25
CA PRO A 664 17.26 15.62 -8.58
C PRO A 664 15.75 15.44 -8.57
N ALA A 665 14.98 16.49 -8.84
CA ALA A 665 13.52 16.44 -8.64
C ALA A 665 12.89 15.19 -9.28
N PRO A 666 13.17 14.84 -10.56
CA PRO A 666 12.41 13.75 -11.19
C PRO A 666 12.61 12.41 -10.45
N ILE A 667 13.77 12.31 -9.83
CA ILE A 667 14.17 11.08 -9.07
C ILE A 667 13.50 11.14 -7.71
N ALA A 668 13.70 12.25 -7.03
CA ALA A 668 13.23 12.39 -5.63
C ALA A 668 11.69 12.34 -5.56
N LYS A 669 10.96 12.85 -6.55
CA LYS A 669 9.48 13.01 -6.48
C LYS A 669 8.73 11.80 -7.02
N LEU A 670 9.40 10.92 -7.77
CA LEU A 670 8.70 9.79 -8.41
C LEU A 670 7.88 9.06 -7.36
N ASN A 671 6.62 8.76 -7.69
CA ASN A 671 5.68 8.04 -6.81
C ASN A 671 6.09 6.57 -6.78
N ILE A 672 6.88 6.15 -5.82
CA ILE A 672 7.22 4.70 -5.68
C ILE A 672 6.53 4.13 -4.44
N ALA A 673 5.81 4.96 -3.65
CA ALA A 673 5.06 4.41 -2.51
C ALA A 673 4.04 3.39 -3.03
N ASP A 674 3.43 3.69 -4.17
CA ASP A 674 2.37 2.81 -4.71
C ASP A 674 2.95 1.51 -5.30
N TRP A 675 4.26 1.32 -5.31
CA TRP A 675 4.85 0.12 -5.97
C TRP A 675 5.21 -0.95 -4.95
N GLU A 676 5.08 -0.66 -3.66
CA GLU A 676 5.61 -1.63 -2.68
C GLU A 676 4.60 -1.95 -1.58
N GLU A 677 4.75 -3.12 -1.03
CA GLU A 677 3.95 -3.59 0.12
C GLU A 677 4.83 -4.56 0.89
N HIS A 678 4.81 -4.48 2.21
CA HIS A 678 5.67 -5.30 3.11
C HIS A 678 7.14 -5.20 2.68
N ASN A 679 7.56 -3.99 2.30
CA ASN A 679 8.92 -3.59 1.87
C ASN A 679 9.40 -4.37 0.63
N GLU A 680 8.51 -4.89 -0.19
CA GLU A 680 8.88 -5.51 -1.48
C GLU A 680 8.03 -4.95 -2.60
N PHE A 681 8.51 -5.09 -3.83
CA PHE A 681 7.76 -4.75 -5.05
C PHE A 681 6.43 -5.50 -5.01
N SER A 682 5.36 -4.78 -5.32
CA SER A 682 3.99 -5.31 -5.29
C SER A 682 3.41 -5.34 -6.69
N PRO A 683 3.40 -6.51 -7.36
CA PRO A 683 2.73 -6.65 -8.65
C PRO A 683 1.30 -6.15 -8.61
N THR A 684 0.58 -6.51 -7.55
CA THR A 684 -0.85 -6.14 -7.45
C THR A 684 -0.99 -4.62 -7.39
N LYS A 685 -0.26 -3.94 -6.52
CA LYS A 685 -0.40 -2.46 -6.41
C LYS A 685 0.05 -1.78 -7.70
N VAL A 686 1.10 -2.28 -8.32
CA VAL A 686 1.57 -1.65 -9.57
C VAL A 686 0.51 -1.87 -10.65
N ALA A 687 -0.08 -3.05 -10.74
CA ALA A 687 -1.14 -3.30 -11.73
C ALA A 687 -2.32 -2.37 -11.48
N LYS A 688 -2.69 -2.14 -10.24
CA LYS A 688 -3.83 -1.22 -9.97
C LYS A 688 -3.47 0.19 -10.37
N LEU A 689 -2.21 0.63 -10.18
CA LEU A 689 -1.77 1.98 -10.59
C LEU A 689 -1.74 2.08 -12.12
N MET A 690 -1.33 1.01 -12.82
CA MET A 690 -1.33 1.02 -14.29
C MET A 690 -2.77 1.20 -14.79
N ASN A 691 -3.72 0.44 -14.23
CA ASN A 691 -5.16 0.65 -14.55
C ASN A 691 -5.52 2.11 -14.21
N GLY A 692 -5.18 2.55 -13.00
CA GLY A 692 -5.40 3.91 -12.54
C GLY A 692 -6.46 3.99 -11.45
N TYR A 693 -6.43 5.09 -10.73
CA TYR A 693 -7.46 5.36 -9.72
C TYR A 693 -7.69 6.86 -9.63
N PHE A 694 -8.79 7.21 -8.99
CA PHE A 694 -9.18 8.62 -8.76
C PHE A 694 -8.38 9.18 -7.59
N LEU A 695 -7.67 10.29 -7.79
CA LEU A 695 -6.87 10.97 -6.74
C LEU A 695 -7.78 11.90 -5.90
N LYS A 696 -8.95 12.20 -6.44
CA LYS A 696 -9.99 13.03 -5.77
C LYS A 696 -11.37 12.59 -6.24
N ASP A 697 -12.39 12.93 -5.47
CA ASP A 697 -13.79 12.75 -5.90
C ASP A 697 -13.96 13.47 -7.23
N THR A 698 -14.57 12.81 -8.20
CA THR A 698 -14.67 13.30 -9.59
C THR A 698 -16.01 12.88 -10.16
N GLU A 699 -16.60 13.75 -10.97
CA GLU A 699 -17.71 13.42 -11.90
C GLU A 699 -17.15 13.32 -13.33
N VAL A 700 -17.35 12.19 -13.98
CA VAL A 700 -16.88 11.95 -15.38
C VAL A 700 -17.94 11.09 -16.06
N GLY A 701 -18.29 11.40 -17.31
CA GLY A 701 -19.34 10.69 -18.06
C GLY A 701 -20.62 10.69 -17.25
N GLY A 702 -20.94 11.80 -16.60
CA GLY A 702 -22.09 11.95 -15.69
C GLY A 702 -22.19 10.83 -14.66
N LYS A 703 -21.08 10.19 -14.28
CA LYS A 703 -21.04 9.25 -13.14
C LYS A 703 -20.19 9.87 -12.04
N GLN A 704 -20.52 9.56 -10.79
CA GLN A 704 -19.81 10.09 -9.60
C GLN A 704 -18.79 9.04 -9.15
N PHE A 705 -17.53 9.44 -8.99
CA PHE A 705 -16.46 8.55 -8.46
C PHE A 705 -15.85 9.16 -7.21
N LYS A 706 -15.37 8.29 -6.34
CA LYS A 706 -14.75 8.66 -5.05
C LYS A 706 -13.24 8.49 -5.12
N LYS A 707 -12.52 9.35 -4.40
CA LYS A 707 -11.07 9.24 -4.17
C LYS A 707 -10.73 7.80 -3.78
N GLY A 708 -9.79 7.19 -4.50
CA GLY A 708 -9.29 5.85 -4.20
C GLY A 708 -9.96 4.75 -5.01
N GLN A 709 -11.05 5.05 -5.74
CA GLN A 709 -11.74 4.01 -6.56
C GLN A 709 -10.87 3.76 -7.80
N GLN A 710 -10.86 2.53 -8.27
CA GLN A 710 -10.18 2.23 -9.57
C GLN A 710 -10.95 2.91 -10.70
N VAL A 711 -10.24 3.32 -11.73
CA VAL A 711 -10.86 3.85 -12.97
C VAL A 711 -11.44 2.66 -13.71
N PRO A 712 -12.75 2.66 -14.07
CA PRO A 712 -13.36 1.49 -14.67
C PRO A 712 -12.96 1.22 -16.12
N SER A 713 -12.49 2.23 -16.83
CA SER A 713 -12.05 2.12 -18.23
C SER A 713 -11.43 3.43 -18.66
N PHE A 714 -10.72 3.47 -19.76
CA PHE A 714 -10.04 4.70 -20.20
C PHE A 714 -11.05 5.79 -20.60
N ALA A 715 -12.30 5.41 -20.82
CA ALA A 715 -13.41 6.36 -21.13
C ALA A 715 -13.55 7.32 -19.95
N PHE A 716 -13.15 6.92 -18.73
CA PHE A 716 -13.37 7.77 -17.54
C PHE A 716 -12.09 8.45 -17.07
N LEU A 717 -11.00 8.44 -17.84
CA LEU A 717 -9.82 9.26 -17.52
C LEU A 717 -10.06 10.72 -17.85
N THR A 718 -9.38 11.59 -17.14
CA THR A 718 -9.55 13.05 -17.30
C THR A 718 -8.22 13.71 -17.58
N ALA A 719 -8.25 14.92 -18.10
CA ALA A 719 -7.05 15.70 -18.39
C ALA A 719 -6.73 16.67 -17.26
N ASP A 720 -7.56 16.75 -16.22
CA ASP A 720 -7.42 17.87 -15.26
C ASP A 720 -6.71 17.41 -13.98
N GLY A 721 -6.10 16.22 -13.92
CA GLY A 721 -5.34 15.78 -12.73
C GLY A 721 -6.18 15.01 -11.73
N SER A 722 -7.48 14.82 -11.99
CA SER A 722 -8.38 14.01 -11.13
C SER A 722 -7.99 12.54 -11.12
N THR A 723 -7.52 12.02 -12.25
CA THR A 723 -7.25 10.57 -12.43
C THR A 723 -5.75 10.36 -12.62
N CYS A 724 -5.27 9.25 -12.08
CA CYS A 724 -3.98 8.68 -12.51
C CYS A 724 -4.27 7.39 -13.25
N SER A 725 -3.37 7.05 -14.15
CA SER A 725 -3.35 5.77 -14.89
C SER A 725 -1.96 5.63 -15.49
N GLY A 726 -1.16 4.67 -14.99
CA GLY A 726 0.18 4.40 -15.55
C GLY A 726 0.13 4.10 -17.03
N ASN A 727 -0.98 3.54 -17.52
CA ASN A 727 -1.08 3.15 -18.93
C ASN A 727 -2.54 3.08 -19.33
N TRP A 728 -2.98 4.03 -20.15
CA TRP A 728 -4.42 4.13 -20.46
C TRP A 728 -4.95 2.82 -21.04
N LEU A 729 -4.12 2.04 -21.76
CA LEU A 729 -4.58 0.74 -22.30
C LEU A 729 -4.95 -0.22 -21.20
N HIS A 730 -4.42 -0.03 -19.99
CA HIS A 730 -4.67 -0.88 -18.81
C HIS A 730 -5.94 -0.43 -18.06
N ALA A 731 -6.48 0.73 -18.40
CA ALA A 731 -7.69 1.22 -17.68
C ALA A 731 -8.86 0.34 -18.11
N GLY A 732 -9.37 -0.44 -17.17
CA GLY A 732 -10.30 -1.53 -17.42
C GLY A 732 -9.77 -2.90 -17.05
N SER A 733 -8.47 -3.08 -16.82
CA SER A 733 -7.87 -4.39 -16.47
C SER A 733 -8.01 -4.76 -14.99
N PHE A 734 -8.14 -3.77 -14.11
CA PHE A 734 -8.11 -4.00 -12.65
C PHE A 734 -8.99 -2.94 -12.02
N THR A 735 -10.27 -3.26 -11.92
CA THR A 735 -11.31 -2.28 -11.59
C THR A 735 -11.70 -2.52 -10.12
N ASP A 736 -12.76 -1.86 -9.68
CA ASP A 736 -13.30 -2.13 -8.33
C ASP A 736 -13.85 -3.56 -8.27
N ALA A 737 -14.19 -4.17 -9.40
CA ALA A 737 -14.64 -5.57 -9.47
C ALA A 737 -13.49 -6.54 -9.19
N GLY A 738 -12.24 -6.08 -9.32
CA GLY A 738 -11.05 -6.90 -9.03
C GLY A 738 -10.12 -7.00 -10.23
N ASN A 739 -9.27 -8.00 -10.15
CA ASN A 739 -8.19 -8.22 -11.15
C ASN A 739 -8.76 -8.98 -12.35
N LEU A 740 -9.18 -8.31 -13.42
CA LEU A 740 -9.80 -9.03 -14.55
C LEU A 740 -8.77 -9.88 -15.32
N MET A 741 -7.48 -9.56 -15.18
CA MET A 741 -6.39 -10.41 -15.76
C MET A 741 -6.37 -11.80 -15.13
N ALA A 742 -6.89 -11.94 -13.89
CA ALA A 742 -6.88 -13.19 -13.09
C ALA A 742 -8.16 -13.98 -13.38
N ARG A 743 -9.08 -13.47 -14.19
CA ARG A 743 -10.28 -14.28 -14.55
C ARG A 743 -9.88 -15.58 -15.25
N ARG A 744 -10.44 -16.71 -14.85
CA ARG A 744 -10.27 -18.02 -15.51
C ARG A 744 -11.66 -18.59 -15.80
N ASP A 745 -12.54 -17.79 -16.40
CA ASP A 745 -13.95 -18.19 -16.64
C ASP A 745 -14.13 -18.47 -18.13
N LYS A 746 -14.49 -19.70 -18.50
CA LYS A 746 -14.66 -20.05 -19.92
C LYS A 746 -16.14 -19.93 -20.31
N THR A 747 -16.95 -19.32 -19.46
CA THR A 747 -18.34 -18.97 -19.82
C THR A 747 -18.35 -18.07 -21.06
N GLN A 748 -19.26 -18.36 -21.97
CA GLN A 748 -19.43 -17.61 -23.25
C GLN A 748 -20.92 -17.70 -23.63
N THR A 749 -21.44 -16.60 -24.20
CA THR A 749 -22.75 -16.57 -24.90
C THR A 749 -22.66 -17.49 -26.10
N PRO A 750 -23.77 -17.97 -26.70
CA PRO A 750 -23.71 -18.73 -27.94
C PRO A 750 -22.94 -18.07 -29.09
N GLU A 751 -23.10 -16.77 -29.26
CA GLU A 751 -22.42 -16.00 -30.33
C GLU A 751 -20.91 -15.97 -30.07
N GLN A 752 -20.49 -15.79 -28.83
CA GLN A 752 -19.06 -15.79 -28.41
C GLN A 752 -18.47 -17.19 -28.63
N ALA A 753 -19.18 -18.27 -28.24
CA ALA A 753 -18.60 -19.64 -28.29
C ALA A 753 -18.46 -20.09 -29.74
N ARG A 754 -19.31 -19.59 -30.63
CA ARG A 754 -19.29 -19.94 -32.06
C ARG A 754 -17.93 -19.58 -32.66
N ILE A 755 -17.26 -18.55 -32.15
CA ILE A 755 -15.96 -18.09 -32.70
C ILE A 755 -14.83 -18.11 -31.67
N GLY A 756 -15.08 -18.45 -30.41
CA GLY A 756 -14.01 -18.65 -29.40
C GLY A 756 -13.43 -17.35 -28.88
N LEU A 757 -14.25 -16.37 -28.52
CA LEU A 757 -13.74 -15.10 -27.93
C LEU A 757 -13.23 -15.28 -26.49
N PHE A 758 -13.86 -16.15 -25.70
CA PHE A 758 -13.57 -16.31 -24.24
C PHE A 758 -13.40 -14.98 -23.52
N PRO A 759 -14.41 -14.09 -23.58
CA PRO A 759 -14.26 -12.75 -23.02
C PRO A 759 -14.09 -12.73 -21.50
N ASN A 760 -14.44 -13.83 -20.84
CA ASN A 760 -14.35 -13.89 -19.37
C ASN A 760 -13.08 -14.64 -18.98
N TRP A 761 -12.22 -14.98 -19.95
CA TRP A 761 -10.86 -15.55 -19.66
C TRP A 761 -9.86 -14.40 -19.75
N SER A 762 -9.25 -14.04 -18.63
CA SER A 762 -8.30 -12.90 -18.51
C SER A 762 -8.95 -11.65 -19.10
N PHE A 763 -8.15 -10.70 -19.59
CA PHE A 763 -8.62 -9.38 -20.05
C PHE A 763 -7.69 -9.00 -21.18
N CYS A 764 -8.24 -8.46 -22.28
CA CYS A 764 -7.36 -7.90 -23.33
C CYS A 764 -7.60 -6.41 -23.45
N TRP A 765 -6.54 -5.65 -23.70
CA TRP A 765 -6.73 -4.25 -24.12
C TRP A 765 -7.11 -4.28 -25.60
N PRO A 766 -7.87 -3.29 -26.12
CA PRO A 766 -8.52 -2.23 -25.36
C PRO A 766 -9.92 -2.67 -24.91
N VAL A 767 -10.22 -2.46 -23.63
CA VAL A 767 -11.53 -2.74 -22.96
C VAL A 767 -12.12 -4.06 -23.47
N ASN A 768 -11.30 -5.10 -23.54
CA ASN A 768 -11.76 -6.49 -23.80
C ASN A 768 -12.31 -6.68 -25.22
N ARG A 769 -11.90 -5.83 -26.16
CA ARG A 769 -12.16 -6.05 -27.60
C ARG A 769 -11.19 -7.08 -28.15
N ARG A 770 -11.67 -8.30 -28.32
CA ARG A 770 -10.81 -9.44 -28.64
C ARG A 770 -10.39 -9.37 -30.12
N ILE A 771 -11.30 -8.90 -30.99
CA ILE A 771 -11.00 -8.74 -32.45
C ILE A 771 -11.05 -7.26 -32.77
N LEU A 772 -9.91 -6.68 -33.06
CA LEU A 772 -9.83 -5.25 -33.41
C LEU A 772 -10.62 -4.98 -34.70
N TYR A 773 -11.16 -3.77 -34.80
CA TYR A 773 -11.72 -3.21 -36.05
C TYR A 773 -13.05 -3.93 -36.36
N ASN A 774 -13.69 -4.53 -35.37
CA ASN A 774 -14.85 -5.42 -35.62
C ASN A 774 -16.09 -4.63 -36.12
N ARG A 775 -16.11 -3.32 -36.14
CA ARG A 775 -17.23 -2.59 -36.83
C ARG A 775 -17.12 -2.84 -38.33
N ALA A 776 -15.95 -3.22 -38.85
CA ALA A 776 -15.77 -3.48 -40.28
C ALA A 776 -16.38 -4.82 -40.68
N SER A 777 -16.82 -5.64 -39.72
CA SER A 777 -17.33 -7.00 -39.91
C SER A 777 -18.84 -6.99 -40.19
N VAL A 778 -19.44 -5.82 -40.16
CA VAL A 778 -20.92 -5.67 -40.33
C VAL A 778 -21.20 -4.61 -41.39
N ASP A 779 -22.39 -4.70 -41.99
CA ASP A 779 -22.91 -3.68 -42.95
C ASP A 779 -23.44 -2.48 -42.19
N LYS A 780 -23.98 -1.52 -42.94
CA LYS A 780 -24.50 -0.24 -42.37
C LYS A 780 -25.69 -0.46 -41.42
N THR A 781 -26.36 -1.62 -41.46
CA THR A 781 -27.47 -1.98 -40.54
C THR A 781 -26.95 -2.75 -39.32
N GLY A 782 -25.68 -3.15 -39.31
CA GLY A 782 -25.15 -3.92 -38.17
C GLY A 782 -25.34 -5.42 -38.32
N LYS A 783 -25.58 -5.90 -39.53
CA LYS A 783 -25.66 -7.33 -39.88
C LYS A 783 -24.26 -7.77 -40.29
N PRO A 784 -23.79 -8.91 -39.76
CA PRO A 784 -22.50 -9.46 -40.16
C PRO A 784 -22.42 -9.80 -41.65
N TRP A 785 -21.28 -9.54 -42.25
CA TRP A 785 -20.95 -10.07 -43.60
C TRP A 785 -21.05 -11.59 -43.60
N ASN A 786 -20.66 -12.23 -42.50
CA ASN A 786 -20.55 -13.70 -42.37
C ASN A 786 -21.27 -14.12 -41.10
N PRO A 787 -22.62 -14.17 -41.11
CA PRO A 787 -23.42 -14.48 -39.92
C PRO A 787 -23.03 -15.75 -39.14
N ALA A 788 -22.56 -16.80 -39.83
CA ALA A 788 -22.18 -18.08 -39.20
C ALA A 788 -20.93 -17.87 -38.31
N LYS A 789 -20.20 -16.76 -38.53
CA LYS A 789 -18.97 -16.44 -37.75
C LYS A 789 -19.01 -14.98 -37.30
N ALA A 790 -20.18 -14.52 -36.87
CA ALA A 790 -20.37 -13.10 -36.50
C ALA A 790 -19.38 -12.77 -35.38
N VAL A 791 -18.78 -11.59 -35.49
CA VAL A 791 -17.96 -11.04 -34.38
C VAL A 791 -18.84 -10.17 -33.50
N ILE A 792 -19.52 -9.21 -34.12
CA ILE A 792 -20.54 -8.35 -33.46
C ILE A 792 -21.78 -8.41 -34.36
N GLU A 793 -22.89 -8.07 -33.78
CA GLU A 793 -24.18 -8.09 -34.53
C GLU A 793 -25.11 -7.18 -33.76
N TRP A 794 -25.80 -6.31 -34.49
CA TRP A 794 -26.80 -5.38 -33.92
C TRP A 794 -28.09 -6.17 -33.71
N LYS A 795 -28.43 -6.45 -32.45
CA LYS A 795 -29.63 -7.23 -32.09
C LYS A 795 -30.35 -6.49 -30.98
N ASP A 796 -31.65 -6.20 -31.18
CA ASP A 796 -32.53 -5.59 -30.16
C ASP A 796 -31.83 -4.36 -29.57
N GLY A 797 -31.33 -3.47 -30.43
CA GLY A 797 -30.79 -2.13 -30.10
C GLY A 797 -29.42 -2.15 -29.44
N LYS A 798 -28.66 -3.26 -29.51
CA LYS A 798 -27.32 -3.37 -28.86
C LYS A 798 -26.37 -4.17 -29.74
N TRP A 799 -25.07 -3.96 -29.58
CA TRP A 799 -24.04 -4.84 -30.18
C TRP A 799 -23.85 -6.09 -29.33
N VAL A 800 -24.07 -7.26 -29.91
CA VAL A 800 -23.85 -8.52 -29.18
C VAL A 800 -22.65 -9.22 -29.78
N GLY A 801 -21.89 -9.89 -28.93
CA GLY A 801 -20.79 -10.77 -29.32
C GLY A 801 -19.51 -10.27 -28.65
N ASP A 802 -18.58 -9.77 -29.46
CA ASP A 802 -17.34 -9.13 -28.94
C ASP A 802 -17.76 -7.79 -28.35
N VAL A 803 -16.91 -7.14 -27.56
CA VAL A 803 -17.05 -5.70 -27.25
C VAL A 803 -16.88 -4.94 -28.56
N VAL A 804 -17.80 -4.04 -28.90
CA VAL A 804 -17.69 -3.28 -30.17
C VAL A 804 -16.43 -2.40 -30.13
N ASP A 805 -15.69 -2.38 -31.24
CA ASP A 805 -14.48 -1.52 -31.34
C ASP A 805 -14.93 -0.13 -31.79
N GLY A 806 -15.45 0.67 -30.87
CA GLY A 806 -15.95 2.04 -31.11
C GLY A 806 -17.45 2.06 -30.98
N GLY A 807 -17.94 2.82 -30.02
CA GLY A 807 -19.38 2.94 -29.77
C GLY A 807 -20.04 3.70 -30.89
N GLY A 808 -21.29 3.36 -31.16
CA GLY A 808 -22.13 4.14 -32.08
C GLY A 808 -23.13 3.20 -32.74
N ASP A 809 -24.31 3.70 -33.06
CA ASP A 809 -25.28 2.85 -33.78
C ASP A 809 -24.71 2.45 -35.12
N PRO A 810 -25.26 1.38 -35.72
CA PRO A 810 -24.81 0.95 -37.03
C PRO A 810 -24.87 2.09 -38.08
N GLY A 811 -23.85 2.15 -38.93
CA GLY A 811 -23.76 3.10 -40.05
C GLY A 811 -23.39 4.50 -39.62
N THR A 812 -23.12 4.76 -38.34
CA THR A 812 -22.92 6.15 -37.87
C THR A 812 -21.45 6.56 -37.84
N LYS A 813 -20.52 5.62 -37.89
CA LYS A 813 -19.08 5.97 -37.71
C LYS A 813 -18.25 5.15 -38.68
N HIS A 814 -17.12 5.71 -39.11
CA HIS A 814 -16.11 4.96 -39.88
C HIS A 814 -15.52 3.92 -38.94
N PRO A 815 -15.20 2.70 -39.42
CA PRO A 815 -14.85 1.63 -38.50
C PRO A 815 -13.45 1.63 -37.88
N PHE A 816 -12.52 2.46 -38.35
CA PHE A 816 -11.12 2.43 -37.85
C PHE A 816 -10.92 3.65 -36.97
N ILE A 817 -11.34 3.51 -35.72
CA ILE A 817 -11.55 4.63 -34.79
C ILE A 817 -10.23 5.28 -34.35
N MET A 818 -9.08 4.57 -34.48
CA MET A 818 -7.80 5.16 -34.07
C MET A 818 -7.16 5.85 -35.26
N GLN A 819 -7.74 5.78 -36.47
CA GLN A 819 -7.23 6.53 -37.64
C GLN A 819 -7.77 7.95 -37.57
N THR A 820 -6.96 8.94 -37.95
CA THR A 820 -7.44 10.33 -38.01
C THR A 820 -8.70 10.41 -38.88
N HIS A 821 -8.68 9.78 -40.04
CA HIS A 821 -9.75 9.95 -41.07
C HIS A 821 -10.80 8.85 -40.93
N GLY A 822 -10.51 7.75 -40.23
CA GLY A 822 -11.50 6.69 -39.96
C GLY A 822 -11.43 5.47 -40.87
N PHE A 823 -10.53 5.41 -41.86
CA PHE A 823 -10.56 4.39 -42.93
C PHE A 823 -9.34 3.47 -42.86
N GLY A 824 -9.52 2.25 -43.33
CA GLY A 824 -8.42 1.34 -43.68
C GLY A 824 -7.58 1.94 -44.78
N ALA A 825 -6.29 2.16 -44.55
CA ALA A 825 -5.47 2.95 -45.51
C ALA A 825 -4.79 2.04 -46.54
N LEU A 826 -5.27 2.03 -47.79
CA LEU A 826 -4.56 1.37 -48.91
C LEU A 826 -3.33 2.21 -49.25
N TYR A 827 -3.52 3.50 -49.30
CA TYR A 827 -2.47 4.53 -49.50
C TYR A 827 -2.08 5.10 -48.14
N GLY A 828 -0.80 4.98 -47.74
CA GLY A 828 -0.38 5.30 -46.35
C GLY A 828 0.81 6.24 -46.32
N PRO A 829 0.57 7.56 -46.42
CA PRO A 829 1.65 8.52 -46.69
C PRO A 829 2.55 8.92 -45.51
N GLY A 830 2.40 8.27 -44.36
CA GLY A 830 3.27 8.55 -43.21
C GLY A 830 4.53 7.73 -43.19
N ARG A 831 4.69 6.78 -44.09
CA ARG A 831 5.86 5.86 -44.03
C ARG A 831 7.10 6.47 -44.71
N GLU A 832 8.28 6.13 -44.20
CA GLU A 832 9.53 6.85 -44.58
C GLU A 832 9.87 6.64 -46.06
N GLU A 833 9.51 5.52 -46.68
CA GLU A 833 9.89 5.26 -48.10
C GLU A 833 8.64 5.19 -48.99
N GLY A 834 7.51 5.68 -48.51
CA GLY A 834 6.42 6.01 -49.45
C GLY A 834 5.08 5.40 -49.08
N PRO A 835 4.01 5.89 -49.75
CA PRO A 835 2.65 5.50 -49.42
C PRO A 835 2.17 4.16 -49.99
N PHE A 836 2.94 3.55 -50.89
CA PHE A 836 2.71 2.19 -51.42
C PHE A 836 4.03 1.41 -51.28
N PRO A 837 3.97 0.13 -50.88
CA PRO A 837 5.13 -0.72 -50.99
C PRO A 837 5.69 -0.84 -52.41
N GLU A 838 7.00 -0.96 -52.47
CA GLU A 838 7.73 -1.09 -53.76
C GLU A 838 8.91 -2.02 -53.54
N HIS A 839 9.16 -2.91 -54.49
CA HIS A 839 10.28 -3.84 -54.34
C HIS A 839 11.59 -3.07 -54.36
N TYR A 840 12.40 -3.31 -53.33
CA TYR A 840 13.84 -3.01 -53.30
C TYR A 840 14.55 -4.27 -52.85
N GLU A 841 15.72 -4.51 -53.40
CA GLU A 841 16.60 -5.66 -53.02
C GLU A 841 17.11 -5.42 -51.61
N PRO A 842 17.43 -6.49 -50.88
CA PRO A 842 18.14 -6.37 -49.62
C PRO A 842 19.47 -5.62 -49.78
N LEU A 843 19.88 -4.95 -48.71
CA LEU A 843 21.06 -4.09 -48.73
C LEU A 843 22.31 -4.90 -49.10
N GLU A 844 22.37 -6.18 -48.72
CA GLU A 844 23.32 -7.16 -49.29
C GLU A 844 22.48 -8.15 -50.08
N CYS A 845 22.74 -8.23 -51.37
CA CYS A 845 21.84 -8.90 -52.33
C CYS A 845 22.64 -9.67 -53.37
N PRO A 846 22.01 -10.68 -53.99
CA PRO A 846 22.70 -11.48 -55.00
C PRO A 846 22.72 -10.91 -56.42
N VAL A 847 21.97 -9.84 -56.67
CA VAL A 847 21.78 -9.22 -58.01
C VAL A 847 21.92 -7.73 -57.81
N SER A 848 22.39 -7.00 -58.82
CA SER A 848 22.50 -5.53 -58.74
C SER A 848 21.55 -4.91 -59.79
N LYS A 849 20.56 -5.71 -60.18
CA LYS A 849 19.43 -5.35 -61.06
C LYS A 849 18.13 -5.50 -60.27
N ASN A 850 17.18 -4.64 -60.58
CA ASN A 850 15.82 -4.69 -60.02
C ASN A 850 14.93 -4.59 -61.24
N PRO A 851 14.13 -5.59 -61.59
CA PRO A 851 13.28 -5.47 -62.78
C PRO A 851 12.13 -4.49 -62.59
N PHE A 852 11.85 -4.10 -61.35
CA PHE A 852 10.69 -3.21 -61.09
C PHE A 852 11.00 -1.75 -61.40
N SER A 853 12.26 -1.38 -61.32
CA SER A 853 12.65 0.04 -61.49
C SER A 853 14.17 0.17 -61.52
N LYS A 854 14.66 1.34 -61.83
CA LYS A 854 16.11 1.64 -61.70
C LYS A 854 16.61 1.58 -60.25
N GLN A 855 15.72 1.79 -59.29
CA GLN A 855 16.10 1.94 -57.87
C GLN A 855 16.40 0.56 -57.27
N LEU A 856 17.65 0.28 -56.91
CA LEU A 856 18.00 -1.09 -56.44
C LEU A 856 17.58 -1.27 -54.98
N HIS A 857 18.02 -0.35 -54.14
CA HIS A 857 17.84 -0.43 -52.67
C HIS A 857 16.88 0.63 -52.20
N ASN A 858 16.30 0.38 -51.03
CA ASN A 858 15.42 1.33 -50.35
C ASN A 858 16.16 2.65 -50.25
N PRO A 859 15.65 3.71 -50.92
CA PRO A 859 16.43 4.94 -51.09
C PRO A 859 16.68 5.74 -49.82
N VAL A 860 16.06 5.34 -48.71
CA VAL A 860 16.23 6.04 -47.41
C VAL A 860 16.64 5.08 -46.30
N ALA A 861 17.11 3.90 -46.65
CA ALA A 861 17.42 2.81 -45.71
C ALA A 861 18.31 3.29 -44.56
N PHE A 862 18.07 2.69 -43.39
CA PHE A 862 19.02 2.88 -42.27
C PHE A 862 20.33 2.15 -42.59
N GLN A 863 21.43 2.90 -42.61
CA GLN A 863 22.77 2.35 -42.84
C GLN A 863 23.80 3.23 -42.15
N ILE A 864 24.92 2.64 -41.82
CA ILE A 864 26.04 3.35 -41.16
C ILE A 864 27.18 3.49 -42.17
N GLU A 865 27.56 4.73 -42.44
CA GLU A 865 28.65 5.02 -43.39
C GLU A 865 29.91 4.29 -42.93
N GLY A 866 30.58 3.62 -43.86
CA GLY A 866 31.84 2.92 -43.57
C GLY A 866 31.61 1.44 -43.45
N GLU A 867 30.36 1.00 -43.26
CA GLU A 867 30.10 -0.44 -43.10
C GLU A 867 29.95 -1.08 -44.48
N LYS A 868 30.74 -2.08 -44.76
CA LYS A 868 30.84 -2.66 -46.13
C LYS A 868 29.63 -3.56 -46.38
N LYS A 869 29.11 -3.55 -47.59
CA LYS A 869 27.93 -4.35 -48.00
C LYS A 869 28.30 -5.16 -49.24
N ALA A 870 27.99 -6.45 -49.25
CA ALA A 870 28.27 -7.36 -50.37
C ALA A 870 27.10 -7.28 -51.35
N VAL A 871 27.28 -6.53 -52.44
CA VAL A 871 26.24 -6.35 -53.48
C VAL A 871 26.71 -7.07 -54.75
N ALA A 872 26.16 -8.25 -55.01
CA ALA A 872 26.53 -9.11 -56.16
C ALA A 872 28.04 -9.31 -56.17
N ASP A 873 28.62 -9.53 -55.00
CA ASP A 873 30.07 -9.74 -54.82
C ASP A 873 30.31 -11.24 -54.98
N PRO A 874 31.06 -11.72 -55.99
CA PRO A 874 31.37 -13.15 -56.04
C PRO A 874 32.12 -13.72 -54.83
N ARG A 875 32.73 -12.91 -53.97
CA ARG A 875 33.35 -13.40 -52.71
C ARG A 875 32.27 -13.84 -51.71
N TYR A 876 31.07 -13.28 -51.80
CA TYR A 876 29.93 -13.62 -50.88
C TYR A 876 28.70 -13.90 -51.74
N PRO A 877 28.68 -15.03 -52.45
CA PRO A 877 27.73 -15.24 -53.54
C PRO A 877 26.37 -15.85 -53.15
N PHE A 878 26.24 -16.21 -51.87
CA PHE A 878 25.04 -16.94 -51.39
C PHE A 878 24.22 -16.05 -50.47
N ILE A 879 22.92 -16.20 -50.57
CA ILE A 879 21.96 -15.55 -49.65
C ILE A 879 22.14 -16.13 -48.26
N GLY A 880 22.33 -15.30 -47.26
CA GLY A 880 22.29 -15.75 -45.87
C GLY A 880 20.99 -15.33 -45.24
N THR A 881 20.45 -16.21 -44.40
CA THR A 881 19.30 -15.86 -43.57
C THR A 881 19.45 -16.61 -42.25
N THR A 882 18.74 -16.13 -41.23
CA THR A 882 18.81 -16.71 -39.88
C THR A 882 17.40 -16.93 -39.38
N TYR A 883 17.22 -17.97 -38.57
CA TYR A 883 15.88 -18.38 -38.09
C TYR A 883 16.03 -19.31 -36.90
N ARG A 884 14.91 -19.89 -36.48
CA ARG A 884 14.78 -20.59 -35.20
C ARG A 884 14.47 -22.07 -35.46
N VAL A 885 14.62 -22.85 -34.41
CA VAL A 885 14.11 -24.25 -34.32
C VAL A 885 13.21 -24.35 -33.11
N THR A 886 12.31 -25.32 -33.15
CA THR A 886 11.33 -25.50 -32.08
C THR A 886 11.96 -25.51 -30.70
N GLU A 887 13.09 -26.20 -30.55
CA GLU A 887 13.61 -26.60 -29.23
C GLU A 887 14.43 -25.52 -28.52
N HIS A 888 14.95 -24.51 -29.22
CA HIS A 888 15.71 -23.44 -28.54
C HIS A 888 14.93 -22.14 -28.52
N TRP A 889 15.39 -21.26 -27.61
CA TRP A 889 14.78 -19.96 -27.36
C TRP A 889 15.80 -18.85 -27.56
N GLN A 890 15.58 -17.99 -28.52
CA GLN A 890 16.27 -16.69 -28.61
C GLN A 890 17.75 -17.00 -28.83
N THR A 891 18.63 -16.33 -28.09
CA THR A 891 20.08 -16.55 -28.26
C THR A 891 20.48 -17.89 -27.64
N GLY A 892 19.53 -18.65 -27.11
CA GLY A 892 19.79 -19.91 -26.41
C GLY A 892 20.37 -19.70 -25.02
N LEU A 893 20.50 -18.46 -24.55
CA LEU A 893 20.97 -18.25 -23.16
C LEU A 893 20.19 -19.17 -22.22
N MET A 894 18.86 -19.26 -22.35
CA MET A 894 18.05 -20.10 -21.48
C MET A 894 18.16 -21.58 -21.86
N THR A 895 17.98 -21.91 -23.14
CA THR A 895 17.76 -23.32 -23.52
C THR A 895 19.10 -24.06 -23.71
N ARG A 896 20.22 -23.34 -23.92
CA ARG A 896 21.56 -23.98 -23.94
C ARG A 896 21.91 -24.47 -22.53
N ARG A 897 21.17 -24.05 -21.52
CA ARG A 897 21.35 -24.53 -20.14
C ARG A 897 20.45 -25.72 -19.82
N CYS A 898 19.53 -26.07 -20.72
CA CYS A 898 18.51 -27.10 -20.45
C CYS A 898 18.91 -28.37 -21.20
N ALA A 899 19.32 -29.39 -20.45
CA ALA A 899 19.92 -30.57 -21.11
C ALA A 899 18.97 -31.28 -22.08
N TRP A 900 17.66 -31.29 -21.84
CA TRP A 900 16.72 -31.99 -22.76
C TRP A 900 16.65 -31.27 -24.12
N LEU A 901 16.87 -29.95 -24.13
CA LEU A 901 16.76 -29.16 -25.35
C LEU A 901 18.10 -29.22 -26.10
N VAL A 902 19.21 -29.09 -25.39
CA VAL A 902 20.56 -29.31 -25.97
C VAL A 902 20.61 -30.71 -26.56
N GLU A 903 20.00 -31.70 -25.90
CA GLU A 903 20.07 -33.10 -26.40
C GLU A 903 19.51 -33.18 -27.84
N ALA A 904 18.38 -32.53 -28.05
CA ALA A 904 17.61 -32.51 -29.30
C ALA A 904 18.32 -31.69 -30.35
N GLU A 905 18.98 -30.61 -29.97
CA GLU A 905 19.60 -29.65 -30.94
C GLU A 905 20.91 -29.15 -30.34
N PRO A 906 21.94 -30.00 -30.36
CA PRO A 906 23.13 -29.71 -29.57
C PRO A 906 24.07 -28.67 -30.17
N GLN A 907 24.00 -28.39 -31.48
CA GLN A 907 25.05 -27.62 -32.16
C GLN A 907 24.46 -26.75 -33.23
N ILE A 908 25.17 -25.68 -33.50
CA ILE A 908 24.86 -24.81 -34.65
C ILE A 908 25.03 -25.64 -35.93
N PHE A 909 24.06 -25.48 -36.81
CA PHE A 909 23.99 -26.18 -38.10
C PHE A 909 23.91 -25.12 -39.19
N CYS A 910 24.13 -25.58 -40.41
CA CYS A 910 24.05 -24.76 -41.63
C CYS A 910 23.19 -25.56 -42.63
N GLU A 911 22.00 -25.08 -42.96
CA GLU A 911 21.10 -25.74 -43.94
C GLU A 911 21.38 -25.23 -45.35
N ILE A 912 21.68 -26.18 -46.23
CA ILE A 912 21.99 -25.91 -47.64
C ILE A 912 21.30 -26.97 -48.52
N SER A 913 21.07 -26.62 -49.77
CA SER A 913 20.52 -27.54 -50.79
C SER A 913 21.56 -28.61 -51.15
N LYS A 914 21.10 -29.69 -51.75
CA LYS A 914 21.99 -30.66 -52.42
C LYS A 914 22.81 -30.00 -53.52
N GLU A 915 22.26 -29.00 -54.21
CA GLU A 915 22.90 -28.38 -55.37
C GLU A 915 24.05 -27.52 -54.86
N LEU A 916 23.84 -26.79 -53.77
CA LEU A 916 24.97 -25.97 -53.22
C LEU A 916 26.02 -26.92 -52.61
N ALA A 917 25.58 -27.98 -51.93
CA ALA A 917 26.48 -28.98 -51.31
C ALA A 917 27.40 -29.54 -52.41
N LYS A 918 26.82 -29.84 -53.56
CA LYS A 918 27.61 -30.41 -54.68
C LYS A 918 28.60 -29.37 -55.18
N LEU A 919 28.13 -28.15 -55.43
CA LEU A 919 29.01 -27.05 -55.92
C LEU A 919 30.22 -26.90 -55.00
N ARG A 920 30.02 -26.91 -53.68
CA ARG A 920 31.10 -26.62 -52.72
C ARG A 920 31.77 -27.90 -52.19
N GLY A 921 31.34 -29.10 -52.61
CA GLY A 921 31.95 -30.35 -52.15
C GLY A 921 31.71 -30.60 -50.66
N ILE A 922 30.52 -30.25 -50.19
CA ILE A 922 30.07 -30.43 -48.79
C ILE A 922 29.18 -31.66 -48.72
N GLY A 923 29.52 -32.55 -47.81
CA GLY A 923 28.70 -33.73 -47.48
C GLY A 923 27.83 -33.41 -46.28
N ASN A 924 26.70 -34.09 -46.17
CA ASN A 924 25.82 -33.97 -44.99
C ASN A 924 26.62 -34.25 -43.72
N GLY A 925 26.50 -33.41 -42.70
CA GLY A 925 27.22 -33.57 -41.43
C GLY A 925 28.62 -32.99 -41.42
N ASP A 926 29.16 -32.57 -42.56
CA ASP A 926 30.51 -32.00 -42.61
C ASP A 926 30.55 -30.68 -41.84
N THR A 927 31.70 -30.35 -41.25
CA THR A 927 31.97 -29.01 -40.72
C THR A 927 32.16 -28.06 -41.87
N VAL A 928 31.50 -26.90 -41.81
CA VAL A 928 31.60 -25.82 -42.81
C VAL A 928 31.89 -24.52 -42.07
N LYS A 929 32.48 -23.59 -42.80
CA LYS A 929 32.74 -22.22 -42.35
C LYS A 929 31.86 -21.31 -43.18
N VAL A 930 31.00 -20.55 -42.50
CA VAL A 930 30.17 -19.53 -43.13
C VAL A 930 30.79 -18.18 -42.82
N SER A 931 30.97 -17.37 -43.83
CA SER A 931 31.64 -16.07 -43.68
C SER A 931 30.84 -14.96 -44.33
N SER A 932 30.94 -13.75 -43.76
CA SER A 932 30.40 -12.53 -44.36
C SER A 932 31.48 -11.46 -44.22
N LEU A 933 31.17 -10.27 -44.71
CA LEU A 933 32.11 -9.13 -44.53
C LEU A 933 32.35 -8.85 -43.04
N ARG A 934 31.49 -9.31 -42.13
CA ARG A 934 31.55 -8.90 -40.71
C ARG A 934 32.08 -9.96 -39.76
N GLY A 935 32.12 -11.22 -40.14
CA GLY A 935 32.58 -12.29 -39.25
C GLY A 935 32.50 -13.64 -39.91
N ALA A 936 32.81 -14.68 -39.15
CA ALA A 936 32.76 -16.03 -39.69
C ALA A 936 32.54 -16.97 -38.54
N LEU A 937 31.96 -18.13 -38.84
CA LEU A 937 31.79 -19.18 -37.83
C LEU A 937 31.68 -20.54 -38.48
N GLU A 938 31.87 -21.58 -37.67
CA GLU A 938 31.81 -22.97 -38.12
C GLU A 938 30.48 -23.56 -37.68
N ALA A 939 29.98 -24.50 -38.47
CA ALA A 939 28.71 -25.15 -38.17
C ALA A 939 28.71 -26.53 -38.81
N VAL A 940 27.72 -27.33 -38.44
CA VAL A 940 27.49 -28.65 -39.06
C VAL A 940 26.54 -28.50 -40.24
N ALA A 941 26.96 -28.99 -41.40
CA ALA A 941 26.13 -28.90 -42.62
C ALA A 941 24.96 -29.84 -42.48
N ILE A 942 23.79 -29.33 -42.72
CA ILE A 942 22.55 -30.14 -42.96
C ILE A 942 22.19 -29.96 -44.43
N VAL A 943 22.51 -30.96 -45.24
CA VAL A 943 22.32 -30.94 -46.70
C VAL A 943 20.93 -31.54 -46.94
N THR A 944 20.01 -30.82 -47.59
CA THR A 944 18.60 -31.26 -47.63
C THR A 944 17.93 -30.76 -48.90
N GLU A 945 16.99 -31.57 -49.40
CA GLU A 945 16.09 -31.13 -50.48
C GLU A 945 15.05 -30.13 -49.97
N ARG A 946 15.04 -29.86 -48.66
CA ARG A 946 14.14 -28.84 -48.11
C ARG A 946 14.55 -27.44 -48.57
N ILE A 947 15.76 -27.31 -49.10
CA ILE A 947 16.19 -26.04 -49.73
C ILE A 947 16.56 -26.36 -51.18
N ARG A 948 16.12 -25.51 -52.08
CA ARG A 948 16.44 -25.67 -53.52
C ARG A 948 16.99 -24.34 -54.01
N PRO A 949 17.69 -24.31 -55.17
CA PRO A 949 18.07 -23.04 -55.76
C PRO A 949 16.88 -22.12 -56.05
N PHE A 950 17.11 -20.81 -56.02
CA PHE A 950 16.12 -19.81 -56.45
C PHE A 950 16.58 -19.36 -57.84
N LYS A 951 15.76 -19.63 -58.84
CA LYS A 951 16.06 -19.22 -60.21
C LYS A 951 15.62 -17.76 -60.33
N ILE A 952 16.58 -16.86 -60.35
CA ILE A 952 16.35 -15.39 -60.34
C ILE A 952 16.84 -14.88 -61.69
N GLU A 953 15.89 -14.41 -62.49
CA GLU A 953 16.14 -14.01 -63.89
C GLU A 953 16.94 -15.10 -64.61
N GLY A 954 16.51 -16.35 -64.48
CA GLY A 954 17.14 -17.48 -65.20
C GLY A 954 18.41 -18.01 -64.55
N VAL A 955 18.87 -17.46 -63.42
CA VAL A 955 20.19 -17.84 -62.84
C VAL A 955 19.95 -18.43 -61.45
N ASP A 956 20.47 -19.62 -61.19
CA ASP A 956 20.28 -20.26 -59.86
C ASP A 956 21.09 -19.48 -58.80
N VAL A 957 20.41 -19.09 -57.72
CA VAL A 957 20.97 -18.37 -56.57
C VAL A 957 20.81 -19.28 -55.38
N HIS A 958 21.90 -19.51 -54.65
CA HIS A 958 21.90 -20.48 -53.54
C HIS A 958 21.83 -19.75 -52.20
N MET A 959 21.13 -20.34 -51.25
CA MET A 959 21.02 -19.79 -49.89
C MET A 959 21.74 -20.67 -48.86
N VAL A 960 22.12 -20.03 -47.76
CA VAL A 960 22.77 -20.66 -46.58
C VAL A 960 21.97 -20.27 -45.34
N GLY A 961 21.32 -21.22 -44.69
CA GLY A 961 20.47 -20.94 -43.52
C GLY A 961 21.16 -21.26 -42.21
N LEU A 962 21.04 -20.38 -41.23
CA LEU A 962 21.69 -20.63 -39.91
C LEU A 962 20.71 -20.35 -38.80
N PRO A 963 20.75 -21.14 -37.72
CA PRO A 963 20.05 -20.76 -36.49
C PRO A 963 20.92 -19.77 -35.71
N TRP A 964 20.29 -18.88 -34.96
CA TRP A 964 20.98 -17.83 -34.17
C TRP A 964 20.93 -18.18 -32.69
N HIS A 965 20.65 -19.44 -32.34
CA HIS A 965 20.46 -19.93 -30.94
C HIS A 965 21.77 -20.27 -30.20
N TYR A 966 22.94 -20.05 -30.79
CA TYR A 966 24.20 -20.61 -30.21
C TYR A 966 25.14 -19.48 -29.78
N GLY A 967 25.93 -19.79 -28.77
CA GLY A 967 26.90 -18.85 -28.24
C GLY A 967 28.04 -19.58 -27.57
N TRP A 968 29.16 -18.87 -27.52
CA TRP A 968 30.46 -19.45 -27.12
C TRP A 968 30.47 -19.96 -25.68
N MET A 969 29.59 -19.54 -24.78
CA MET A 969 29.77 -19.93 -23.37
C MET A 969 29.39 -21.39 -23.17
N VAL A 970 28.29 -21.86 -23.79
CA VAL A 970 27.70 -23.16 -23.43
C VAL A 970 26.80 -23.57 -24.59
N PRO A 971 26.55 -24.86 -24.85
CA PRO A 971 27.29 -25.99 -24.30
C PRO A 971 28.60 -26.13 -25.05
N LYS A 972 29.39 -27.09 -24.58
CA LYS A 972 30.60 -27.52 -25.27
C LYS A 972 30.23 -27.87 -26.71
N ASN A 973 31.02 -27.35 -27.62
CA ASN A 973 30.96 -27.58 -29.07
C ASN A 973 29.63 -27.09 -29.64
N GLY A 974 28.93 -26.22 -28.92
CA GLY A 974 27.64 -25.72 -29.43
C GLY A 974 27.82 -24.79 -30.60
N GLY A 975 28.91 -23.99 -30.58
CA GLY A 975 29.13 -22.95 -31.60
C GLY A 975 28.75 -21.58 -31.12
N ASP A 976 28.95 -20.57 -31.95
CA ASP A 976 28.73 -19.16 -31.56
C ASP A 976 27.54 -18.60 -32.35
N THR A 977 27.31 -17.31 -32.23
CA THR A 977 26.10 -16.63 -32.75
C THR A 977 26.18 -16.44 -34.26
N ALA A 978 25.08 -16.75 -34.94
CA ALA A 978 24.95 -16.35 -36.35
C ALA A 978 25.03 -14.83 -36.50
N ASN A 979 24.77 -14.05 -35.44
CA ASN A 979 24.87 -12.59 -35.56
C ASN A 979 26.31 -12.10 -35.73
N LEU A 980 27.31 -12.97 -35.67
CA LEU A 980 28.66 -12.60 -36.17
C LEU A 980 28.58 -12.20 -37.64
N LEU A 981 27.58 -12.68 -38.35
CA LEU A 981 27.52 -12.52 -39.82
C LEU A 981 26.60 -11.39 -40.25
N THR A 982 25.66 -10.97 -39.44
CA THR A 982 24.54 -10.14 -39.91
C THR A 982 24.92 -8.67 -39.97
N PRO A 983 24.21 -7.88 -40.83
CA PRO A 983 24.50 -6.47 -41.01
C PRO A 983 23.75 -5.61 -39.98
N SER A 984 24.44 -4.55 -39.55
CA SER A 984 23.83 -3.47 -38.74
C SER A 984 23.28 -2.41 -39.71
N ALA A 985 22.26 -2.77 -40.46
CA ALA A 985 21.61 -1.89 -41.44
C ALA A 985 20.20 -2.42 -41.58
N GLY A 986 19.25 -1.56 -41.96
CA GLY A 986 17.88 -2.06 -42.16
C GLY A 986 16.86 -0.96 -42.34
N ASP A 987 15.72 -1.12 -41.67
CA ASP A 987 14.49 -0.39 -42.05
C ASP A 987 14.60 1.08 -41.61
N PRO A 988 14.31 2.04 -42.51
CA PRO A 988 14.39 3.45 -42.13
C PRO A 988 13.31 3.95 -41.18
N ASN A 989 12.18 3.22 -41.14
CA ASN A 989 11.07 3.63 -40.27
C ASN A 989 11.47 3.29 -38.84
N THR A 990 11.99 2.08 -38.59
CA THR A 990 12.13 1.62 -37.20
C THR A 990 13.55 1.19 -36.83
N GLY A 991 14.48 1.11 -37.77
CA GLY A 991 15.86 0.72 -37.44
C GLY A 991 16.00 -0.75 -37.15
N ILE A 992 15.06 -1.59 -37.57
CA ILE A 992 15.24 -3.05 -37.40
C ILE A 992 16.30 -3.54 -38.36
N PRO A 993 17.25 -4.38 -37.90
CA PRO A 993 18.27 -4.89 -38.82
C PRO A 993 17.78 -5.98 -39.77
N GLU A 994 18.45 -6.11 -40.89
CA GLU A 994 18.07 -7.03 -41.99
C GLU A 994 18.70 -8.38 -41.71
N THR A 995 18.30 -9.00 -40.60
CA THR A 995 18.84 -10.31 -40.18
C THR A 995 18.24 -11.45 -41.01
N LYS A 996 17.27 -11.19 -41.88
CA LYS A 996 16.67 -12.25 -42.70
C LYS A 996 17.17 -12.27 -44.14
N ALA A 997 18.01 -11.34 -44.57
CA ALA A 997 18.49 -11.36 -45.98
C ALA A 997 19.80 -10.61 -46.08
N PHE A 998 20.89 -11.36 -46.16
CA PHE A 998 22.21 -10.75 -46.36
C PHE A 998 23.01 -11.70 -47.27
N MET A 999 24.31 -11.54 -47.40
CA MET A 999 25.10 -12.40 -48.29
C MET A 999 26.30 -12.98 -47.55
N VAL A 1000 26.63 -14.22 -47.91
CA VAL A 1000 27.69 -14.99 -47.26
C VAL A 1000 28.42 -15.86 -48.28
N ASP A 1001 29.51 -16.44 -47.82
CA ASP A 1001 30.14 -17.62 -48.48
C ASP A 1001 30.00 -18.80 -47.51
N VAL A 1002 30.06 -20.01 -48.06
CA VAL A 1002 30.25 -21.24 -47.25
C VAL A 1002 31.35 -22.06 -47.90
N ARG A 1003 32.17 -22.68 -47.06
CA ARG A 1003 33.31 -23.54 -47.50
C ARG A 1003 33.41 -24.73 -46.57
N LYS A 1004 33.70 -25.89 -47.13
CA LYS A 1004 34.06 -27.06 -46.29
C LYS A 1004 35.26 -26.73 -45.42
N VAL A 1005 35.24 -27.18 -44.17
CA VAL A 1005 36.41 -27.21 -43.26
C VAL A 1005 36.96 -28.64 -43.28
N TRP A 1006 38.24 -28.77 -43.60
CA TRP A 1006 39.04 -30.01 -43.41
C TRP A 1006 39.87 -29.90 -42.11
N SER A 1007 39.42 -30.50 -41.01
CA SER A 1007 40.06 -30.43 -39.66
C SER A 1007 40.25 -31.85 -39.09
N GLY B 2 -8.71 -52.76 -22.03
CA GLY B 2 -7.53 -52.00 -21.72
C GLY B 2 -7.45 -50.73 -22.54
N LYS B 3 -6.33 -50.02 -22.44
CA LYS B 3 -6.20 -48.69 -23.06
C LYS B 3 -5.49 -48.84 -24.39
N MET B 4 -5.44 -47.73 -25.12
CA MET B 4 -4.83 -47.65 -26.44
C MET B 4 -4.49 -46.22 -26.76
N PHE B 5 -3.39 -46.06 -27.48
CA PHE B 5 -3.01 -44.80 -28.11
C PHE B 5 -3.43 -44.91 -29.57
N PHE B 6 -3.96 -43.83 -30.10
CA PHE B 6 -4.09 -43.66 -31.56
C PHE B 6 -3.23 -42.45 -31.91
N VAL B 7 -2.27 -42.66 -32.79
CA VAL B 7 -1.24 -41.64 -33.15
C VAL B 7 -1.39 -41.27 -34.62
N ASP B 8 -2.04 -40.16 -34.86
CA ASP B 8 -2.38 -39.68 -36.22
C ASP B 8 -1.16 -38.91 -36.73
N LEU B 9 -0.27 -39.57 -37.43
CA LEU B 9 1.01 -38.94 -37.88
C LEU B 9 0.75 -37.93 -38.98
N SER B 10 -0.48 -37.86 -39.55
CA SER B 10 -0.86 -36.83 -40.52
C SER B 10 -0.98 -35.45 -39.88
N ARG B 11 -0.88 -35.36 -38.54
CA ARG B 11 -1.09 -34.09 -37.80
C ARG B 11 0.24 -33.67 -37.14
N CYS B 12 1.26 -34.50 -37.25
CA CYS B 12 2.48 -34.30 -36.40
C CYS B 12 3.33 -33.16 -36.97
N THR B 13 3.74 -32.23 -36.11
CA THR B 13 4.63 -31.11 -36.51
C THR B 13 6.07 -31.36 -36.00
N ALA B 14 6.35 -32.53 -35.46
CA ALA B 14 7.71 -32.89 -34.97
C ALA B 14 8.16 -31.82 -33.97
N CYS B 15 7.25 -31.27 -33.18
CA CYS B 15 7.61 -30.24 -32.15
C CYS B 15 8.49 -30.84 -31.06
N ARG B 16 8.49 -32.14 -30.85
CA ARG B 16 9.20 -32.88 -29.80
C ARG B 16 8.71 -32.49 -28.40
N GLY B 17 7.53 -31.94 -28.28
CA GLY B 17 6.91 -31.74 -26.97
C GLY B 17 6.84 -33.08 -26.24
N CYS B 18 6.48 -34.12 -26.96
CA CYS B 18 6.27 -35.48 -26.40
C CYS B 18 7.61 -36.02 -25.89
N GLN B 19 8.66 -35.84 -26.69
CA GLN B 19 10.00 -36.31 -26.33
C GLN B 19 10.46 -35.66 -25.02
N ILE B 20 10.24 -34.36 -24.87
CA ILE B 20 10.67 -33.61 -23.66
C ILE B 20 9.76 -33.98 -22.50
N ALA B 21 8.44 -34.03 -22.72
CA ALA B 21 7.46 -34.32 -21.67
C ALA B 21 7.73 -35.69 -21.05
N CYS B 22 8.07 -36.70 -21.84
CA CYS B 22 8.41 -38.04 -21.30
C CYS B 22 9.55 -37.90 -20.29
N LYS B 23 10.56 -37.11 -20.63
CA LYS B 23 11.74 -36.91 -19.74
C LYS B 23 11.37 -36.09 -18.52
N GLN B 24 10.54 -35.05 -18.66
CA GLN B 24 10.19 -34.20 -17.51
C GLN B 24 9.39 -35.03 -16.51
N TRP B 25 8.46 -35.84 -17.02
CA TRP B 25 7.59 -36.57 -16.09
C TRP B 25 8.44 -37.56 -15.25
N LYS B 26 9.37 -38.23 -15.87
CA LYS B 26 10.23 -39.26 -15.22
C LYS B 26 11.51 -38.68 -14.64
N ASN B 27 11.78 -37.42 -14.91
CA ASN B 27 13.07 -36.82 -14.52
C ASN B 27 14.22 -37.66 -15.05
N LEU B 28 14.20 -37.95 -16.34
CA LEU B 28 15.22 -38.75 -17.02
C LEU B 28 16.40 -37.88 -17.37
N PRO B 29 17.59 -38.47 -17.40
CA PRO B 29 18.76 -37.73 -17.83
C PRO B 29 18.79 -37.53 -19.35
N ALA B 30 19.54 -36.54 -19.79
CA ALA B 30 19.85 -36.28 -21.21
C ALA B 30 21.07 -37.09 -21.62
N GLU B 31 21.13 -37.40 -22.90
CA GLU B 31 22.31 -37.99 -23.57
C GLU B 31 23.28 -36.91 -24.02
N GLU B 32 24.51 -37.36 -24.23
CA GLU B 32 25.49 -36.59 -25.02
CA GLU B 32 25.53 -36.64 -25.02
C GLU B 32 25.18 -36.84 -26.49
N THR B 33 24.88 -35.77 -27.18
CA THR B 33 24.52 -35.81 -28.61
C THR B 33 25.36 -34.81 -29.38
N ARG B 34 25.37 -34.97 -30.69
CA ARG B 34 26.04 -34.05 -31.61
C ARG B 34 25.20 -34.02 -32.87
N ASN B 35 25.32 -32.94 -33.62
CA ASN B 35 24.61 -32.85 -34.92
C ASN B 35 25.46 -33.56 -35.95
N THR B 36 24.91 -34.61 -36.59
CA THR B 36 25.60 -35.29 -37.71
C THR B 36 24.83 -35.08 -39.01
N GLY B 37 24.19 -33.92 -39.18
CA GLY B 37 23.47 -33.60 -40.42
C GLY B 37 21.97 -33.88 -40.35
N SER B 38 21.36 -33.75 -39.19
CA SER B 38 19.94 -34.07 -38.98
C SER B 38 19.42 -33.30 -37.78
N HIS B 39 18.15 -32.90 -37.80
CA HIS B 39 17.45 -32.44 -36.60
C HIS B 39 17.20 -33.55 -35.59
N GLN B 40 17.21 -34.80 -36.03
CA GLN B 40 16.87 -35.95 -35.18
C GLN B 40 17.92 -36.06 -34.06
N ASN B 41 17.46 -36.20 -32.84
CA ASN B 41 18.38 -36.35 -31.70
C ASN B 41 17.52 -36.47 -30.46
N PRO B 42 17.82 -37.39 -29.55
CA PRO B 42 18.84 -38.43 -29.74
C PRO B 42 18.62 -39.33 -30.95
N PRO B 43 19.68 -39.93 -31.52
CA PRO B 43 19.54 -40.59 -32.81
C PRO B 43 18.71 -41.86 -32.68
N ASP B 44 18.62 -42.38 -31.46
CA ASP B 44 17.99 -43.69 -31.19
C ASP B 44 17.37 -43.67 -29.82
N LEU B 45 16.46 -44.59 -29.55
CA LEU B 45 16.08 -44.92 -28.16
C LEU B 45 17.34 -45.40 -27.44
N SER B 46 17.38 -45.22 -26.14
CA SER B 46 18.50 -45.72 -25.31
C SER B 46 17.92 -45.99 -23.93
N TYR B 47 18.75 -46.45 -23.00
CA TYR B 47 18.25 -46.70 -21.63
C TYR B 47 17.63 -45.45 -21.03
N VAL B 48 18.17 -44.27 -21.34
CA VAL B 48 17.60 -43.02 -20.78
C VAL B 48 16.65 -42.29 -21.74
N THR B 49 16.39 -42.83 -22.92
CA THR B 49 15.49 -42.17 -23.91
C THR B 49 14.45 -43.20 -24.36
N LEU B 50 13.25 -43.02 -23.87
CA LEU B 50 12.10 -43.97 -24.11
C LEU B 50 11.31 -43.57 -25.37
N LYS B 51 11.47 -42.37 -25.84
CA LYS B 51 10.79 -41.83 -27.02
C LYS B 51 11.74 -40.84 -27.68
N THR B 52 11.96 -41.03 -28.98
CA THR B 52 12.66 -40.04 -29.81
C THR B 52 11.81 -39.84 -31.05
N VAL B 53 11.80 -38.63 -31.57
CA VAL B 53 11.09 -38.39 -32.85
C VAL B 53 12.07 -38.60 -33.99
N ARG B 54 11.78 -39.57 -34.85
CA ARG B 54 12.58 -39.89 -36.03
C ARG B 54 12.11 -39.04 -37.20
N PHE B 55 13.07 -38.50 -37.94
CA PHE B 55 12.87 -37.59 -39.07
C PHE B 55 13.39 -38.30 -40.33
N THR B 56 12.56 -38.40 -41.36
CA THR B 56 12.96 -39.01 -42.65
C THR B 56 12.45 -38.15 -43.79
N GLU B 57 13.32 -37.81 -44.76
CA GLU B 57 12.96 -36.96 -45.91
C GLU B 57 12.84 -37.84 -47.14
N LYS B 58 11.69 -37.76 -47.79
CA LYS B 58 11.45 -38.46 -49.08
C LYS B 58 11.18 -37.44 -50.19
N SER B 59 11.81 -37.63 -51.35
CA SER B 59 11.63 -36.72 -52.51
C SER B 59 10.18 -36.77 -53.02
N ARG B 60 9.64 -35.63 -53.42
CA ARG B 60 8.30 -35.55 -54.05
C ARG B 60 8.49 -34.61 -55.25
N LYS B 61 7.72 -34.83 -56.29
CA LYS B 61 7.82 -33.95 -57.49
C LYS B 61 7.35 -32.55 -57.08
N GLY B 62 8.02 -31.53 -57.63
CA GLY B 62 7.66 -30.14 -57.34
C GLY B 62 8.30 -29.73 -56.04
N PRO B 63 7.98 -28.52 -55.54
CA PRO B 63 8.71 -27.94 -54.42
C PRO B 63 8.40 -28.80 -53.19
N GLY B 64 9.29 -28.78 -52.24
CA GLY B 64 8.96 -29.50 -51.01
C GLY B 64 9.22 -30.98 -51.13
N ILE B 65 9.00 -31.67 -50.02
CA ILE B 65 9.37 -33.08 -49.79
C ILE B 65 8.22 -33.68 -48.99
N ASP B 66 8.27 -34.97 -48.80
CA ASP B 66 7.47 -35.65 -47.78
C ASP B 66 8.37 -35.79 -46.56
N TRP B 67 8.09 -35.02 -45.53
CA TRP B 67 8.91 -35.09 -44.29
C TRP B 67 8.15 -35.94 -43.27
N LEU B 68 8.68 -37.11 -42.98
CA LEU B 68 7.99 -38.13 -42.17
C LEU B 68 8.53 -38.06 -40.76
N PHE B 69 7.63 -37.90 -39.79
CA PHE B 69 7.98 -37.77 -38.37
C PHE B 69 7.42 -39.00 -37.69
N PHE B 70 8.22 -39.61 -36.83
CA PHE B 70 7.81 -40.85 -36.12
C PHE B 70 8.22 -40.78 -34.65
N PRO B 71 7.31 -40.38 -33.73
CA PRO B 71 7.58 -40.40 -32.29
C PRO B 71 7.48 -41.85 -31.82
N GLU B 72 8.63 -42.52 -31.73
CA GLU B 72 8.71 -43.96 -31.45
C GLU B 72 8.51 -44.21 -29.94
N GLN B 73 7.75 -45.26 -29.64
CA GLN B 73 7.64 -45.81 -28.28
C GLN B 73 7.25 -47.28 -28.33
N CYS B 74 7.48 -47.97 -27.23
CA CYS B 74 6.91 -49.32 -27.03
C CYS B 74 5.45 -49.34 -27.51
N ARG B 75 5.07 -50.43 -28.18
CA ARG B 75 3.69 -50.58 -28.70
C ARG B 75 2.73 -51.21 -27.70
N HIS B 76 3.20 -51.64 -26.53
CA HIS B 76 2.36 -52.27 -25.47
C HIS B 76 1.55 -53.38 -26.12
N CYS B 77 2.27 -54.31 -26.72
CA CYS B 77 1.70 -55.44 -27.48
C CYS B 77 0.59 -56.12 -26.68
N VAL B 78 -0.46 -56.51 -27.41
CA VAL B 78 -1.59 -57.28 -26.81
C VAL B 78 -1.01 -58.59 -26.24
N GLU B 79 -0.13 -59.27 -26.98
CA GLU B 79 0.63 -60.46 -26.51
C GLU B 79 2.12 -60.24 -26.71
N PRO B 80 2.80 -59.64 -25.71
CA PRO B 80 4.17 -59.17 -25.94
C PRO B 80 5.21 -60.26 -26.03
N PRO B 81 5.94 -60.39 -27.15
CA PRO B 81 7.00 -61.37 -27.24
C PRO B 81 8.15 -61.11 -26.26
N CYS B 82 8.35 -59.84 -25.88
CA CYS B 82 9.48 -59.50 -24.97
C CYS B 82 9.34 -60.29 -23.67
N LYS B 83 8.13 -60.37 -23.18
CA LYS B 83 7.80 -61.08 -21.92
C LYS B 83 8.03 -62.59 -22.08
N GLY B 84 7.54 -63.18 -23.17
CA GLY B 84 7.78 -64.60 -23.51
C GLY B 84 9.26 -64.92 -23.43
N GLN B 85 10.12 -64.03 -23.93
CA GLN B 85 11.58 -64.26 -23.94
C GLN B 85 12.17 -64.00 -22.55
N ALA B 86 11.81 -62.91 -21.89
CA ALA B 86 12.36 -62.63 -20.55
C ALA B 86 12.03 -63.81 -19.62
N ASP B 87 10.83 -64.35 -19.76
CA ASP B 87 10.30 -65.43 -18.89
C ASP B 87 11.15 -66.71 -19.02
N VAL B 88 11.86 -66.90 -20.11
CA VAL B 88 12.81 -68.04 -20.30
C VAL B 88 13.89 -67.96 -19.24
N ASP B 89 14.40 -66.78 -18.93
CA ASP B 89 15.53 -66.58 -17.99
C ASP B 89 15.02 -66.38 -16.56
N LEU B 90 14.01 -65.54 -16.36
CA LEU B 90 13.53 -65.21 -15.01
C LEU B 90 12.16 -64.55 -15.13
N GLU B 91 11.12 -65.19 -14.59
CA GLU B 91 9.78 -64.55 -14.51
C GLU B 91 9.84 -63.34 -13.58
N GLY B 92 8.95 -62.38 -13.80
CA GLY B 92 8.88 -61.17 -12.97
C GLY B 92 9.75 -60.05 -13.50
N ALA B 93 10.54 -60.27 -14.57
CA ALA B 93 11.33 -59.20 -15.24
C ALA B 93 10.39 -58.34 -16.08
N VAL B 94 9.40 -58.99 -16.70
CA VAL B 94 8.39 -58.32 -17.59
C VAL B 94 7.03 -58.75 -17.09
N VAL B 95 6.20 -57.80 -16.70
CA VAL B 95 4.84 -58.13 -16.23
C VAL B 95 3.82 -57.32 -17.01
N LYS B 96 2.58 -57.69 -16.85
CA LYS B 96 1.45 -57.05 -17.54
C LYS B 96 0.60 -56.33 -16.49
N ASP B 97 0.02 -55.19 -16.85
CA ASP B 97 -1.13 -54.58 -16.17
C ASP B 97 -2.36 -54.95 -17.01
N GLU B 98 -3.19 -55.88 -16.56
CA GLU B 98 -4.31 -56.38 -17.41
C GLU B 98 -5.43 -55.34 -17.39
N THR B 99 -5.45 -54.43 -16.43
CA THR B 99 -6.47 -53.36 -16.47
C THR B 99 -6.11 -52.33 -17.56
N THR B 100 -4.87 -51.84 -17.56
CA THR B 100 -4.51 -50.72 -18.48
C THR B 100 -4.06 -51.27 -19.84
N GLY B 101 -3.48 -52.48 -19.89
CA GLY B 101 -2.84 -53.07 -21.07
C GLY B 101 -1.35 -52.79 -21.11
N ALA B 102 -0.81 -52.05 -20.14
CA ALA B 102 0.64 -51.76 -20.16
C ALA B 102 1.43 -53.07 -20.06
N VAL B 103 2.54 -53.12 -20.75
CA VAL B 103 3.61 -54.12 -20.57
C VAL B 103 4.74 -53.43 -19.81
N LEU B 104 5.22 -54.02 -18.72
CA LEU B 104 6.07 -53.25 -17.77
C LEU B 104 7.34 -54.03 -17.49
N PHE B 105 8.48 -53.37 -17.68
CA PHE B 105 9.78 -53.91 -17.26
C PHE B 105 10.03 -53.61 -15.79
N THR B 106 10.54 -54.61 -15.06
CA THR B 106 11.01 -54.43 -13.67
C THR B 106 12.54 -54.47 -13.59
N GLU B 107 13.11 -54.16 -12.42
CA GLU B 107 14.57 -54.19 -12.19
C GLU B 107 15.10 -55.63 -12.34
N LEU B 108 14.24 -56.64 -12.32
CA LEU B 108 14.72 -58.04 -12.58
C LEU B 108 15.16 -58.23 -14.05
N THR B 109 14.90 -57.27 -14.95
CA THR B 109 15.48 -57.31 -16.30
C THR B 109 17.01 -57.38 -16.24
N ALA B 110 17.65 -56.90 -15.17
CA ALA B 110 19.13 -56.95 -15.00
C ALA B 110 19.57 -58.40 -14.97
N LYS B 111 18.68 -59.35 -14.71
CA LYS B 111 19.05 -60.78 -14.53
C LYS B 111 18.61 -61.63 -15.71
N VAL B 112 18.06 -61.05 -16.77
CA VAL B 112 17.74 -61.79 -18.03
C VAL B 112 18.75 -61.41 -19.11
N ASP B 113 18.77 -62.20 -20.18
CA ASP B 113 19.60 -61.89 -21.36
C ASP B 113 18.94 -60.71 -22.09
N GLY B 114 19.37 -59.47 -21.82
CA GLY B 114 18.80 -58.25 -22.40
C GLY B 114 18.84 -58.27 -23.93
N GLU B 115 19.93 -58.69 -24.55
CA GLU B 115 20.04 -58.71 -26.04
C GLU B 115 18.95 -59.65 -26.59
N SER B 116 18.70 -60.80 -25.95
CA SER B 116 17.65 -61.75 -26.42
CA SER B 116 17.65 -61.77 -26.39
C SER B 116 16.27 -61.10 -26.29
N VAL B 117 16.03 -60.33 -25.23
CA VAL B 117 14.71 -59.70 -25.02
C VAL B 117 14.51 -58.65 -26.11
N ARG B 118 15.56 -57.86 -26.39
CA ARG B 118 15.46 -56.89 -27.51
C ARG B 118 15.19 -57.63 -28.83
N SER B 119 15.90 -58.71 -29.12
CA SER B 119 15.75 -59.50 -30.36
CA SER B 119 15.74 -59.48 -30.38
C SER B 119 14.32 -60.03 -30.50
N ALA B 120 13.67 -60.36 -29.40
CA ALA B 120 12.29 -60.93 -29.40
C ALA B 120 11.26 -59.88 -29.78
N CYS B 121 11.56 -58.60 -29.60
CA CYS B 121 10.64 -57.50 -29.90
C CYS B 121 10.63 -57.25 -31.40
N PRO B 122 9.47 -57.39 -32.09
CA PRO B 122 9.48 -57.21 -33.54
C PRO B 122 9.61 -55.73 -33.91
N TYR B 123 9.50 -54.84 -32.91
CA TYR B 123 9.59 -53.36 -33.10
C TYR B 123 10.97 -52.83 -32.65
N ASP B 124 11.85 -53.70 -32.21
CA ASP B 124 13.24 -53.37 -31.78
C ASP B 124 13.20 -52.27 -30.71
N ILE B 125 12.34 -52.42 -29.69
CA ILE B 125 12.09 -51.35 -28.68
C ILE B 125 13.03 -51.44 -27.47
N PRO B 126 13.23 -52.58 -26.80
CA PRO B 126 13.97 -52.55 -25.52
C PRO B 126 15.37 -51.99 -25.65
N ARG B 127 15.82 -51.32 -24.61
CA ARG B 127 17.20 -50.80 -24.56
C ARG B 127 17.86 -51.15 -23.24
N ILE B 128 19.13 -51.55 -23.31
CA ILE B 128 19.81 -52.02 -22.08
C ILE B 128 20.81 -50.99 -21.58
N ASP B 129 20.80 -50.83 -20.27
CA ASP B 129 21.81 -50.00 -19.57
C ASP B 129 23.14 -50.77 -19.58
N PRO B 130 24.22 -50.27 -20.22
CA PRO B 130 25.47 -51.03 -20.21
C PRO B 130 26.00 -51.26 -18.78
N VAL B 131 25.68 -50.38 -17.85
CA VAL B 131 26.26 -50.49 -16.48
C VAL B 131 25.46 -51.52 -15.67
N THR B 132 24.16 -51.30 -15.44
CA THR B 132 23.34 -52.20 -14.58
C THR B 132 22.84 -53.45 -15.31
N LYS B 133 22.75 -53.41 -16.64
CA LYS B 133 22.13 -54.44 -17.53
C LYS B 133 20.60 -54.39 -17.40
N ARG B 134 20.01 -53.43 -16.68
CA ARG B 134 18.55 -53.28 -16.68
C ARG B 134 18.10 -52.85 -18.07
N LEU B 135 16.88 -53.22 -18.43
CA LEU B 135 16.18 -52.80 -19.67
C LEU B 135 15.22 -51.68 -19.34
N SER B 136 15.10 -50.74 -20.27
CA SER B 136 14.07 -49.67 -20.18
C SER B 136 13.30 -49.57 -21.51
N LYS B 137 12.15 -48.93 -21.41
CA LYS B 137 11.30 -48.53 -22.55
C LYS B 137 10.18 -47.69 -21.96
N CYS B 138 9.30 -47.23 -22.83
CA CYS B 138 8.04 -46.58 -22.48
C CYS B 138 7.25 -47.51 -21.56
N ASP B 139 6.76 -46.99 -20.46
CA ASP B 139 5.92 -47.75 -19.49
C ASP B 139 4.47 -47.29 -19.53
N MET B 140 4.08 -46.66 -20.63
CA MET B 140 2.69 -46.18 -20.85
C MET B 140 2.29 -45.13 -19.82
N CYS B 141 3.24 -44.53 -19.09
CA CYS B 141 2.89 -43.63 -17.97
C CYS B 141 1.83 -44.35 -17.13
N ASN B 142 2.09 -45.60 -16.80
CA ASN B 142 1.04 -46.46 -16.22
C ASN B 142 0.51 -45.86 -14.91
N ASP B 143 1.36 -45.23 -14.10
CA ASP B 143 0.86 -44.67 -12.82
C ASP B 143 -0.06 -43.49 -13.11
N ARG B 144 0.29 -42.61 -14.05
CA ARG B 144 -0.69 -41.56 -14.46
C ARG B 144 -1.99 -42.20 -14.87
N VAL B 145 -1.94 -43.24 -15.69
CA VAL B 145 -3.16 -43.85 -16.28
C VAL B 145 -3.96 -44.47 -15.14
N GLN B 146 -3.32 -45.18 -14.22
CA GLN B 146 -4.01 -45.72 -13.01
C GLN B 146 -4.72 -44.61 -12.23
N ASN B 147 -4.17 -43.41 -12.23
CA ASN B 147 -4.76 -42.26 -11.51
C ASN B 147 -5.71 -41.46 -12.40
N GLY B 148 -6.12 -41.94 -13.58
CA GLY B 148 -7.15 -41.28 -14.40
C GLY B 148 -6.60 -40.12 -15.22
N LEU B 149 -5.28 -40.06 -15.36
CA LEU B 149 -4.65 -39.00 -16.20
C LEU B 149 -4.20 -39.56 -17.55
N LEU B 150 -3.99 -38.65 -18.49
CA LEU B 150 -3.36 -39.00 -19.77
C LEU B 150 -1.87 -39.24 -19.56
N PRO B 151 -1.26 -40.12 -20.37
CA PRO B 151 0.19 -40.17 -20.49
C PRO B 151 0.78 -38.79 -20.79
N ALA B 152 1.99 -38.54 -20.29
CA ALA B 152 2.60 -37.19 -20.39
C ALA B 152 2.68 -36.77 -21.85
N CYS B 153 3.05 -37.68 -22.75
CA CYS B 153 3.25 -37.33 -24.19
C CYS B 153 1.90 -37.07 -24.86
N VAL B 154 0.85 -37.71 -24.39
CA VAL B 154 -0.49 -37.47 -24.98
C VAL B 154 -0.99 -36.10 -24.51
N LYS B 155 -0.91 -35.82 -23.21
CA LYS B 155 -1.37 -34.53 -22.68
C LYS B 155 -0.64 -33.38 -23.39
N THR B 156 0.67 -33.54 -23.61
CA THR B 156 1.48 -32.38 -24.06
C THR B 156 1.21 -32.05 -25.53
N CYS B 157 0.77 -33.02 -26.32
CA CYS B 157 0.78 -32.89 -27.80
C CYS B 157 -0.14 -31.74 -28.22
N PRO B 158 0.37 -30.77 -29.01
CA PRO B 158 -0.41 -29.62 -29.40
C PRO B 158 -1.35 -29.86 -30.60
N THR B 159 -1.18 -30.95 -31.34
CA THR B 159 -1.78 -31.05 -32.70
C THR B 159 -2.95 -32.04 -32.79
N GLY B 160 -3.20 -32.82 -31.76
CA GLY B 160 -4.14 -33.96 -31.82
C GLY B 160 -3.55 -35.14 -32.55
N THR B 161 -2.24 -35.18 -32.77
CA THR B 161 -1.53 -36.39 -33.20
C THR B 161 -1.78 -37.47 -32.16
N MET B 162 -1.52 -37.15 -30.88
CA MET B 162 -1.61 -38.15 -29.82
C MET B 162 -3.02 -38.21 -29.28
N ASN B 163 -3.54 -39.44 -29.17
CA ASN B 163 -4.86 -39.71 -28.63
C ASN B 163 -4.76 -40.93 -27.71
N PHE B 164 -5.54 -40.94 -26.65
CA PHE B 164 -5.49 -42.06 -25.70
C PHE B 164 -6.86 -42.28 -25.11
N GLY B 165 -7.17 -43.53 -24.88
CA GLY B 165 -8.46 -43.87 -24.27
C GLY B 165 -8.68 -45.36 -24.27
N ASP B 166 -9.92 -45.78 -24.12
CA ASP B 166 -10.28 -47.22 -24.09
C ASP B 166 -10.11 -47.82 -25.50
N GLU B 167 -9.72 -49.07 -25.59
CA GLU B 167 -9.32 -49.70 -26.85
C GLU B 167 -10.49 -49.68 -27.85
N GLN B 168 -11.73 -49.88 -27.43
CA GLN B 168 -12.83 -49.93 -28.44
C GLN B 168 -13.01 -48.53 -29.08
N GLU B 169 -13.07 -47.46 -28.27
CA GLU B 169 -13.21 -46.06 -28.78
C GLU B 169 -11.98 -45.72 -29.63
N MET B 170 -10.77 -46.10 -29.20
CA MET B 170 -9.55 -45.68 -29.94
C MET B 170 -9.45 -46.45 -31.27
N LEU B 171 -9.81 -47.73 -31.34
CA LEU B 171 -9.76 -48.43 -32.63
C LEU B 171 -10.84 -47.86 -33.57
N ALA B 172 -12.01 -47.49 -33.06
CA ALA B 172 -13.07 -46.87 -33.92
C ALA B 172 -12.55 -45.53 -34.43
N LEU B 173 -11.90 -44.75 -33.56
CA LEU B 173 -11.32 -43.44 -33.97
C LEU B 173 -10.25 -43.68 -35.05
N ALA B 174 -9.35 -44.63 -34.84
CA ALA B 174 -8.27 -44.99 -35.80
C ALA B 174 -8.84 -45.34 -37.18
N GLU B 175 -9.91 -46.14 -37.21
CA GLU B 175 -10.48 -46.56 -38.53
C GLU B 175 -11.20 -45.37 -39.19
N LYS B 176 -11.90 -44.57 -38.41
CA LYS B 176 -12.61 -43.36 -38.92
C LYS B 176 -11.56 -42.40 -39.50
N ARG B 177 -10.49 -42.16 -38.75
CA ARG B 177 -9.47 -41.18 -39.20
C ARG B 177 -8.71 -41.70 -40.43
N LEU B 178 -8.43 -43.02 -40.49
CA LEU B 178 -7.72 -43.62 -41.63
C LEU B 178 -8.54 -43.32 -42.89
N ALA B 179 -9.85 -43.57 -42.86
CA ALA B 179 -10.71 -43.36 -44.04
C ALA B 179 -10.66 -41.90 -44.49
N GLU B 180 -10.61 -40.95 -43.56
CA GLU B 180 -10.58 -39.50 -43.88
C GLU B 180 -9.21 -39.15 -44.47
N VAL B 181 -8.15 -39.59 -43.79
CA VAL B 181 -6.78 -39.19 -44.18
C VAL B 181 -6.48 -39.78 -45.56
N LYS B 182 -7.00 -40.95 -45.90
CA LYS B 182 -6.77 -41.59 -47.21
C LYS B 182 -7.29 -40.74 -48.38
N LYS B 183 -8.18 -39.79 -48.12
CA LYS B 183 -8.66 -38.85 -49.16
C LYS B 183 -7.47 -38.01 -49.65
N THR B 184 -6.48 -37.73 -48.80
CA THR B 184 -5.30 -36.89 -49.14
C THR B 184 -4.07 -37.78 -49.34
N TYR B 185 -3.95 -38.81 -48.52
CA TYR B 185 -2.76 -39.69 -48.47
C TYR B 185 -3.20 -41.09 -48.85
N PRO B 186 -3.24 -41.45 -50.17
CA PRO B 186 -3.82 -42.72 -50.61
C PRO B 186 -3.13 -43.98 -50.09
N GLY B 187 -1.85 -43.89 -49.74
CA GLY B 187 -1.11 -45.02 -49.12
C GLY B 187 -1.20 -45.06 -47.60
N ALA B 188 -2.09 -44.29 -46.98
CA ALA B 188 -2.24 -44.29 -45.50
C ALA B 188 -2.63 -45.68 -44.99
N VAL B 189 -2.06 -46.08 -43.84
CA VAL B 189 -2.33 -47.42 -43.25
C VAL B 189 -2.21 -47.30 -41.75
N LEU B 190 -2.94 -48.13 -41.02
CA LEU B 190 -2.77 -48.29 -39.55
C LEU B 190 -1.69 -49.34 -39.31
N GLY B 191 -0.90 -49.13 -38.27
CA GLY B 191 0.15 -50.08 -37.92
C GLY B 191 -0.35 -51.18 -37.03
N ASP B 192 -0.37 -52.40 -37.57
CA ASP B 192 -0.64 -53.63 -36.77
C ASP B 192 -1.79 -53.43 -35.78
N PRO B 193 -2.96 -52.91 -36.22
CA PRO B 193 -3.99 -52.41 -35.31
C PRO B 193 -4.65 -53.46 -34.39
N ASN B 194 -4.58 -54.74 -34.74
CA ASN B 194 -5.16 -55.83 -33.93
C ASN B 194 -4.12 -56.46 -33.00
N ASP B 195 -2.87 -56.00 -33.03
CA ASP B 195 -1.77 -56.64 -32.28
C ASP B 195 -1.21 -55.74 -31.18
N VAL B 196 -1.41 -54.43 -31.26
CA VAL B 196 -0.65 -53.46 -30.40
C VAL B 196 -1.63 -52.49 -29.78
N ARG B 197 -1.15 -51.79 -28.74
CA ARG B 197 -1.93 -50.75 -28.05
C ARG B 197 -1.42 -49.34 -28.41
N VAL B 198 -0.40 -49.24 -29.23
CA VAL B 198 0.01 -47.93 -29.83
C VAL B 198 -0.21 -48.06 -31.32
N VAL B 199 -1.38 -47.56 -31.77
CA VAL B 199 -1.80 -47.69 -33.18
C VAL B 199 -1.47 -46.37 -33.92
N TYR B 200 -0.43 -46.43 -34.72
CA TYR B 200 -0.01 -45.34 -35.62
C TYR B 200 -0.82 -45.37 -36.91
N LEU B 201 -1.25 -44.19 -37.34
CA LEU B 201 -1.72 -43.94 -38.73
C LEU B 201 -0.53 -43.37 -39.48
N PHE B 202 0.06 -44.16 -40.37
CA PHE B 202 1.12 -43.73 -41.30
C PHE B 202 0.48 -43.17 -42.56
N THR B 203 1.05 -42.11 -43.13
CA THR B 203 0.52 -41.46 -44.36
C THR B 203 1.04 -42.15 -45.63
N ARG B 204 2.00 -43.06 -45.47
CA ARG B 204 2.61 -43.85 -46.58
C ARG B 204 3.28 -45.07 -45.96
N ASP B 205 3.92 -45.90 -46.79
CA ASP B 205 4.57 -47.16 -46.38
C ASP B 205 5.26 -46.93 -45.02
N PRO B 206 4.85 -47.68 -43.97
CA PRO B 206 5.42 -47.44 -42.63
C PRO B 206 6.94 -47.54 -42.59
N LYS B 207 7.52 -48.41 -43.43
CA LYS B 207 8.99 -48.57 -43.43
CA LYS B 207 8.99 -48.62 -43.59
C LYS B 207 9.65 -47.26 -43.86
N ASP B 208 8.95 -46.35 -44.52
CA ASP B 208 9.53 -45.03 -44.86
C ASP B 208 9.67 -44.19 -43.59
N PHE B 209 8.85 -44.45 -42.57
CA PHE B 209 8.94 -43.71 -41.29
C PHE B 209 10.08 -44.27 -40.44
N TYR B 210 10.20 -45.58 -40.42
CA TYR B 210 11.25 -46.28 -39.64
C TYR B 210 11.25 -47.72 -40.09
N GLU B 211 12.44 -48.29 -40.17
CA GLU B 211 12.66 -49.71 -40.52
C GLU B 211 11.74 -50.62 -39.67
N HIS B 212 11.59 -50.39 -38.36
CA HIS B 212 10.79 -51.27 -37.46
C HIS B 212 9.45 -50.62 -37.10
N ALA B 213 8.90 -49.78 -37.98
CA ALA B 213 7.60 -49.10 -37.75
C ALA B 213 6.49 -50.13 -37.52
N VAL B 214 6.49 -51.22 -38.31
CA VAL B 214 5.48 -52.28 -38.14
C VAL B 214 6.23 -53.60 -38.09
N ALA B 215 5.57 -54.65 -37.62
CA ALA B 215 6.21 -55.98 -37.46
C ALA B 215 6.58 -56.60 -38.83
N GLU C 36 -39.66 10.19 9.92
CA GLU C 36 -38.32 10.73 9.54
C GLU C 36 -38.17 12.14 10.09
N LEU C 37 -37.05 12.45 10.72
CA LEU C 37 -36.78 13.83 11.18
C LEU C 37 -36.24 14.65 10.01
N GLN C 38 -36.86 15.80 9.76
CA GLN C 38 -36.45 16.74 8.69
C GLN C 38 -34.95 17.05 8.80
N LYS C 39 -34.47 17.26 10.02
CA LYS C 39 -33.06 17.70 10.20
C LYS C 39 -32.08 16.66 9.64
N LEU C 40 -32.40 15.38 9.71
CA LEU C 40 -31.40 14.30 9.46
C LEU C 40 -31.67 13.71 8.07
N GLN C 41 -32.62 14.29 7.31
CA GLN C 41 -32.99 13.71 5.98
C GLN C 41 -31.81 13.84 5.02
N TRP C 42 -31.60 12.80 4.23
CA TRP C 42 -30.53 12.71 3.20
C TRP C 42 -29.17 12.97 3.88
N ALA C 43 -29.02 12.69 5.17
CA ALA C 43 -27.70 12.75 5.83
C ALA C 43 -27.20 11.33 6.11
N LYS C 44 -25.89 11.14 6.01
CA LYS C 44 -25.22 9.87 6.27
C LYS C 44 -24.78 9.86 7.74
N GLN C 45 -25.02 8.74 8.39
CA GLN C 45 -24.63 8.53 9.79
C GLN C 45 -23.30 7.76 9.87
N THR C 46 -22.34 8.30 10.63
CA THR C 46 -21.06 7.63 10.97
C THR C 46 -20.83 7.72 12.48
N THR C 47 -19.98 6.86 13.01
CA THR C 47 -19.60 6.89 14.44
C THR C 47 -18.31 7.66 14.60
N SER C 48 -18.16 8.25 15.75
CA SER C 48 -16.90 8.86 16.18
C SER C 48 -16.72 8.67 17.69
N ILE C 49 -15.61 9.19 18.17
CA ILE C 49 -15.24 9.22 19.61
C ILE C 49 -14.97 10.68 19.92
N CYS C 50 -15.47 11.14 21.06
CA CYS C 50 -15.34 12.55 21.49
C CYS C 50 -13.87 12.99 21.44
N CYS C 51 -13.64 14.23 21.00
CA CYS C 51 -12.30 14.81 20.86
C CYS C 51 -11.81 15.53 22.12
N TYR C 52 -12.57 15.50 23.22
CA TYR C 52 -12.17 16.17 24.47
C TYR C 52 -11.57 15.15 25.44
N CYS C 53 -12.23 14.80 26.55
CA CYS C 53 -11.51 14.09 27.64
C CYS C 53 -11.35 12.58 27.36
N ALA C 54 -10.56 11.94 28.23
CA ALA C 54 -10.13 10.54 28.08
C ALA C 54 -11.18 9.56 28.60
N VAL C 55 -12.41 9.97 28.84
CA VAL C 55 -13.52 8.99 29.02
C VAL C 55 -13.70 8.20 27.71
N GLY C 56 -13.69 8.85 26.56
CA GLY C 56 -13.81 8.18 25.25
C GLY C 56 -15.26 7.89 24.86
N CYS C 57 -16.18 8.82 25.15
CA CYS C 57 -17.60 8.73 24.78
C CYS C 57 -17.72 8.56 23.26
N GLY C 58 -18.71 7.75 22.88
CA GLY C 58 -19.12 7.54 21.50
C GLY C 58 -20.05 8.60 20.98
N LEU C 59 -19.84 9.01 19.73
CA LEU C 59 -20.68 9.99 19.02
C LEU C 59 -21.35 9.31 17.81
N ILE C 60 -22.46 9.89 17.38
CA ILE C 60 -23.04 9.71 16.03
C ILE C 60 -23.01 11.05 15.31
N VAL C 61 -22.44 11.03 14.10
CA VAL C 61 -22.28 12.23 13.26
C VAL C 61 -23.21 12.02 12.06
N HIS C 62 -24.08 12.98 11.81
CA HIS C 62 -24.86 13.05 10.54
C HIS C 62 -24.24 14.11 9.62
N THR C 63 -23.97 13.72 8.36
CA THR C 63 -23.25 14.53 7.35
C THR C 63 -24.17 14.70 6.13
N ALA C 64 -24.45 15.94 5.78
CA ALA C 64 -25.40 16.25 4.67
C ALA C 64 -24.96 15.58 3.36
N LYS C 65 -25.96 15.40 2.49
CA LYS C 65 -25.89 14.95 1.07
C LYS C 65 -25.19 13.60 1.07
N ASP C 66 -25.63 12.71 1.96
CA ASP C 66 -25.11 11.34 2.11
C ASP C 66 -23.58 11.35 2.21
N GLY C 67 -23.01 12.31 2.97
CA GLY C 67 -21.56 12.30 3.30
C GLY C 67 -20.79 13.36 2.53
N GLN C 68 -21.45 14.02 1.56
CA GLN C 68 -20.75 14.88 0.58
C GLN C 68 -20.79 16.34 1.04
N GLY C 69 -21.55 16.66 2.10
CA GLY C 69 -21.66 18.04 2.60
C GLY C 69 -21.09 18.19 4.02
N ARG C 70 -21.57 19.21 4.71
CA ARG C 70 -21.11 19.52 6.08
C ARG C 70 -21.80 18.63 7.12
N ALA C 71 -21.25 18.58 8.34
CA ALA C 71 -22.01 17.94 9.45
C ALA C 71 -23.31 18.73 9.64
N VAL C 72 -24.40 18.03 9.93
CA VAL C 72 -25.70 18.65 10.28
C VAL C 72 -26.06 18.40 11.75
N ASN C 73 -25.52 17.36 12.36
CA ASN C 73 -25.84 17.02 13.76
C ASN C 73 -24.71 16.18 14.34
N VAL C 74 -24.37 16.39 15.61
CA VAL C 74 -23.46 15.48 16.34
C VAL C 74 -24.08 15.29 17.73
N GLU C 75 -24.32 14.04 18.10
CA GLU C 75 -24.86 13.71 19.44
C GLU C 75 -24.30 12.36 19.86
N GLY C 76 -24.77 11.81 20.96
CA GLY C 76 -24.15 10.60 21.49
C GLY C 76 -24.54 9.32 20.78
N ASP C 77 -23.65 8.34 20.89
CA ASP C 77 -23.85 7.00 20.31
C ASP C 77 -24.56 6.16 21.36
N PRO C 78 -25.85 5.86 21.11
CA PRO C 78 -26.64 5.11 22.08
C PRO C 78 -26.07 3.73 22.39
N ASP C 79 -25.30 3.14 21.47
CA ASP C 79 -24.83 1.75 21.57
C ASP C 79 -23.49 1.69 22.30
N HIS C 80 -22.84 2.83 22.52
CA HIS C 80 -21.49 2.85 23.14
C HIS C 80 -21.59 2.39 24.58
N PRO C 81 -20.79 1.39 25.02
CA PRO C 81 -20.90 0.89 26.40
C PRO C 81 -20.44 1.83 27.51
N ILE C 82 -19.71 2.89 27.21
CA ILE C 82 -19.22 3.82 28.26
C ILE C 82 -20.24 4.93 28.48
N ASN C 83 -20.64 5.63 27.44
CA ASN C 83 -21.57 6.77 27.61
C ASN C 83 -23.02 6.37 27.35
N GLU C 84 -23.34 5.34 26.58
CA GLU C 84 -24.73 4.94 26.30
C GLU C 84 -25.52 6.15 25.73
N GLY C 85 -24.92 6.97 24.87
CA GLY C 85 -25.66 8.10 24.29
C GLY C 85 -25.41 9.41 25.04
N SER C 86 -24.99 9.36 26.30
CA SER C 86 -24.78 10.57 27.13
C SER C 86 -23.62 11.40 26.60
N LEU C 87 -23.71 12.71 26.73
CA LEU C 87 -22.55 13.62 26.45
C LEU C 87 -22.61 14.79 27.42
N CYS C 88 -21.46 15.25 27.92
CA CYS C 88 -21.34 16.49 28.73
C CYS C 88 -21.43 17.65 27.73
N PRO C 89 -21.36 18.93 28.17
CA PRO C 89 -21.56 20.07 27.28
C PRO C 89 -20.45 20.17 26.23
N LYS C 90 -19.28 19.60 26.49
CA LYS C 90 -18.16 19.66 25.51
C LYS C 90 -18.46 18.70 24.37
N GLY C 91 -18.70 17.43 24.65
CA GLY C 91 -19.07 16.48 23.59
C GLY C 91 -20.36 16.91 22.89
N ALA C 92 -21.34 17.42 23.63
CA ALA C 92 -22.64 17.82 23.08
C ALA C 92 -22.52 19.01 22.14
N SER C 93 -21.45 19.78 22.22
CA SER C 93 -21.22 20.98 21.37
C SER C 93 -20.21 20.72 20.23
N ILE C 94 -19.79 19.49 20.00
CA ILE C 94 -18.80 19.22 18.91
C ILE C 94 -19.31 19.75 17.57
N PHE C 95 -20.61 19.71 17.31
CA PHE C 95 -21.14 20.30 16.06
C PHE C 95 -20.64 21.73 15.88
N GLN C 96 -20.72 22.51 16.95
CA GLN C 96 -20.37 23.95 16.97
C GLN C 96 -18.86 24.10 16.82
N LEU C 97 -18.07 23.15 17.31
CA LEU C 97 -16.62 23.21 17.12
C LEU C 97 -16.29 23.03 15.63
N GLY C 98 -16.85 21.98 15.03
CA GLY C 98 -16.49 21.63 13.64
C GLY C 98 -17.09 22.59 12.64
N GLU C 99 -18.37 22.94 12.80
CA GLU C 99 -19.03 23.82 11.81
C GLU C 99 -18.90 25.26 12.30
N ASN C 100 -17.71 25.78 12.24
CA ASN C 100 -17.35 26.99 13.01
C ASN C 100 -16.68 27.95 12.06
N ASP C 101 -17.29 29.12 11.85
CA ASP C 101 -16.77 30.09 10.85
C ASP C 101 -15.53 30.81 11.37
N GLN C 102 -15.05 30.57 12.58
CA GLN C 102 -13.78 31.15 13.08
C GLN C 102 -12.61 30.20 12.79
N ARG C 103 -12.86 28.98 12.35
CA ARG C 103 -11.77 27.99 12.10
C ARG C 103 -10.80 28.52 11.05
N GLY C 104 -9.55 28.12 11.16
CA GLY C 104 -8.62 28.38 10.05
C GLY C 104 -9.14 27.76 8.75
N THR C 105 -8.86 28.38 7.60
CA THR C 105 -9.29 27.91 6.28
C THR C 105 -8.10 27.53 5.40
N GLN C 106 -6.96 28.19 5.60
CA GLN C 106 -5.74 27.89 4.83
C GLN C 106 -4.53 28.34 5.62
N PRO C 107 -3.33 27.97 5.18
CA PRO C 107 -2.11 28.46 5.82
C PRO C 107 -2.01 29.98 5.85
N LEU C 108 -1.42 30.47 6.93
CA LEU C 108 -1.10 31.89 7.12
C LEU C 108 0.39 32.03 7.42
N TYR C 109 0.97 33.11 6.92
CA TYR C 109 2.40 33.38 7.06
C TYR C 109 2.61 34.74 7.69
N ARG C 110 3.42 34.82 8.76
CA ARG C 110 3.81 36.10 9.41
C ARG C 110 5.31 36.28 9.20
N ALA C 111 5.67 37.28 8.38
CA ALA C 111 7.08 37.64 8.12
C ALA C 111 7.68 38.18 9.41
N PRO C 112 9.00 38.08 9.58
CA PRO C 112 9.71 38.75 10.66
C PRO C 112 9.30 40.24 10.75
N PHE C 113 9.01 40.71 11.96
CA PHE C 113 8.71 42.14 12.27
C PHE C 113 7.42 42.63 11.62
N SER C 114 6.60 41.76 11.04
CA SER C 114 5.28 42.11 10.44
C SER C 114 4.15 42.15 11.48
N ASP C 115 3.14 43.00 11.26
CA ASP C 115 1.97 43.07 12.18
C ASP C 115 0.77 42.37 11.54
N THR C 116 0.90 41.72 10.37
CA THR C 116 -0.23 41.03 9.68
C THR C 116 0.15 39.63 9.23
N TRP C 117 -0.90 38.82 9.08
CA TRP C 117 -0.86 37.50 8.43
C TRP C 117 -1.03 37.68 6.94
N LYS C 118 -0.32 36.88 6.16
CA LYS C 118 -0.52 36.76 4.71
C LYS C 118 -1.06 35.36 4.44
N PRO C 119 -2.22 35.19 3.79
CA PRO C 119 -2.69 33.88 3.35
C PRO C 119 -1.73 33.34 2.28
N VAL C 120 -1.34 32.10 2.45
CA VAL C 120 -0.41 31.43 1.50
C VAL C 120 -0.92 30.04 1.19
N THR C 121 -0.40 29.43 0.13
CA THR C 121 -0.82 28.07 -0.27
C THR C 121 -0.12 27.06 0.63
N TRP C 122 -0.66 25.87 0.67
CA TRP C 122 0.03 24.72 1.31
C TRP C 122 1.38 24.52 0.65
N ASP C 123 1.46 24.63 -0.68
CA ASP C 123 2.75 24.36 -1.35
C ASP C 123 3.77 25.38 -0.88
N PHE C 124 3.41 26.65 -0.79
CA PHE C 124 4.37 27.67 -0.29
C PHE C 124 4.77 27.33 1.15
N ALA C 125 3.78 27.11 2.02
CA ALA C 125 4.06 26.98 3.47
C ALA C 125 4.97 25.78 3.70
N LEU C 126 4.65 24.64 3.10
CA LEU C 126 5.42 23.42 3.41
C LEU C 126 6.78 23.45 2.71
N THR C 127 6.86 23.98 1.50
CA THR C 127 8.18 24.14 0.84
CA THR C 127 8.16 24.21 0.80
C THR C 127 9.08 25.06 1.69
N GLU C 128 8.56 26.16 2.22
CA GLU C 128 9.36 27.09 3.04
C GLU C 128 9.67 26.44 4.39
N ILE C 129 8.72 25.78 5.04
CA ILE C 129 9.05 25.11 6.31
C ILE C 129 10.15 24.09 6.05
N ALA C 130 10.09 23.30 4.98
CA ALA C 130 11.16 22.31 4.71
C ALA C 130 12.53 23.03 4.64
N LYS C 131 12.58 24.19 4.02
CA LYS C 131 13.82 24.99 3.93
C LYS C 131 14.29 25.42 5.34
N ARG C 132 13.36 25.86 6.21
CA ARG C 132 13.78 26.32 7.55
C ARG C 132 14.29 25.15 8.37
N ILE C 133 13.60 24.03 8.33
CA ILE C 133 14.04 22.80 9.03
C ILE C 133 15.47 22.51 8.56
N LYS C 134 15.66 22.45 7.25
CA LYS C 134 16.91 21.91 6.68
C LYS C 134 18.04 22.88 7.04
N LYS C 135 17.78 24.18 6.93
CA LYS C 135 18.80 25.20 7.24
C LYS C 135 19.22 25.05 8.71
N THR C 136 18.25 24.99 9.61
CA THR C 136 18.51 24.84 11.05
C THR C 136 19.23 23.51 11.32
N ARG C 137 18.74 22.40 10.76
CA ARG C 137 19.32 21.06 10.97
C ARG C 137 20.76 21.08 10.45
N ASP C 138 21.02 21.52 9.24
CA ASP C 138 22.39 21.46 8.66
C ASP C 138 23.37 22.26 9.52
N ALA C 139 22.92 23.38 10.11
CA ALA C 139 23.76 24.29 10.92
C ALA C 139 23.97 23.71 12.32
N SER C 140 23.02 22.94 12.86
CA SER C 140 23.07 22.52 14.29
C SER C 140 23.44 21.05 14.44
N PHE C 141 23.31 20.21 13.41
CA PHE C 141 23.46 18.75 13.59
C PHE C 141 24.86 18.45 14.14
N THR C 142 24.90 17.66 15.20
CA THR C 142 26.10 17.14 15.89
C THR C 142 26.20 15.62 15.67
N GLU C 143 27.23 15.16 14.98
CA GLU C 143 27.51 13.70 14.91
C GLU C 143 27.98 13.23 16.29
N LYS C 144 29.02 13.86 16.86
CA LYS C 144 29.57 13.45 18.19
C LYS C 144 29.47 14.61 19.18
N ASN C 145 29.30 14.30 20.46
CA ASN C 145 29.22 15.29 21.56
C ASN C 145 30.66 15.66 21.97
N ALA C 146 30.79 16.61 22.90
CA ALA C 146 32.07 17.07 23.50
C ALA C 146 32.99 15.88 23.79
N ALA C 147 32.46 14.85 24.45
CA ALA C 147 33.21 13.66 24.91
C ALA C 147 33.58 12.70 23.76
N GLY C 148 33.19 12.97 22.51
CA GLY C 148 33.55 12.14 21.35
C GLY C 148 32.60 10.97 21.10
N ASP C 149 31.46 10.88 21.82
CA ASP C 149 30.45 9.81 21.69
C ASP C 149 29.41 10.18 20.61
N LEU C 150 28.97 9.20 19.81
CA LEU C 150 27.94 9.38 18.75
C LEU C 150 26.63 9.81 19.39
N VAL C 151 26.04 10.90 18.89
CA VAL C 151 24.70 11.37 19.35
C VAL C 151 23.77 11.69 18.16
N ASN C 152 24.31 12.02 16.98
CA ASN C 152 23.51 12.23 15.73
C ASN C 152 22.24 13.03 16.04
N ARG C 153 22.41 14.25 16.51
CA ARG C 153 21.25 15.03 16.97
C ARG C 153 21.34 16.49 16.60
N THR C 154 20.15 17.08 16.55
CA THR C 154 19.90 18.50 16.33
C THR C 154 19.38 19.05 17.65
N GLU C 155 20.10 20.00 18.27
CA GLU C 155 19.60 20.61 19.53
C GLU C 155 18.93 21.96 19.25
N ALA C 156 18.83 22.43 18.00
CA ALA C 156 18.37 23.79 17.70
C ALA C 156 16.87 23.85 17.40
N ILE C 157 16.18 22.71 17.44
CA ILE C 157 14.72 22.65 17.16
C ILE C 157 14.04 21.89 18.28
N ALA C 158 12.94 22.44 18.79
CA ALA C 158 12.07 21.73 19.75
C ALA C 158 10.70 21.49 19.12
N SER C 159 9.97 20.56 19.72
CA SER C 159 8.58 20.26 19.34
C SER C 159 7.76 20.06 20.61
N PHE C 160 6.60 20.69 20.60
CA PHE C 160 5.54 20.49 21.60
C PHE C 160 4.30 19.98 20.89
N GLY C 161 3.77 18.83 21.33
CA GLY C 161 2.45 18.37 20.84
C GLY C 161 2.50 16.95 20.32
N SER C 162 1.37 16.23 20.29
CA SER C 162 0.11 16.65 20.90
C SER C 162 -0.74 15.42 21.19
N ALA C 163 -1.34 15.41 22.39
CA ALA C 163 -2.33 14.42 22.83
C ALA C 163 -3.66 14.62 22.12
N ALA C 164 -3.83 15.67 21.32
CA ALA C 164 -5.06 15.88 20.53
C ALA C 164 -5.02 15.09 19.21
N MET C 165 -3.85 14.62 18.77
CA MET C 165 -3.72 13.95 17.45
C MET C 165 -4.12 12.48 17.62
N ASP C 166 -4.59 11.85 16.55
CA ASP C 166 -4.89 10.39 16.54
C ASP C 166 -3.59 9.61 16.83
N ASN C 167 -3.70 8.34 17.19
CA ASN C 167 -2.53 7.55 17.63
C ASN C 167 -1.56 7.32 16.46
N GLU C 168 -2.11 7.20 15.24
CA GLU C 168 -1.29 6.93 14.04
C GLU C 168 -0.52 8.20 13.70
N GLU C 169 -1.17 9.35 13.91
CA GLU C 169 -0.50 10.66 13.71
C GLU C 169 0.57 10.90 14.75
N CYS C 170 0.31 10.60 16.02
CA CYS C 170 1.32 10.76 17.10
C CYS C 170 2.58 9.92 16.79
N TRP C 171 2.36 8.67 16.43
CA TRP C 171 3.46 7.72 16.16
C TRP C 171 4.30 8.23 14.98
N ALA C 172 3.65 8.57 13.88
CA ALA C 172 4.35 9.09 12.68
C ALA C 172 5.09 10.37 13.06
N TYR C 173 4.45 11.25 13.83
CA TYR C 173 5.05 12.58 14.14
C TYR C 173 6.36 12.39 14.90
N GLY C 174 6.34 11.56 15.93
CA GLY C 174 7.55 11.28 16.70
C GLY C 174 8.67 10.73 15.83
N ASN C 175 8.33 9.87 14.88
CA ASN C 175 9.40 9.25 14.05
CA ASN C 175 9.30 9.23 13.95
C ASN C 175 9.91 10.28 13.04
N ILE C 176 9.06 11.19 12.55
CA ILE C 176 9.54 12.30 11.70
C ILE C 176 10.54 13.13 12.49
N LEU C 177 10.20 13.52 13.74
CA LEU C 177 11.06 14.43 14.50
C LEU C 177 12.38 13.71 14.80
N ARG C 178 12.33 12.42 15.16
CA ARG C 178 13.59 11.71 15.55
C ARG C 178 14.41 11.46 14.28
N SER C 179 13.77 11.27 13.14
CA SER C 179 14.53 11.10 11.86
C SER C 179 15.28 12.41 11.56
N LEU C 180 14.74 13.55 11.95
CA LEU C 180 15.34 14.89 11.78
C LEU C 180 16.41 15.15 12.85
N GLY C 181 16.53 14.27 13.84
CA GLY C 181 17.59 14.28 14.86
C GLY C 181 17.15 15.00 16.12
N LEU C 182 15.84 15.28 16.30
CA LEU C 182 15.42 16.03 17.52
C LEU C 182 15.53 15.15 18.78
N VAL C 183 15.90 15.78 19.89
CA VAL C 183 15.74 15.18 21.24
C VAL C 183 14.73 15.97 22.07
N TYR C 184 14.54 17.27 21.81
CA TYR C 184 13.61 18.14 22.59
C TYR C 184 12.18 17.96 22.05
N ILE C 185 11.59 16.83 22.37
CA ILE C 185 10.26 16.36 21.89
C ILE C 185 9.38 16.16 23.12
N GLU C 186 8.37 17.00 23.29
CA GLU C 186 7.55 16.99 24.51
C GLU C 186 6.09 17.22 24.13
N HIS C 187 5.19 17.01 25.06
CA HIS C 187 3.75 17.34 24.83
C HIS C 187 3.07 17.43 26.19
N GLN C 188 1.74 17.47 26.12
CA GLN C 188 0.84 17.60 27.28
C GLN C 188 1.32 16.71 28.43
N ALA C 189 1.68 15.45 28.15
CA ALA C 189 1.96 14.46 29.22
C ALA C 189 2.98 15.04 30.22
N ARG C 190 3.95 15.84 29.78
CA ARG C 190 5.02 16.38 30.65
C ARG C 190 4.40 17.17 31.81
N ILE C 191 3.38 17.97 31.50
CA ILE C 191 2.75 18.97 32.43
C ILE C 191 1.43 18.44 32.96
N SEC C 192 1.22 17.12 32.77
CA SEC C 192 -0.04 16.47 33.10
C SEC C 192 0.20 15.24 33.95
N HIS C 193 0.42 14.03 33.37
CA HIS C 193 0.49 12.81 34.16
C HIS C 193 1.90 12.24 34.12
N SER C 194 2.90 13.04 33.74
CA SER C 194 4.30 12.55 33.77
C SER C 194 4.64 11.89 35.11
N PRO C 195 4.25 12.42 36.30
CA PRO C 195 4.65 11.82 37.56
C PRO C 195 3.96 10.48 37.82
N THR C 196 2.78 10.31 37.24
CA THR C 196 2.04 9.05 37.38
C THR C 196 2.90 7.90 36.86
N VAL C 197 3.63 8.09 35.78
CA VAL C 197 4.21 6.92 35.11
C VAL C 197 5.29 6.30 36.01
N PRO C 198 6.32 7.03 36.45
CA PRO C 198 7.29 6.44 37.37
C PRO C 198 6.66 6.09 38.74
N ALA C 199 5.70 6.87 39.22
CA ALA C 199 5.07 6.59 40.54
C ALA C 199 4.43 5.19 40.48
N LEU C 200 3.61 4.91 39.47
CA LEU C 200 2.89 3.63 39.39
C LEU C 200 3.80 2.54 38.83
N ALA C 201 4.73 2.87 37.92
CA ALA C 201 5.71 1.87 37.44
C ALA C 201 6.58 1.41 38.62
N GLU C 202 7.01 2.32 39.50
CA GLU C 202 7.79 1.93 40.71
C GLU C 202 6.94 0.96 41.53
N SER C 203 5.64 1.27 41.65
CA SER C 203 4.74 0.54 42.58
C SER C 203 4.30 -0.78 41.95
N PHE C 204 3.88 -0.78 40.68
CA PHE C 204 3.18 -1.92 40.07
C PHE C 204 3.88 -2.47 38.82
N GLY C 205 4.78 -1.69 38.21
CA GLY C 205 5.49 -2.13 36.99
C GLY C 205 5.03 -1.38 35.75
N ARG C 206 3.83 -0.79 35.75
CA ARG C 206 3.35 0.05 34.61
C ARG C 206 2.82 1.39 35.13
N GLY C 207 2.73 2.36 34.23
CA GLY C 207 2.35 3.73 34.56
C GLY C 207 0.88 4.01 34.27
N ALA C 208 0.16 3.09 33.63
CA ALA C 208 -1.22 3.29 33.11
C ALA C 208 -2.26 3.20 34.23
N MET C 209 -3.38 3.88 34.02
CA MET C 209 -4.60 3.65 34.84
C MET C 209 -4.86 2.15 34.85
N THR C 210 -5.07 1.59 36.04
CA THR C 210 -5.05 0.14 36.23
C THR C 210 -6.37 -0.47 35.83
N ASN C 211 -7.48 0.25 36.02
CA ASN C 211 -8.79 -0.34 35.70
C ASN C 211 -9.40 0.51 34.56
N HIS C 212 -10.69 0.70 34.54
CA HIS C 212 -11.35 1.40 33.41
C HIS C 212 -12.67 1.96 33.90
N TRP C 213 -13.30 2.82 33.10
CA TRP C 213 -14.47 3.61 33.54
C TRP C 213 -15.62 2.73 34.01
N ASN C 214 -16.05 1.75 33.21
CA ASN C 214 -17.20 0.88 33.53
C ASN C 214 -16.96 0.16 34.85
N ASP C 215 -15.72 -0.10 35.17
CA ASP C 215 -15.32 -0.88 36.39
C ASP C 215 -15.63 -0.06 37.65
N LEU C 216 -15.75 1.27 37.58
CA LEU C 216 -16.03 2.08 38.80
C LEU C 216 -17.34 1.61 39.43
N ALA C 217 -18.28 1.08 38.65
CA ALA C 217 -19.60 0.69 39.19
C ALA C 217 -19.44 -0.52 40.14
N ASN C 218 -18.29 -1.19 40.10
CA ASN C 218 -18.05 -2.39 40.95
C ASN C 218 -17.49 -2.01 42.32
N SER C 219 -17.16 -0.74 42.56
CA SER C 219 -16.41 -0.30 43.76
C SER C 219 -17.35 -0.20 44.96
N ASP C 220 -16.83 -0.49 46.14
CA ASP C 220 -17.54 -0.35 47.43
C ASP C 220 -17.24 1.00 48.06
N CYS C 221 -16.15 1.66 47.70
CA CYS C 221 -15.79 2.97 48.26
C CYS C 221 -14.93 3.71 47.25
N ILE C 222 -15.45 4.80 46.73
CA ILE C 222 -14.75 5.60 45.71
C ILE C 222 -14.23 6.85 46.36
N LEU C 223 -12.93 6.96 46.47
CA LEU C 223 -12.25 8.16 46.95
C LEU C 223 -11.85 8.96 45.72
N ILE C 224 -12.37 10.17 45.65
CA ILE C 224 -12.03 11.14 44.56
C ILE C 224 -11.17 12.19 45.24
N MET C 225 -9.89 12.24 44.93
CA MET C 225 -8.94 13.11 45.65
C MET C 225 -7.89 13.62 44.66
N GLY C 226 -7.76 14.94 44.55
CA GLY C 226 -6.94 15.54 43.48
C GLY C 226 -7.60 15.35 42.11
N SER C 227 -8.93 15.23 42.08
CA SER C 227 -9.74 15.04 40.86
C SER C 227 -11.06 15.77 41.06
N ASN C 228 -11.59 16.36 40.01
CA ASN C 228 -12.93 16.97 40.03
C ASN C 228 -13.75 16.25 38.97
N ALA C 229 -13.93 14.93 39.11
CA ALA C 229 -14.37 14.04 38.01
C ALA C 229 -15.76 14.42 37.47
N ALA C 230 -16.69 14.94 38.29
CA ALA C 230 -18.03 15.27 37.76
C ALA C 230 -17.94 16.40 36.73
N GLU C 231 -16.93 17.26 36.83
CA GLU C 231 -16.70 18.37 35.89
C GLU C 231 -15.70 17.96 34.80
N ASN C 232 -14.69 17.17 35.15
CA ASN C 232 -13.52 16.94 34.23
C ASN C 232 -13.55 15.58 33.57
N HIS C 233 -14.35 14.65 34.04
CA HIS C 233 -14.63 13.38 33.37
C HIS C 233 -16.10 13.05 33.49
N PRO C 234 -17.01 13.93 33.03
CA PRO C 234 -18.39 13.89 33.51
C PRO C 234 -19.10 12.55 33.33
N ILE C 235 -18.91 11.84 32.22
CA ILE C 235 -19.64 10.55 31.99
C ILE C 235 -19.13 9.52 33.01
N ALA C 236 -17.95 9.69 33.58
CA ALA C 236 -17.46 8.81 34.65
C ALA C 236 -18.48 8.80 35.79
N PHE C 237 -19.20 9.91 36.00
CA PHE C 237 -20.18 9.98 37.12
C PHE C 237 -21.38 9.08 36.89
N LYS C 238 -21.64 8.70 35.65
CA LYS C 238 -22.66 7.66 35.35
C LYS C 238 -22.31 6.39 36.14
N TRP C 239 -21.02 6.03 36.10
CA TRP C 239 -20.55 4.77 36.71
C TRP C 239 -20.34 4.94 38.20
N VAL C 240 -19.84 6.11 38.61
CA VAL C 240 -19.67 6.46 40.05
C VAL C 240 -21.03 6.39 40.74
N LEU C 241 -22.06 7.02 40.17
CA LEU C 241 -23.41 7.02 40.80
C LEU C 241 -24.00 5.60 40.78
N ARG C 242 -23.65 4.80 39.79
CA ARG C 242 -24.13 3.39 39.76
C ARG C 242 -23.48 2.62 40.90
N ALA C 243 -22.23 2.90 41.22
CA ALA C 243 -21.56 2.25 42.38
C ALA C 243 -22.37 2.62 43.62
N LYS C 244 -22.71 3.90 43.76
CA LYS C 244 -23.44 4.38 44.96
C LYS C 244 -24.82 3.72 45.01
N ASP C 245 -25.50 3.53 43.88
CA ASP C 245 -26.80 2.81 43.80
C ASP C 245 -26.65 1.40 44.41
N LYS C 246 -25.48 0.80 44.30
CA LYS C 246 -25.23 -0.60 44.75
C LYS C 246 -24.60 -0.59 46.14
N GLY C 247 -24.51 0.56 46.80
CA GLY C 247 -24.14 0.65 48.23
C GLY C 247 -22.81 1.33 48.45
N ALA C 248 -22.11 1.81 47.43
CA ALA C 248 -20.79 2.37 47.65
C ALA C 248 -20.91 3.68 48.41
N THR C 249 -19.90 4.03 49.20
CA THR C 249 -19.69 5.37 49.75
C THR C 249 -18.84 6.16 48.75
N LEU C 250 -19.24 7.38 48.45
CA LEU C 250 -18.48 8.32 47.59
C LEU C 250 -17.88 9.39 48.49
N ILE C 251 -16.58 9.59 48.39
CA ILE C 251 -15.81 10.56 49.20
C ILE C 251 -15.05 11.50 48.27
N HIS C 252 -15.20 12.79 48.47
CA HIS C 252 -14.45 13.82 47.75
C HIS C 252 -13.58 14.57 48.76
N VAL C 253 -12.27 14.54 48.54
CA VAL C 253 -11.30 15.36 49.31
C VAL C 253 -10.69 16.40 48.38
N ASP C 254 -11.00 17.68 48.60
CA ASP C 254 -10.60 18.79 47.69
C ASP C 254 -10.51 20.07 48.49
N PRO C 255 -9.55 20.96 48.20
CA PRO C 255 -9.54 22.29 48.80
C PRO C 255 -10.83 23.08 48.55
N ARG C 256 -11.62 22.71 47.55
CA ARG C 256 -12.88 23.42 47.23
C ARG C 256 -14.06 22.45 47.18
N PHE C 257 -15.24 22.99 47.45
CA PHE C 257 -16.50 22.25 47.25
C PHE C 257 -16.91 22.48 45.82
N THR C 258 -17.03 21.40 45.07
CA THR C 258 -17.23 21.46 43.60
C THR C 258 -18.52 20.78 43.22
N ARG C 259 -18.77 20.71 41.90
CA ARG C 259 -19.95 19.99 41.41
C ARG C 259 -19.81 18.49 41.73
N THR C 260 -18.57 17.96 41.83
CA THR C 260 -18.35 16.58 42.33
C THR C 260 -18.86 16.48 43.77
N SER C 261 -18.41 17.42 44.58
CA SER C 261 -18.64 17.38 46.05
C SER C 261 -20.14 17.28 46.31
N ALA C 262 -20.94 17.98 45.51
CA ALA C 262 -22.41 18.05 45.66
C ALA C 262 -23.04 16.67 45.62
N ARG C 263 -22.42 15.72 44.91
CA ARG C 263 -23.04 14.38 44.70
C ARG C 263 -22.33 13.26 45.47
N CYS C 264 -21.40 13.59 46.36
CA CYS C 264 -20.68 12.58 47.17
C CYS C 264 -21.31 12.51 48.56
N ASP C 265 -21.11 11.38 49.22
CA ASP C 265 -21.63 11.14 50.59
C ASP C 265 -20.80 11.95 51.60
N VAL C 266 -19.50 12.04 51.41
CA VAL C 266 -18.53 12.69 52.32
C VAL C 266 -17.71 13.67 51.50
N TYR C 267 -17.65 14.91 51.95
CA TYR C 267 -16.76 15.97 51.44
C TYR C 267 -15.87 16.45 52.58
N ALA C 268 -14.56 16.43 52.36
CA ALA C 268 -13.57 16.93 53.32
C ALA C 268 -12.64 17.86 52.57
N PRO C 269 -12.33 19.03 53.14
CA PRO C 269 -11.41 19.97 52.53
C PRO C 269 -10.00 19.50 52.89
N ILE C 270 -9.04 19.85 52.02
CA ILE C 270 -7.59 19.67 52.23
C ILE C 270 -6.90 20.88 51.61
N ARG C 271 -5.88 21.39 52.30
CA ARG C 271 -5.04 22.49 51.74
C ARG C 271 -4.24 21.96 50.55
N SER C 272 -4.14 22.78 49.50
CA SER C 272 -3.31 22.45 48.32
C SER C 272 -1.88 22.16 48.81
N GLY C 273 -1.29 21.05 48.37
CA GLY C 273 0.09 20.69 48.69
C GLY C 273 0.20 19.88 49.97
N ALA C 274 -0.92 19.49 50.60
CA ALA C 274 -0.88 18.75 51.90
C ALA C 274 -1.43 17.32 51.76
N ASP C 275 -1.35 16.72 50.58
CA ASP C 275 -1.86 15.35 50.37
C ASP C 275 -1.04 14.29 51.11
N ILE C 276 0.28 14.41 51.15
CA ILE C 276 1.13 13.33 51.74
C ILE C 276 0.84 13.22 53.23
N PRO C 277 0.72 14.31 54.02
CA PRO C 277 0.27 14.16 55.41
C PRO C 277 -1.03 13.34 55.53
N PHE C 278 -2.02 13.66 54.71
CA PHE C 278 -3.30 12.93 54.69
C PHE C 278 -3.10 11.44 54.40
N LEU C 279 -2.38 11.14 53.31
CA LEU C 279 -2.17 9.75 52.87
C LEU C 279 -1.24 9.02 53.87
N GLY C 280 -0.17 9.65 54.33
CA GLY C 280 0.73 9.08 55.37
C GLY C 280 -0.07 8.76 56.63
N GLY C 281 -1.00 9.64 57.01
CA GLY C 281 -1.97 9.38 58.10
C GLY C 281 -2.78 8.13 57.88
N LEU C 282 -3.26 7.89 56.66
CA LEU C 282 -4.10 6.71 56.37
C LEU C 282 -3.21 5.47 56.38
N ILE C 283 -1.94 5.58 55.98
CA ILE C 283 -0.99 4.43 56.03
C ILE C 283 -0.81 4.06 57.50
N LYS C 284 -0.49 5.03 58.34
CA LYS C 284 -0.34 4.76 59.80
C LYS C 284 -1.62 4.10 60.32
N TYR C 285 -2.78 4.66 60.02
CA TYR C 285 -4.08 4.15 60.47
C TYR C 285 -4.30 2.69 60.07
N ILE C 286 -3.99 2.35 58.83
CA ILE C 286 -4.19 0.96 58.34
C ILE C 286 -3.23 0.03 59.10
N LEU C 287 -2.00 0.45 59.28
CA LEU C 287 -0.97 -0.41 59.92
C LEU C 287 -1.31 -0.55 61.41
N ASP C 288 -1.53 0.57 62.11
CA ASP C 288 -1.88 0.58 63.57
C ASP C 288 -3.09 -0.33 63.79
N ASN C 289 -4.10 -0.31 62.92
CA ASN C 289 -5.41 -0.95 63.18
C ASN C 289 -5.49 -2.33 62.58
N LYS C 290 -4.42 -2.82 61.93
CA LYS C 290 -4.38 -4.18 61.33
C LYS C 290 -5.54 -4.31 60.34
N LEU C 291 -5.70 -3.30 59.49
CA LEU C 291 -6.78 -3.27 58.47
C LEU C 291 -6.23 -3.73 57.11
N TYR C 292 -4.92 -4.01 57.05
CA TYR C 292 -4.32 -4.48 55.79
C TYR C 292 -4.76 -5.90 55.55
N PHE C 293 -4.86 -6.26 54.28
CA PHE C 293 -5.18 -7.63 53.80
C PHE C 293 -3.91 -8.48 53.94
N THR C 294 -3.74 -9.20 55.07
CA THR C 294 -2.46 -9.87 55.43
C THR C 294 -1.92 -10.76 54.31
N ASP C 295 -2.71 -11.69 53.79
CA ASP C 295 -2.24 -12.70 52.82
C ASP C 295 -1.81 -12.04 51.50
N TYR C 296 -2.60 -11.07 51.02
CA TYR C 296 -2.25 -10.26 49.83
C TYR C 296 -0.94 -9.52 50.05
N VAL C 297 -0.78 -8.85 51.20
CA VAL C 297 0.43 -8.05 51.54
C VAL C 297 1.62 -9.01 51.57
N ARG C 298 1.50 -10.13 52.30
CA ARG C 298 2.65 -11.06 52.47
C ARG C 298 3.07 -11.63 51.10
N GLU C 299 2.11 -12.09 50.29
CA GLU C 299 2.39 -12.84 49.04
C GLU C 299 2.72 -11.89 47.87
N TYR C 300 1.98 -10.78 47.72
CA TYR C 300 1.97 -10.02 46.43
C TYR C 300 2.69 -8.67 46.52
N THR C 301 3.01 -8.17 47.70
CA THR C 301 3.79 -6.91 47.86
C THR C 301 5.23 -7.23 48.27
N ASN C 302 6.07 -6.22 48.35
CA ASN C 302 7.48 -6.41 48.80
C ASN C 302 7.58 -6.23 50.33
N ALA C 303 6.47 -6.38 51.05
CA ALA C 303 6.44 -6.26 52.53
C ALA C 303 7.54 -7.10 53.18
N SER C 304 7.76 -8.31 52.66
CA SER C 304 8.74 -9.33 53.17
C SER C 304 10.20 -9.01 52.81
N LEU C 305 10.46 -8.12 51.86
CA LEU C 305 11.84 -7.91 51.36
C LEU C 305 12.67 -7.18 52.41
N ILE C 306 13.91 -7.64 52.56
CA ILE C 306 14.86 -7.02 53.49
C ILE C 306 15.58 -5.89 52.79
N VAL C 307 15.42 -4.69 53.32
CA VAL C 307 16.19 -3.51 52.88
C VAL C 307 17.60 -3.56 53.51
N GLY C 308 18.62 -3.13 52.74
CA GLY C 308 20.01 -2.96 53.18
C GLY C 308 20.15 -2.08 54.42
N GLU C 309 21.22 -2.30 55.20
CA GLU C 309 21.52 -1.52 56.42
C GLU C 309 21.82 -0.05 56.09
N LYS C 310 22.29 0.23 54.87
CA LYS C 310 22.64 1.61 54.45
C LYS C 310 21.39 2.48 54.34
N PHE C 311 20.19 1.89 54.26
CA PHE C 311 18.92 2.67 54.26
C PHE C 311 18.70 3.25 55.65
N SER C 312 18.49 4.55 55.70
CA SER C 312 17.95 5.25 56.89
C SER C 312 17.24 6.53 56.46
N PHE C 313 16.57 7.14 57.43
CA PHE C 313 15.85 8.42 57.28
C PHE C 313 15.92 9.15 58.61
N LYS C 314 16.27 10.44 58.61
CA LYS C 314 16.21 11.27 59.84
C LYS C 314 16.00 12.72 59.44
N ASP C 315 15.05 13.39 60.10
CA ASP C 315 14.77 14.84 59.97
C ASP C 315 14.62 15.19 58.49
N GLY C 316 13.82 14.41 57.74
CA GLY C 316 13.39 14.77 56.39
C GLY C 316 14.38 14.38 55.32
N LEU C 317 15.52 13.77 55.70
CA LEU C 317 16.54 13.32 54.72
C LEU C 317 16.70 11.81 54.84
N PHE C 318 16.62 11.12 53.70
CA PHE C 318 17.03 9.70 53.59
C PHE C 318 18.56 9.69 53.59
N SER C 319 19.09 8.50 53.73
CA SER C 319 20.56 8.24 53.63
C SER C 319 21.08 8.59 52.24
N GLY C 320 22.33 9.02 52.15
CA GLY C 320 23.02 9.25 50.87
C GLY C 320 22.77 10.65 50.33
N TYR C 321 22.27 11.60 51.12
CA TYR C 321 22.00 12.97 50.62
C TYR C 321 23.32 13.73 50.39
N ASP C 322 23.44 14.33 49.20
CA ASP C 322 24.54 15.26 48.84
C ASP C 322 23.96 16.68 48.79
N ALA C 323 24.09 17.43 49.90
CA ALA C 323 23.47 18.76 50.08
C ALA C 323 24.03 19.75 49.05
N ALA C 324 25.33 19.71 48.74
CA ALA C 324 25.97 20.60 47.74
C ALA C 324 25.24 20.48 46.38
N ASN C 325 24.94 19.26 45.91
CA ASN C 325 24.38 19.01 44.56
C ASN C 325 22.86 18.72 44.64
N LYS C 326 22.30 18.68 45.84
CA LYS C 326 20.86 18.35 46.09
C LYS C 326 20.49 17.10 45.28
N LYS C 327 21.13 16.00 45.62
CA LYS C 327 20.97 14.71 44.92
C LYS C 327 21.20 13.62 45.96
N TYR C 328 20.45 12.52 45.86
CA TYR C 328 20.65 11.30 46.66
C TYR C 328 21.48 10.27 45.89
N ASP C 329 22.38 9.59 46.63
CA ASP C 329 23.05 8.33 46.22
C ASP C 329 22.07 7.18 46.50
N LYS C 330 21.30 6.76 45.49
CA LYS C 330 20.15 5.84 45.68
C LYS C 330 20.66 4.44 46.01
N SER C 331 21.95 4.14 45.79
CA SER C 331 22.50 2.80 46.10
C SER C 331 22.43 2.56 47.62
N MET C 332 22.34 3.64 48.40
CA MET C 332 22.18 3.56 49.89
C MET C 332 20.84 2.88 50.20
N TRP C 333 19.89 2.85 49.26
CA TRP C 333 18.53 2.33 49.52
C TRP C 333 18.34 0.92 48.97
N ALA C 334 19.41 0.27 48.49
CA ALA C 334 19.31 -1.07 47.86
C ALA C 334 18.74 -2.11 48.84
N PHE C 335 18.07 -3.12 48.30
CA PHE C 335 17.66 -4.33 49.05
C PHE C 335 18.92 -5.12 49.41
N GLU C 336 18.83 -5.89 50.47
CA GLU C 336 19.88 -6.86 50.84
C GLU C 336 19.66 -8.09 49.98
N LEU C 337 20.68 -8.50 49.22
CA LEU C 337 20.58 -9.66 48.32
C LEU C 337 21.08 -10.92 49.03
N ASP C 338 20.47 -12.06 48.70
CA ASP C 338 20.94 -13.42 49.06
C ASP C 338 22.15 -13.70 48.15
N ALA C 339 22.85 -14.82 48.37
CA ALA C 339 24.08 -15.16 47.60
C ALA C 339 23.72 -15.43 46.13
N ASN C 340 22.44 -15.65 45.83
CA ASN C 340 21.92 -15.95 44.47
C ASN C 340 21.57 -14.65 43.72
N GLY C 341 21.67 -13.48 44.37
CA GLY C 341 21.45 -12.15 43.77
C GLY C 341 19.99 -11.71 43.86
N VAL C 342 19.17 -12.44 44.63
CA VAL C 342 17.71 -12.15 44.77
C VAL C 342 17.53 -11.44 46.09
N PRO C 343 16.72 -10.34 46.15
CA PRO C 343 16.41 -9.72 47.42
C PRO C 343 15.94 -10.77 48.45
N LYS C 344 16.54 -10.70 49.63
CA LYS C 344 16.19 -11.53 50.81
C LYS C 344 14.73 -11.27 51.17
N ARG C 345 13.98 -12.32 51.51
CA ARG C 345 12.58 -12.23 52.04
C ARG C 345 12.57 -12.85 53.44
N ASP C 346 11.87 -12.21 54.38
CA ASP C 346 11.38 -12.85 55.64
C ASP C 346 9.85 -13.00 55.58
N PRO C 347 9.32 -14.17 55.19
CA PRO C 347 7.87 -14.32 55.08
C PRO C 347 7.16 -14.13 56.43
N ALA C 348 7.86 -14.32 57.55
CA ALA C 348 7.28 -14.10 58.91
C ALA C 348 6.98 -12.61 59.12
N LEU C 349 7.67 -11.72 58.38
CA LEU C 349 7.57 -10.24 58.45
C LEU C 349 8.08 -9.72 59.81
N LYS C 350 9.10 -10.36 60.40
CA LYS C 350 9.58 -10.02 61.77
C LYS C 350 10.89 -9.23 61.69
N HIS C 351 11.72 -9.51 60.69
CA HIS C 351 13.02 -8.81 60.50
C HIS C 351 12.81 -7.30 60.60
N PRO C 352 13.60 -6.54 61.41
CA PRO C 352 13.40 -5.11 61.55
C PRO C 352 13.68 -4.32 60.25
N ARG C 353 14.31 -4.96 59.26
CA ARG C 353 14.59 -4.32 57.94
C ARG C 353 13.66 -4.88 56.86
N CYS C 354 12.68 -5.71 57.20
CA CYS C 354 11.53 -6.02 56.32
C CYS C 354 10.88 -4.70 55.89
N VAL C 355 10.55 -4.55 54.62
CA VAL C 355 9.85 -3.35 54.09
C VAL C 355 8.70 -2.96 55.01
N ILE C 356 7.82 -3.90 55.36
CA ILE C 356 6.60 -3.52 56.13
C ILE C 356 6.98 -2.94 57.51
N ASN C 357 8.06 -3.39 58.14
CA ASN C 357 8.47 -2.82 59.45
C ASN C 357 9.09 -1.44 59.25
N LEU C 358 9.88 -1.24 58.19
CA LEU C 358 10.45 0.10 57.93
C LEU C 358 9.30 1.08 57.60
N LEU C 359 8.26 0.57 56.96
CA LEU C 359 7.07 1.36 56.52
C LEU C 359 6.35 1.84 57.79
N LYS C 360 6.03 0.90 58.68
CA LYS C 360 5.43 1.21 60.01
C LYS C 360 6.23 2.32 60.72
N LYS C 361 7.56 2.19 60.79
CA LYS C 361 8.43 3.19 61.49
C LYS C 361 8.36 4.55 60.79
N HIS C 362 8.42 4.57 59.45
CA HIS C 362 8.42 5.84 58.69
C HIS C 362 7.18 6.66 59.04
N TYR C 363 6.02 6.00 59.07
CA TYR C 363 4.70 6.70 59.07
C TYR C 363 4.16 6.85 60.50
N GLU C 364 4.87 6.39 61.52
CA GLU C 364 4.42 6.56 62.94
C GLU C 364 4.30 8.06 63.28
N ARG C 365 5.03 8.95 62.61
CA ARG C 365 4.98 10.40 62.88
C ARG C 365 3.67 11.02 62.37
N TYR C 366 2.93 10.30 61.51
CA TYR C 366 1.72 10.84 60.81
C TYR C 366 0.50 10.66 61.70
N ASN C 367 0.56 11.16 62.95
CA ASN C 367 -0.56 11.01 63.91
C ASN C 367 -1.68 11.96 63.46
N LEU C 368 -2.90 11.69 63.90
CA LEU C 368 -4.08 12.52 63.51
C LEU C 368 -3.88 14.00 63.86
N ASP C 369 -3.31 14.34 65.03
CA ASP C 369 -3.22 15.76 65.43
C ASP C 369 -2.29 16.49 64.45
N LYS C 370 -1.15 15.88 64.12
CA LYS C 370 -0.14 16.51 63.24
C LYS C 370 -0.70 16.63 61.81
N VAL C 371 -1.40 15.60 61.34
CA VAL C 371 -2.01 15.58 59.96
C VAL C 371 -3.07 16.69 59.91
N ALA C 372 -3.96 16.76 60.91
CA ALA C 372 -5.02 17.80 60.98
C ALA C 372 -4.42 19.20 60.94
N ALA C 373 -3.34 19.45 61.68
CA ALA C 373 -2.70 20.77 61.81
C ALA C 373 -2.10 21.25 60.48
N ILE C 374 -1.59 20.35 59.64
CA ILE C 374 -0.83 20.73 58.41
C ILE C 374 -1.79 20.73 57.21
N THR C 375 -2.88 19.97 57.27
CA THR C 375 -3.87 19.84 56.16
C THR C 375 -5.02 20.85 56.31
N GLY C 376 -5.39 21.18 57.55
CA GLY C 376 -6.60 21.99 57.82
C GLY C 376 -7.81 21.09 58.02
N THR C 377 -7.65 19.78 57.79
CA THR C 377 -8.74 18.77 57.86
C THR C 377 -8.97 18.41 59.32
N SER C 378 -10.22 18.41 59.79
CA SER C 378 -10.54 18.06 61.21
C SER C 378 -10.12 16.63 61.51
N LYS C 379 -9.75 16.37 62.77
CA LYS C 379 -9.43 14.99 63.24
C LYS C 379 -10.66 14.11 62.99
N GLU C 380 -11.83 14.66 63.17
CA GLU C 380 -13.11 13.92 63.05
C GLU C 380 -13.30 13.46 61.60
N GLN C 381 -13.06 14.37 60.65
CA GLN C 381 -13.18 14.07 59.20
C GLN C 381 -12.09 13.07 58.78
N LEU C 382 -10.86 13.23 59.23
CA LEU C 382 -9.78 12.24 58.96
C LEU C 382 -10.23 10.87 59.44
N GLN C 383 -10.70 10.75 60.70
CA GLN C 383 -11.14 9.43 61.22
C GLN C 383 -12.28 8.89 60.37
N GLN C 384 -13.20 9.74 59.95
CA GLN C 384 -14.36 9.27 59.18
C GLN C 384 -13.90 8.69 57.82
N VAL C 385 -13.06 9.42 57.11
CA VAL C 385 -12.61 9.04 55.75
C VAL C 385 -11.73 7.79 55.88
N TYR C 386 -10.77 7.81 56.81
CA TYR C 386 -9.83 6.68 57.01
C TYR C 386 -10.63 5.41 57.28
N LYS C 387 -11.60 5.51 58.20
CA LYS C 387 -12.41 4.32 58.58
C LYS C 387 -13.17 3.78 57.38
N ALA C 388 -13.82 4.67 56.62
CA ALA C 388 -14.61 4.30 55.44
C ALA C 388 -13.69 3.64 54.42
N TYR C 389 -12.54 4.24 54.16
CA TYR C 389 -11.71 3.75 53.02
C TYR C 389 -11.00 2.46 53.43
N ALA C 390 -10.47 2.41 54.66
CA ALA C 390 -9.65 1.27 55.15
C ALA C 390 -10.53 0.03 55.32
N ALA C 391 -11.87 0.19 55.40
CA ALA C 391 -12.81 -0.94 55.42
C ALA C 391 -12.68 -1.79 54.15
N THR C 392 -12.17 -1.22 53.05
CA THR C 392 -12.07 -1.99 51.76
C THR C 392 -10.89 -2.98 51.80
N GLY C 393 -10.08 -3.00 52.87
CA GLY C 393 -9.05 -4.03 53.12
C GLY C 393 -9.61 -5.45 53.17
N LYS C 394 -10.91 -5.62 53.42
CA LYS C 394 -11.54 -6.96 53.40
C LYS C 394 -11.47 -7.52 51.99
N PRO C 395 -11.20 -8.85 51.83
CA PRO C 395 -11.12 -9.47 50.50
C PRO C 395 -12.41 -9.34 49.67
N ASP C 396 -13.58 -9.18 50.31
CA ASP C 396 -14.90 -9.12 49.62
C ASP C 396 -15.30 -7.66 49.37
N LYS C 397 -14.38 -6.70 49.57
CA LYS C 397 -14.66 -5.25 49.38
C LYS C 397 -13.56 -4.66 48.51
N ALA C 398 -13.90 -3.66 47.68
CA ALA C 398 -12.93 -3.01 46.77
C ALA C 398 -13.07 -1.50 46.91
N GLY C 399 -11.95 -0.84 47.16
CA GLY C 399 -11.90 0.63 47.17
C GLY C 399 -11.11 1.07 45.95
N THR C 400 -11.51 2.18 45.36
CA THR C 400 -10.72 2.79 44.28
C THR C 400 -10.41 4.24 44.62
N ILE C 401 -9.36 4.72 43.97
CA ILE C 401 -8.94 6.13 44.01
C ILE C 401 -9.08 6.65 42.58
N MET C 402 -9.77 7.77 42.47
CA MET C 402 -9.80 8.55 41.21
C MET C 402 -9.01 9.82 41.50
N TYR C 403 -7.89 10.04 40.82
CA TYR C 403 -7.03 11.24 41.02
C TYR C 403 -6.58 11.74 39.65
N ALA C 404 -6.22 13.00 39.59
CA ALA C 404 -5.55 13.56 38.40
C ALA C 404 -4.66 14.71 38.81
N MET C 405 -4.93 15.92 38.35
CA MET C 405 -3.92 16.99 38.39
C MET C 405 -3.77 17.55 39.81
N GLY C 406 -4.79 17.47 40.65
CA GLY C 406 -4.64 17.90 42.06
C GLY C 406 -3.49 17.15 42.75
N TRP C 407 -3.13 15.96 42.28
CA TRP C 407 -1.95 15.22 42.80
C TRP C 407 -0.70 15.37 41.91
N THR C 408 -0.82 15.40 40.60
CA THR C 408 0.39 15.36 39.75
C THR C 408 1.16 16.67 39.79
N GLN C 409 0.44 17.81 39.80
CA GLN C 409 1.02 19.13 39.47
C GLN C 409 1.64 19.75 40.74
N HIS C 410 2.63 19.04 41.28
CA HIS C 410 3.32 19.39 42.54
C HIS C 410 4.79 19.01 42.41
N SER C 411 5.63 19.67 43.21
CA SER C 411 7.06 19.30 43.39
C SER C 411 7.17 17.95 44.08
N VAL C 412 6.09 17.42 44.67
CA VAL C 412 6.02 16.07 45.28
C VAL C 412 4.97 15.22 44.55
N GLY C 413 4.67 15.50 43.27
CA GLY C 413 3.62 14.75 42.56
C GLY C 413 3.83 13.24 42.57
N VAL C 414 5.04 12.78 42.27
CA VAL C 414 5.35 11.32 42.26
C VAL C 414 5.02 10.76 43.64
N GLN C 415 5.45 11.44 44.70
CA GLN C 415 5.38 10.86 46.07
C GLN C 415 3.91 10.88 46.53
N ASN C 416 3.14 11.87 46.09
CA ASN C 416 1.67 11.89 46.32
C ASN C 416 1.05 10.57 45.84
N ILE C 417 1.39 10.16 44.62
CA ILE C 417 0.73 9.02 43.94
C ILE C 417 1.31 7.74 44.54
N ARG C 418 2.61 7.73 44.82
CA ARG C 418 3.24 6.57 45.50
C ARG C 418 2.48 6.27 46.79
N ALA C 419 2.17 7.28 47.58
CA ALA C 419 1.51 7.08 48.90
C ALA C 419 0.17 6.37 48.70
N MET C 420 -0.63 6.80 47.70
CA MET C 420 -1.92 6.14 47.41
C MET C 420 -1.69 4.73 46.88
N ALA C 421 -0.71 4.51 46.02
CA ALA C 421 -0.43 3.15 45.50
C ALA C 421 -0.12 2.21 46.69
N MET C 422 0.64 2.72 47.66
CA MET C 422 1.05 1.95 48.86
C MET C 422 -0.22 1.61 49.65
N ILE C 423 -1.13 2.57 49.80
CA ILE C 423 -2.43 2.32 50.50
C ILE C 423 -3.18 1.21 49.79
N GLN C 424 -3.30 1.27 48.45
CA GLN C 424 -4.05 0.25 47.70
C GLN C 424 -3.39 -1.12 47.87
N LEU C 425 -2.07 -1.19 47.91
CA LEU C 425 -1.40 -2.52 48.04
C LEU C 425 -1.69 -3.08 49.44
N LEU C 426 -1.68 -2.22 50.46
CA LEU C 426 -1.92 -2.66 51.86
C LEU C 426 -3.35 -3.21 51.93
N LEU C 427 -4.31 -2.60 51.23
CA LEU C 427 -5.72 -2.99 51.27
C LEU C 427 -6.06 -4.08 50.28
N GLY C 428 -5.12 -4.57 49.47
CA GLY C 428 -5.45 -5.64 48.51
C GLY C 428 -6.34 -5.16 47.35
N ASN C 429 -6.26 -3.87 47.01
CA ASN C 429 -7.22 -3.28 46.05
C ASN C 429 -6.63 -3.26 44.63
N ILE C 430 -5.39 -3.67 44.42
CA ILE C 430 -4.75 -3.68 43.06
C ILE C 430 -5.05 -5.02 42.39
N GLY C 431 -5.58 -4.96 41.15
CA GLY C 431 -5.90 -6.13 40.32
C GLY C 431 -7.34 -6.54 40.42
N VAL C 432 -8.14 -5.90 41.30
CA VAL C 432 -9.51 -6.37 41.62
C VAL C 432 -10.56 -5.44 40.97
N ALA C 433 -11.75 -5.99 40.72
CA ALA C 433 -12.88 -5.21 40.21
C ALA C 433 -13.31 -4.18 41.25
N GLY C 434 -13.49 -2.94 40.82
CA GLY C 434 -13.90 -1.84 41.72
C GLY C 434 -12.72 -1.31 42.50
N GLY C 435 -11.51 -1.81 42.24
CA GLY C 435 -10.29 -1.35 42.93
C GLY C 435 -9.40 -0.55 42.00
N GLY C 436 -8.10 -0.70 42.14
CA GLY C 436 -7.13 -0.08 41.23
C GLY C 436 -6.73 1.33 41.64
N VAL C 437 -5.85 1.87 40.83
CA VAL C 437 -5.48 3.30 40.88
C VAL C 437 -5.98 3.91 39.58
N ASN C 438 -7.08 4.63 39.66
CA ASN C 438 -7.70 5.22 38.44
C ASN C 438 -7.11 6.61 38.31
N ALA C 439 -5.90 6.65 37.78
CA ALA C 439 -5.16 7.87 37.41
C ALA C 439 -5.82 8.38 36.14
N LEU C 440 -6.70 9.35 36.25
CA LEU C 440 -7.63 9.72 35.15
C LEU C 440 -6.85 10.54 34.12
N ARG C 441 -6.65 9.98 32.94
CA ARG C 441 -5.95 10.72 31.87
C ARG C 441 -6.83 11.90 31.41
N GLY C 442 -6.17 12.92 30.84
CA GLY C 442 -6.83 14.18 30.44
C GLY C 442 -7.39 14.15 29.03
N GLU C 443 -6.52 14.40 28.05
CA GLU C 443 -6.96 14.47 26.63
C GLU C 443 -7.35 13.10 26.09
N SER C 444 -8.20 13.12 25.06
CA SER C 444 -8.79 11.95 24.38
C SER C 444 -7.66 10.93 24.08
N ASN C 445 -6.49 11.40 23.70
CA ASN C 445 -5.38 10.50 23.32
C ASN C 445 -4.08 10.86 24.05
N VAL C 446 -4.09 11.44 25.24
CA VAL C 446 -2.81 11.61 25.97
C VAL C 446 -2.23 10.25 26.36
N GLN C 447 -3.06 9.22 26.56
CA GLN C 447 -2.54 7.85 26.81
C GLN C 447 -1.76 7.42 25.56
N GLY C 448 -2.37 7.62 24.40
CA GLY C 448 -1.75 7.19 23.12
C GLY C 448 -0.52 8.02 22.77
N SER C 449 -0.55 9.34 22.95
CA SER C 449 0.60 10.21 22.59
C SER C 449 1.81 9.88 23.46
N THR C 450 1.57 9.49 24.71
CA THR C 450 2.66 9.03 25.61
C THR C 450 3.16 7.65 25.15
N ASP C 451 2.24 6.78 24.79
CA ASP C 451 2.53 5.43 24.27
C ASP C 451 3.40 5.56 23.01
N GLN C 452 3.21 6.62 22.24
CA GLN C 452 4.00 6.84 21.00
C GLN C 452 5.31 7.58 21.23
N GLY C 453 5.71 7.86 22.47
CA GLY C 453 7.03 8.45 22.75
C GLY C 453 7.13 9.92 22.42
N LEU C 454 6.06 10.72 22.57
CA LEU C 454 6.18 12.18 22.35
C LEU C 454 6.68 12.88 23.62
N LEU C 455 7.66 12.27 24.28
CA LEU C 455 8.40 12.84 25.43
C LEU C 455 9.88 12.53 25.26
N ALA C 456 10.74 13.41 25.78
CA ALA C 456 12.17 13.44 25.42
C ALA C 456 12.86 12.15 25.85
N HIS C 457 12.34 11.45 26.85
CA HIS C 457 13.09 10.34 27.48
C HIS C 457 12.67 8.99 26.92
N ILE C 458 11.65 8.90 26.06
CA ILE C 458 11.07 7.60 25.63
C ILE C 458 10.81 7.56 24.12
N TRP C 459 11.13 6.42 23.52
CA TRP C 459 10.66 5.97 22.21
C TRP C 459 9.26 5.43 22.39
N PRO C 460 8.55 5.10 21.30
CA PRO C 460 7.30 4.37 21.43
C PRO C 460 7.45 3.09 22.25
N GLY C 461 6.43 2.77 23.02
CA GLY C 461 6.41 1.52 23.79
C GLY C 461 7.25 1.60 25.04
N TYR C 462 7.61 2.79 25.51
CA TYR C 462 8.31 3.06 26.77
C TYR C 462 9.72 2.43 26.74
N ASN C 463 10.28 2.23 25.56
CA ASN C 463 11.73 1.95 25.45
C ASN C 463 12.46 3.27 25.60
N PRO C 464 13.47 3.35 26.49
CA PRO C 464 14.13 4.61 26.74
C PRO C 464 14.85 5.13 25.49
N VAL C 465 14.83 6.44 25.31
CA VAL C 465 15.79 7.12 24.39
C VAL C 465 17.20 6.79 24.86
N PRO C 466 18.10 6.30 23.97
CA PRO C 466 19.48 6.03 24.35
C PRO C 466 20.21 7.28 24.81
N ASN C 467 21.12 7.09 25.77
CA ASN C 467 22.09 8.14 26.14
C ASN C 467 23.42 7.85 25.44
N SER C 468 24.32 8.82 25.48
CA SER C 468 25.57 8.88 24.71
C SER C 468 26.52 7.72 25.08
N LYS C 469 26.30 7.02 26.18
CA LYS C 469 27.16 5.89 26.61
C LYS C 469 26.58 4.58 26.10
N ALA C 470 25.35 4.55 25.60
CA ALA C 470 24.78 3.35 24.93
C ALA C 470 25.27 3.35 23.47
N ALA C 471 26.57 3.10 23.26
CA ALA C 471 27.25 3.25 21.96
C ALA C 471 26.82 2.17 20.96
N THR C 472 26.24 1.07 21.44
CA THR C 472 25.77 -0.06 20.64
C THR C 472 24.40 -0.55 21.14
N LEU C 473 23.71 -1.29 20.27
CA LEU C 473 22.40 -1.91 20.63
C LEU C 473 22.66 -2.91 21.77
N GLU C 474 23.76 -3.66 21.73
CA GLU C 474 24.11 -4.59 22.83
C GLU C 474 24.20 -3.83 24.16
N LEU C 475 24.90 -2.69 24.23
CA LEU C 475 25.03 -1.87 25.47
C LEU C 475 23.67 -1.31 25.87
N TYR C 476 22.85 -0.91 24.90
CA TYR C 476 21.48 -0.43 25.20
C TYR C 476 20.72 -1.54 25.94
N ASN C 477 20.69 -2.73 25.35
CA ASN C 477 19.93 -3.89 25.88
C ASN C 477 20.53 -4.36 27.23
N ALA C 478 21.80 -4.07 27.51
CA ALA C 478 22.46 -4.54 28.75
C ALA C 478 21.96 -3.77 29.98
N ALA C 479 21.32 -2.60 29.80
CA ALA C 479 20.80 -1.76 30.91
C ALA C 479 19.54 -2.39 31.51
N THR C 480 18.84 -3.30 30.81
CA THR C 480 17.53 -3.82 31.24
C THR C 480 17.77 -4.71 32.45
N PRO C 481 17.21 -4.43 33.65
CA PRO C 481 17.51 -5.22 34.84
C PRO C 481 17.03 -6.67 34.68
N GLN C 482 17.77 -7.61 35.27
CA GLN C 482 17.45 -9.06 35.15
C GLN C 482 17.09 -9.58 36.55
N SER C 483 16.31 -10.64 36.62
CA SER C 483 15.94 -11.29 37.90
C SER C 483 16.39 -12.75 37.89
N LYS C 484 16.84 -13.26 39.04
CA LYS C 484 17.23 -14.67 39.23
C LYS C 484 16.18 -15.36 40.10
N ASP C 485 15.05 -14.71 40.38
CA ASP C 485 13.87 -15.34 41.05
C ASP C 485 13.09 -16.09 39.98
N PRO C 486 12.97 -17.44 40.03
CA PRO C 486 12.23 -18.18 39.02
C PRO C 486 10.74 -17.86 38.95
N MET C 487 10.20 -17.23 40.00
CA MET C 487 8.77 -16.89 40.03
C MET C 487 8.55 -15.48 39.48
N SER C 488 9.60 -14.71 39.23
CA SER C 488 9.49 -13.35 38.67
C SER C 488 9.46 -13.46 37.15
N VAL C 489 8.34 -13.12 36.54
CA VAL C 489 8.22 -13.07 35.05
C VAL C 489 9.23 -12.08 34.49
N ASN C 490 9.36 -10.89 35.07
CA ASN C 490 10.29 -9.82 34.61
C ASN C 490 10.13 -9.62 33.10
N TRP C 491 8.96 -9.19 32.66
CA TRP C 491 8.57 -9.24 31.24
C TRP C 491 9.43 -8.31 30.40
N TRP C 492 10.00 -7.27 31.00
CA TRP C 492 10.87 -6.31 30.29
C TRP C 492 12.13 -6.98 29.73
N GLN C 493 12.46 -8.20 30.16
CA GLN C 493 13.60 -8.94 29.54
C GLN C 493 13.33 -9.14 28.05
N ASN C 494 12.08 -9.03 27.57
CA ASN C 494 11.70 -9.13 26.14
C ASN C 494 12.01 -7.84 25.36
N ARG C 495 12.50 -6.80 26.02
CA ARG C 495 12.79 -5.47 25.40
C ARG C 495 13.62 -5.59 24.13
N PRO C 496 14.66 -6.45 24.00
CA PRO C 496 15.43 -6.51 22.77
C PRO C 496 14.51 -6.76 21.57
N LYS C 497 13.46 -7.57 21.72
CA LYS C 497 12.52 -7.92 20.63
C LYS C 497 11.78 -6.66 20.20
N TYR C 498 11.46 -5.82 21.16
CA TYR C 498 10.60 -4.63 20.93
C TYR C 498 11.49 -3.57 20.29
N VAL C 499 12.71 -3.37 20.77
CA VAL C 499 13.62 -2.34 20.22
C VAL C 499 13.99 -2.78 18.79
N ALA C 500 14.33 -4.06 18.59
CA ALA C 500 14.66 -4.54 17.22
C ALA C 500 13.46 -4.32 16.28
N SER C 501 12.26 -4.69 16.70
CA SER C 501 11.05 -4.67 15.84
C SER C 501 10.64 -3.21 15.55
N TYR C 502 10.91 -2.29 16.47
CA TYR C 502 10.68 -0.84 16.25
C TYR C 502 11.68 -0.32 15.19
N LEU C 503 12.96 -0.66 15.35
CA LEU C 503 13.98 -0.24 14.37
C LEU C 503 13.66 -0.85 13.01
N LYS C 504 13.06 -2.03 12.93
CA LYS C 504 12.66 -2.65 11.64
C LYS C 504 11.44 -1.94 11.06
N ALA C 505 10.56 -1.35 11.90
CA ALA C 505 9.45 -0.56 11.40
C ALA C 505 9.95 0.71 10.72
N LEU C 506 10.97 1.34 11.28
CA LEU C 506 11.52 2.60 10.73
C LEU C 506 12.45 2.29 9.55
N TYR C 507 13.28 1.25 9.66
CA TYR C 507 14.43 1.03 8.73
C TYR C 507 14.44 -0.44 8.35
N PRO C 508 13.45 -0.92 7.58
CA PRO C 508 13.31 -2.34 7.31
C PRO C 508 14.48 -2.95 6.51
N ASP C 509 15.23 -2.12 5.79
CA ASP C 509 16.37 -2.59 4.94
C ASP C 509 17.61 -2.77 5.80
N GLU C 510 17.62 -2.27 7.05
CA GLU C 510 18.82 -2.26 7.92
C GLU C 510 18.71 -3.35 9.00
N GLU C 511 19.84 -3.93 9.37
CA GLU C 511 19.86 -4.73 10.63
C GLU C 511 19.61 -3.76 11.78
N PRO C 512 18.89 -4.19 12.84
CA PRO C 512 18.69 -3.33 14.03
C PRO C 512 19.96 -2.65 14.57
N ALA C 513 21.08 -3.38 14.72
CA ALA C 513 22.32 -2.84 15.29
C ALA C 513 22.85 -1.69 14.44
N ALA C 514 22.57 -1.70 13.13
CA ALA C 514 22.97 -0.62 12.19
C ALA C 514 21.97 0.55 12.30
N ALA C 515 20.67 0.27 12.24
CA ALA C 515 19.62 1.33 12.30
C ALA C 515 19.69 2.03 13.66
N TYR C 516 20.13 1.34 14.69
CA TYR C 516 20.30 1.92 16.06
C TYR C 516 21.11 3.22 16.00
N ASP C 517 22.08 3.33 15.08
CA ASP C 517 22.96 4.51 15.01
C ASP C 517 22.23 5.70 14.39
N TYR C 518 21.11 5.50 13.70
CA TYR C 518 20.37 6.59 13.01
C TYR C 518 19.61 7.46 14.00
N LEU C 519 19.21 6.92 15.15
CA LEU C 519 18.34 7.67 16.12
C LEU C 519 19.20 8.51 17.03
N PRO C 520 18.76 9.74 17.35
CA PRO C 520 19.53 10.63 18.19
C PRO C 520 19.65 10.13 19.64
N ARG C 521 20.71 10.55 20.32
CA ARG C 521 20.96 10.15 21.74
C ARG C 521 21.07 11.41 22.57
N ILE C 522 20.63 11.30 23.82
CA ILE C 522 20.81 12.36 24.84
C ILE C 522 22.16 12.16 25.55
N ASP C 523 22.67 13.21 26.18
CA ASP C 523 23.98 13.15 26.86
C ASP C 523 23.81 12.41 28.18
N ALA C 524 24.62 11.37 28.40
CA ALA C 524 24.63 10.57 29.65
C ALA C 524 25.00 11.44 30.84
N GLY C 525 25.76 12.52 30.63
CA GLY C 525 26.22 13.40 31.72
C GLY C 525 25.16 14.36 32.26
N ARG C 526 23.93 14.35 31.74
CA ARG C 526 22.97 15.45 32.00
C ARG C 526 21.75 14.96 32.79
N LYS C 527 21.21 15.82 33.66
CA LYS C 527 19.88 15.61 34.26
C LYS C 527 18.88 15.39 33.13
N LEU C 528 18.05 14.36 33.26
CA LEU C 528 17.02 14.05 32.22
C LEU C 528 16.13 15.28 32.07
N THR C 529 15.87 16.01 33.16
CA THR C 529 14.94 17.16 33.14
C THR C 529 15.51 18.30 32.29
N ASP C 530 16.81 18.31 31.99
CA ASP C 530 17.37 19.26 30.99
C ASP C 530 16.69 19.13 29.61
N TYR C 531 16.07 17.99 29.31
CA TYR C 531 15.46 17.73 27.98
C TYR C 531 13.97 18.07 28.00
N PHE C 532 13.43 18.50 29.14
CA PHE C 532 11.97 18.54 29.33
C PHE C 532 11.46 19.97 29.22
N TRP C 533 10.16 20.06 29.03
CA TRP C 533 9.32 21.28 28.90
C TRP C 533 9.93 22.52 29.58
N LEU C 534 10.06 22.49 30.90
CA LEU C 534 10.44 23.74 31.60
C LEU C 534 11.83 24.17 31.16
N ASN C 535 12.77 23.25 31.07
CA ASN C 535 14.14 23.64 30.65
C ASN C 535 14.15 24.02 29.18
N ILE C 536 13.25 23.47 28.37
CA ILE C 536 13.19 23.88 26.94
C ILE C 536 12.84 25.38 26.91
N PHE C 537 11.88 25.83 27.69
CA PHE C 537 11.53 27.28 27.73
C PHE C 537 12.66 28.14 28.30
N GLU C 538 13.38 27.66 29.31
CA GLU C 538 14.54 28.40 29.86
C GLU C 538 15.62 28.49 28.79
N LYS C 539 15.90 27.38 28.10
CA LYS C 539 16.88 27.40 26.97
C LYS C 539 16.40 28.39 25.92
N MET C 540 15.11 28.40 25.64
CA MET C 540 14.55 29.26 24.57
C MET C 540 14.67 30.72 24.99
N ASP C 541 14.46 31.01 26.27
CA ASP C 541 14.61 32.37 26.81
C ASP C 541 16.08 32.82 26.78
N LYS C 542 17.04 31.90 26.69
CA LYS C 542 18.49 32.22 26.55
C LYS C 542 18.89 32.26 25.07
N GLY C 543 17.91 32.17 24.16
CA GLY C 543 18.17 32.21 22.71
C GLY C 543 18.80 30.95 22.17
N GLU C 544 18.55 29.76 22.75
CA GLU C 544 19.29 28.53 22.37
C GLU C 544 18.52 27.69 21.35
N PHE C 545 17.32 28.11 20.96
CA PHE C 545 16.54 27.40 19.93
C PHE C 545 16.34 28.34 18.74
N LYS C 546 16.44 27.79 17.52
CA LYS C 546 16.15 28.53 16.30
C LYS C 546 14.69 28.30 15.94
N GLY C 547 14.19 27.09 16.15
CA GLY C 547 12.86 26.72 15.68
C GLY C 547 12.05 25.93 16.70
N LEU C 548 10.74 26.13 16.65
CA LEU C 548 9.79 25.40 17.52
C LEU C 548 8.61 24.96 16.67
N PHE C 549 8.23 23.71 16.81
CA PHE C 549 6.91 23.22 16.37
C PHE C 549 5.96 23.33 17.58
N ALA C 550 4.95 24.19 17.52
CA ALA C 550 3.82 24.15 18.47
C ALA C 550 2.69 23.41 17.77
N TRP C 551 2.72 22.09 17.88
CA TRP C 551 1.87 21.23 17.06
C TRP C 551 0.68 20.77 17.89
N GLY C 552 -0.45 21.47 17.80
CA GLY C 552 -1.65 21.10 18.57
C GLY C 552 -1.51 21.38 20.05
N MET C 553 -0.80 22.44 20.42
CA MET C 553 -0.68 22.93 21.82
C MET C 553 -0.65 24.46 21.78
N ASN C 554 -1.01 25.05 22.92
CA ASN C 554 -1.06 26.52 23.08
C ASN C 554 -0.15 26.90 24.24
N PRO C 555 1.17 26.67 24.13
CA PRO C 555 2.11 26.95 25.25
C PRO C 555 2.13 28.39 25.76
N ALA C 556 1.70 29.37 24.96
CA ALA C 556 1.54 30.77 25.42
C ALA C 556 0.48 30.88 26.50
N CYS C 557 -0.41 29.88 26.62
CA CYS C 557 -1.42 29.82 27.70
C CYS C 557 -1.28 28.59 28.60
N GLY C 558 -0.77 27.46 28.10
CA GLY C 558 -0.79 26.21 28.88
C GLY C 558 0.45 25.99 29.69
N GLY C 559 1.54 26.71 29.39
CA GLY C 559 2.81 26.50 30.10
C GLY C 559 2.89 27.39 31.33
N ALA C 560 3.33 26.79 32.44
CA ALA C 560 3.55 27.50 33.71
C ALA C 560 4.51 28.66 33.44
N ASN C 561 4.26 29.77 34.11
CA ASN C 561 5.01 31.04 33.96
C ASN C 561 4.93 31.48 32.48
N ALA C 562 3.73 31.81 32.03
CA ALA C 562 3.41 32.08 30.61
C ALA C 562 4.10 33.36 30.15
N ASN C 563 4.37 34.33 31.03
CA ASN C 563 5.10 35.56 30.60
C ASN C 563 6.49 35.17 30.10
N LYS C 564 7.13 34.19 30.72
CA LYS C 564 8.47 33.72 30.28
C LYS C 564 8.35 33.12 28.88
N ASN C 565 7.34 32.29 28.68
CA ASN C 565 7.12 31.60 27.40
C ASN C 565 6.88 32.61 26.26
N ARG C 566 6.01 33.60 26.48
CA ARG C 566 5.62 34.57 25.45
C ARG C 566 6.84 35.41 25.03
N LYS C 567 7.67 35.79 26.00
CA LYS C 567 8.93 36.51 25.70
C LYS C 567 9.90 35.56 25.01
N ALA C 568 10.03 34.33 25.49
CA ALA C 568 11.01 33.36 24.96
C ALA C 568 10.70 33.07 23.48
N MET C 569 9.44 32.98 23.09
CA MET C 569 9.08 32.66 21.68
C MET C 569 9.54 33.74 20.71
N GLY C 570 9.70 34.97 21.16
CA GLY C 570 10.26 36.06 20.34
C GLY C 570 11.75 35.85 20.02
N LYS C 571 12.42 34.91 20.70
CA LYS C 571 13.86 34.60 20.49
C LYS C 571 14.05 33.45 19.49
N LEU C 572 12.96 32.91 18.96
CA LEU C 572 13.01 31.90 17.88
C LEU C 572 13.21 32.63 16.55
N GLU C 573 13.88 31.97 15.61
CA GLU C 573 13.87 32.39 14.20
C GLU C 573 12.55 32.03 13.55
N TRP C 574 12.01 30.84 13.84
CA TRP C 574 10.77 30.39 13.19
C TRP C 574 9.92 29.55 14.13
N LEU C 575 8.64 29.62 13.91
CA LEU C 575 7.60 28.92 14.71
C LEU C 575 6.64 28.30 13.72
N VAL C 576 6.39 27.00 13.82
CA VAL C 576 5.33 26.32 13.04
C VAL C 576 4.22 25.98 14.01
N ASN C 577 3.03 26.56 13.80
CA ASN C 577 1.89 26.28 14.69
C ASN C 577 0.84 25.52 13.86
N VAL C 578 0.47 24.35 14.30
CA VAL C 578 -0.55 23.50 13.65
C VAL C 578 -1.74 23.46 14.58
N ASN C 579 -2.87 24.00 14.16
CA ASN C 579 -4.01 24.07 15.10
C ASN C 579 -5.28 24.43 14.35
N LEU C 580 -6.39 24.40 15.05
CA LEU C 580 -7.74 24.55 14.47
C LEU C 580 -8.03 26.02 14.21
N PHE C 581 -7.51 26.90 15.06
CA PHE C 581 -7.84 28.33 15.04
C PHE C 581 -6.57 29.12 15.28
N GLU C 582 -6.53 30.37 14.81
CA GLU C 582 -5.56 31.37 15.29
C GLU C 582 -5.66 31.49 16.81
N ASN C 583 -4.52 31.74 17.48
CA ASN C 583 -4.46 31.56 18.93
C ASN C 583 -3.31 32.34 19.52
N GLU C 584 -3.21 32.31 20.84
CA GLU C 584 -2.23 33.10 21.61
C GLU C 584 -0.80 32.64 21.28
N THR C 585 -0.60 31.40 20.83
CA THR C 585 0.76 30.93 20.44
C THR C 585 1.05 31.37 18.99
N SER C 586 0.17 31.09 18.03
CA SER C 586 0.35 31.49 16.61
C SER C 586 0.67 32.99 16.59
N SER C 587 0.01 33.75 17.45
CA SER C 587 -0.05 35.22 17.36
C SER C 587 0.62 35.88 18.56
N PHE C 588 1.55 35.21 19.25
CA PHE C 588 2.20 35.68 20.48
C PHE C 588 2.80 37.07 20.22
N TRP C 589 3.21 37.30 18.96
CA TRP C 589 3.97 38.51 18.54
C TRP C 589 3.07 39.75 18.50
N LYS C 590 1.75 39.59 18.63
CA LYS C 590 0.80 40.73 18.83
C LYS C 590 0.03 40.55 20.13
N GLY C 591 0.59 39.82 21.09
CA GLY C 591 -0.02 39.60 22.41
C GLY C 591 0.16 40.83 23.28
N PRO C 592 -0.36 40.77 24.52
CA PRO C 592 -0.25 41.87 25.48
C PRO C 592 1.20 42.37 25.61
N GLY C 593 1.35 43.68 25.42
CA GLY C 593 2.61 44.39 25.66
C GLY C 593 3.65 44.07 24.60
N MET C 594 3.29 43.38 23.51
CA MET C 594 4.28 42.97 22.49
C MET C 594 4.26 44.03 21.39
N ASN C 595 5.42 44.40 20.88
CA ASN C 595 5.53 45.22 19.66
C ASN C 595 5.93 44.32 18.49
N PRO C 596 5.02 44.02 17.53
CA PRO C 596 5.37 43.19 16.36
C PRO C 596 6.62 43.67 15.62
N ALA C 597 6.84 44.98 15.54
CA ALA C 597 7.97 45.57 14.78
C ALA C 597 9.31 45.24 15.43
N GLU C 598 9.34 44.75 16.67
CA GLU C 598 10.59 44.38 17.38
C GLU C 598 10.76 42.87 17.43
N ILE C 599 9.82 42.10 16.88
CA ILE C 599 9.83 40.62 17.04
C ILE C 599 10.09 39.98 15.67
N GLY C 600 11.21 39.25 15.58
CA GLY C 600 11.73 38.76 14.30
C GLY C 600 11.16 37.41 13.92
N THR C 601 10.43 36.76 14.81
CA THR C 601 10.02 35.36 14.59
C THR C 601 9.14 35.19 13.34
N GLU C 602 9.56 34.33 12.43
CA GLU C 602 8.77 33.97 11.25
C GLU C 602 7.77 32.91 11.70
N VAL C 603 6.49 33.10 11.42
CA VAL C 603 5.46 32.15 11.92
C VAL C 603 4.70 31.61 10.73
N PHE C 604 4.53 30.29 10.73
CA PHE C 604 3.62 29.57 9.82
C PHE C 604 2.50 29.01 10.67
N PHE C 605 1.30 29.38 10.33
CA PHE C 605 0.06 28.80 10.89
C PHE C 605 -0.56 27.86 9.87
N LEU C 606 -0.68 26.58 10.23
CA LEU C 606 -1.21 25.52 9.35
C LEU C 606 -2.47 24.99 10.00
N PRO C 607 -3.63 25.19 9.36
CA PRO C 607 -4.91 24.80 9.96
C PRO C 607 -5.15 23.32 9.71
N CYS C 608 -5.38 22.60 10.80
CA CYS C 608 -5.71 21.17 10.78
C CYS C 608 -7.22 20.97 10.84
N CYS C 609 -7.66 19.74 10.60
N CYS C 609 -7.63 19.73 10.58
CA CYS C 609 -9.11 19.41 10.62
CA CYS C 609 -9.07 19.20 9.97
CA CYS C 609 -9.02 19.21 10.62
C CYS C 609 -9.50 18.86 11.99
C CYS C 609 -9.47 18.98 12.05
N VAL C 610 -10.79 18.95 12.27
CA VAL C 610 -11.35 18.50 13.57
C VAL C 610 -11.47 16.98 13.52
N SER C 611 -11.68 16.39 14.69
CA SER C 611 -11.75 14.93 14.86
C SER C 611 -12.74 14.29 13.90
N ILE C 612 -13.90 14.89 13.70
CA ILE C 612 -14.99 14.25 12.92
C ILE C 612 -14.70 14.34 11.42
N GLU C 613 -13.63 15.02 11.00
CA GLU C 613 -13.24 15.13 9.57
C GLU C 613 -12.11 14.14 9.26
N LYS C 614 -11.79 13.24 10.16
CA LYS C 614 -10.75 12.23 9.81
C LYS C 614 -11.00 10.91 10.52
N GLU C 615 -10.24 9.92 10.06
CA GLU C 615 -10.30 8.52 10.54
C GLU C 615 -9.06 8.24 11.36
N GLY C 616 -9.19 7.35 12.31
CA GLY C 616 -8.05 6.88 13.09
C GLY C 616 -8.48 6.49 14.48
N SER C 617 -7.51 6.30 15.37
CA SER C 617 -7.80 5.81 16.74
C SER C 617 -7.36 6.80 17.80
N VAL C 618 -8.04 6.73 18.94
CA VAL C 618 -7.62 7.40 20.18
C VAL C 618 -7.67 6.39 21.32
N ALA C 619 -6.69 6.45 22.21
CA ALA C 619 -6.56 5.53 23.37
C ALA C 619 -7.07 6.27 24.61
N ASN C 620 -8.16 5.77 25.19
CA ASN C 620 -8.80 6.45 26.36
C ASN C 620 -8.05 6.13 27.66
N SER C 621 -8.56 6.61 28.80
CA SER C 621 -7.80 6.47 30.07
C SER C 621 -7.65 4.99 30.46
N GLY C 622 -8.61 4.13 30.11
CA GLY C 622 -8.55 2.68 30.39
C GLY C 622 -7.74 1.89 29.36
N ARG C 623 -7.02 2.62 28.51
CA ARG C 623 -6.18 2.07 27.40
C ARG C 623 -7.04 1.48 26.28
N TRP C 624 -8.33 1.82 26.21
CA TRP C 624 -9.22 1.38 25.11
C TRP C 624 -8.86 2.17 23.85
N MET C 625 -8.33 1.48 22.85
CA MET C 625 -7.92 2.06 21.55
C MET C 625 -9.10 1.95 20.59
N GLN C 626 -9.78 3.08 20.40
CA GLN C 626 -11.09 3.11 19.73
C GLN C 626 -10.94 3.75 18.34
N TRP C 627 -11.47 3.08 17.33
CA TRP C 627 -11.39 3.55 15.94
C TRP C 627 -12.56 4.49 15.64
N ARG C 628 -12.28 5.56 14.95
CA ARG C 628 -13.36 6.47 14.51
C ARG C 628 -13.21 6.86 13.05
N TYR C 629 -14.32 7.33 12.48
CA TYR C 629 -14.50 7.46 11.00
C TYR C 629 -14.78 8.90 10.64
N ARG C 630 -14.49 9.24 9.37
CA ARG C 630 -14.73 10.59 8.85
C ARG C 630 -16.24 10.75 8.71
N GLY C 631 -16.76 11.91 9.12
CA GLY C 631 -18.11 12.33 8.73
C GLY C 631 -18.00 13.28 7.55
N PRO C 632 -17.97 14.60 7.78
CA PRO C 632 -17.74 15.54 6.69
C PRO C 632 -16.27 15.51 6.27
N LYS C 633 -16.04 15.86 5.03
CA LYS C 633 -14.66 16.13 4.57
C LYS C 633 -14.08 17.30 5.32
N PRO C 634 -12.75 17.41 5.33
CA PRO C 634 -12.08 18.56 5.95
C PRO C 634 -12.67 19.89 5.49
N TYR C 635 -12.91 20.77 6.46
CA TYR C 635 -13.43 22.12 6.24
C TYR C 635 -12.43 22.89 5.37
N ALA C 636 -12.93 23.66 4.40
CA ALA C 636 -12.13 24.64 3.64
C ALA C 636 -10.86 23.94 3.13
N GLU C 637 -9.68 24.50 3.36
CA GLU C 637 -8.45 23.83 2.87
C GLU C 637 -7.71 23.24 4.08
N THR C 638 -8.42 22.91 5.16
CA THR C 638 -7.73 22.28 6.30
C THR C 638 -7.30 20.87 5.91
N LYS C 639 -6.41 20.30 6.72
CA LYS C 639 -5.81 18.97 6.46
C LYS C 639 -5.70 18.19 7.76
N PRO C 640 -5.87 16.86 7.70
CA PRO C 640 -5.53 16.03 8.85
C PRO C 640 -4.03 16.19 9.16
N ASP C 641 -3.67 16.11 10.46
CA ASP C 641 -2.25 16.24 10.86
C ASP C 641 -1.38 15.24 10.11
N GLY C 642 -1.87 14.02 9.88
CA GLY C 642 -1.06 13.00 9.17
C GLY C 642 -0.62 13.51 7.82
N ASP C 643 -1.52 14.17 7.08
CA ASP C 643 -1.16 14.69 5.75
C ASP C 643 -0.23 15.88 5.89
N ILE C 644 -0.46 16.77 6.86
CA ILE C 644 0.46 17.91 7.05
C ILE C 644 1.88 17.39 7.29
N MET C 645 2.04 16.48 8.25
CA MET C 645 3.39 16.06 8.70
C MET C 645 4.02 15.25 7.56
N LEU C 646 3.25 14.39 6.89
CA LEU C 646 3.83 13.52 5.81
C LEU C 646 4.27 14.41 4.65
N ASP C 647 3.45 15.37 4.29
CA ASP C 647 3.75 16.26 3.14
C ASP C 647 4.97 17.10 3.51
N MET C 648 5.04 17.60 4.74
CA MET C 648 6.20 18.39 5.21
C MET C 648 7.47 17.53 5.11
N PHE C 649 7.42 16.31 5.61
CA PHE C 649 8.60 15.41 5.67
C PHE C 649 9.04 15.08 4.24
N LYS C 650 8.08 14.82 3.36
CA LYS C 650 8.41 14.51 1.94
C LYS C 650 9.14 15.71 1.35
N LYS C 651 8.70 16.91 1.66
CA LYS C 651 9.40 18.15 1.19
C LYS C 651 10.84 18.21 1.73
N VAL C 652 11.07 17.84 2.98
CA VAL C 652 12.44 17.80 3.54
C VAL C 652 13.27 16.76 2.77
N ARG C 653 12.71 15.58 2.52
CA ARG C 653 13.43 14.51 1.78
C ARG C 653 13.81 15.00 0.39
N GLU C 654 12.91 15.69 -0.28
CA GLU C 654 13.13 16.18 -1.66
C GLU C 654 14.18 17.29 -1.65
N LEU C 655 14.21 18.13 -0.62
CA LEU C 655 15.20 19.22 -0.55
C LEU C 655 16.60 18.67 -0.21
N TYR C 656 16.71 17.65 0.62
CA TYR C 656 17.99 16.90 0.78
C TYR C 656 18.43 16.33 -0.59
N ALA C 657 17.52 15.71 -1.35
CA ALA C 657 17.89 15.15 -2.67
C ALA C 657 18.47 16.27 -3.54
N LYS C 658 17.93 17.48 -3.45
CA LYS C 658 18.34 18.61 -4.29
C LYS C 658 19.72 19.07 -3.84
N GLU C 659 19.97 19.16 -2.52
CA GLU C 659 21.10 19.96 -1.97
C GLU C 659 22.17 19.11 -1.31
N GLY C 660 21.85 17.89 -0.87
CA GLY C 660 22.67 17.20 0.13
C GLY C 660 22.56 17.92 1.46
N GLY C 661 23.43 17.64 2.42
CA GLY C 661 23.42 18.31 3.73
C GLY C 661 23.96 17.41 4.83
N ALA C 662 23.65 17.74 6.09
CA ALA C 662 24.14 17.00 7.27
C ALA C 662 23.53 15.59 7.31
N TYR C 663 24.36 14.58 7.60
CA TYR C 663 24.01 13.15 7.75
C TYR C 663 22.55 12.90 7.35
N PRO C 664 22.26 12.80 6.05
CA PRO C 664 20.87 12.61 5.60
C PRO C 664 20.25 11.22 5.75
N ALA C 665 21.03 10.17 6.04
CA ALA C 665 20.54 8.79 5.98
C ALA C 665 19.27 8.60 6.80
N PRO C 666 19.18 9.12 8.06
CA PRO C 666 18.01 8.82 8.87
C PRO C 666 16.72 9.38 8.23
N ILE C 667 16.87 10.49 7.54
CA ILE C 667 15.76 11.14 6.79
C ILE C 667 15.46 10.31 5.54
N ALA C 668 16.47 10.04 4.73
CA ALA C 668 16.24 9.46 3.39
C ALA C 668 15.78 8.00 3.49
N LYS C 669 16.18 7.26 4.52
CA LYS C 669 15.90 5.81 4.61
C LYS C 669 14.60 5.53 5.36
N LEU C 670 14.02 6.51 6.02
CA LEU C 670 12.82 6.26 6.87
C LEU C 670 11.72 5.64 6.02
N ASN C 671 11.14 4.58 6.54
CA ASN C 671 10.08 3.80 5.90
C ASN C 671 8.81 4.64 5.94
N ILE C 672 8.51 5.39 4.88
CA ILE C 672 7.23 6.15 4.80
C ILE C 672 6.31 5.57 3.72
N ALA C 673 6.76 4.58 2.94
CA ALA C 673 5.89 3.89 1.99
C ALA C 673 4.69 3.30 2.71
N ASP C 674 4.96 2.75 3.89
CA ASP C 674 3.91 2.08 4.69
C ASP C 674 2.90 3.08 5.28
N TRP C 675 3.13 4.39 5.15
CA TRP C 675 2.25 5.39 5.78
C TRP C 675 1.24 5.97 4.80
N GLU C 676 1.27 5.59 3.51
CA GLU C 676 0.46 6.33 2.51
C GLU C 676 -0.32 5.34 1.65
N GLU C 677 -1.47 5.78 1.21
CA GLU C 677 -2.33 5.05 0.26
C GLU C 677 -3.07 6.11 -0.53
N HIS C 678 -3.17 5.96 -1.85
CA HIS C 678 -3.84 6.94 -2.75
C HIS C 678 -3.26 8.34 -2.53
N ASN C 679 -1.94 8.40 -2.29
CA ASN C 679 -1.13 9.63 -2.15
C ASN C 679 -1.49 10.41 -0.88
N GLU C 680 -2.11 9.77 0.10
CA GLU C 680 -2.45 10.47 1.36
C GLU C 680 -2.00 9.62 2.53
N PHE C 681 -1.87 10.28 3.68
CA PHE C 681 -1.66 9.56 4.95
C PHE C 681 -2.76 8.53 5.12
N SER C 682 -2.34 7.32 5.51
CA SER C 682 -3.23 6.16 5.68
C SER C 682 -3.31 5.71 7.12
N PRO C 683 -4.34 6.15 7.90
CA PRO C 683 -4.43 5.71 9.29
C PRO C 683 -4.42 4.18 9.38
N THR C 684 -5.10 3.51 8.46
CA THR C 684 -5.15 2.02 8.49
C THR C 684 -3.75 1.42 8.34
N LYS C 685 -3.04 1.79 7.29
CA LYS C 685 -1.69 1.23 7.06
C LYS C 685 -0.76 1.55 8.23
N VAL C 686 -0.82 2.75 8.82
CA VAL C 686 0.10 3.11 9.91
C VAL C 686 -0.30 2.25 11.12
N ALA C 687 -1.59 2.07 11.35
CA ALA C 687 -2.05 1.26 12.51
C ALA C 687 -1.55 -0.18 12.33
N LYS C 688 -1.58 -0.70 11.10
CA LYS C 688 -1.07 -2.07 10.83
C LYS C 688 0.44 -2.18 11.06
N LEU C 689 1.21 -1.13 10.72
CA LEU C 689 2.66 -1.12 10.95
C LEU C 689 2.94 -0.97 12.45
N MET C 690 2.13 -0.19 13.17
CA MET C 690 2.30 -0.07 14.63
C MET C 690 2.08 -1.44 15.29
N ASN C 691 1.02 -2.16 14.93
CA ASN C 691 0.81 -3.56 15.35
C ASN C 691 2.06 -4.33 14.94
N GLY C 692 2.39 -4.26 13.66
CA GLY C 692 3.57 -4.93 13.12
C GLY C 692 3.25 -6.10 12.24
N TYR C 693 4.23 -6.46 11.42
CA TYR C 693 4.07 -7.60 10.49
C TYR C 693 5.41 -8.29 10.31
N PHE C 694 5.33 -9.49 9.80
CA PHE C 694 6.50 -10.32 9.42
C PHE C 694 7.12 -9.82 8.12
N LEU C 695 8.41 -9.52 8.19
CA LEU C 695 9.20 -9.04 7.03
C LEU C 695 9.71 -10.27 6.27
N LYS C 696 9.79 -11.41 6.94
CA LYS C 696 10.14 -12.73 6.32
C LYS C 696 9.33 -13.87 6.97
N ASP C 697 9.29 -15.01 6.32
CA ASP C 697 8.70 -16.25 6.89
C ASP C 697 9.50 -16.49 8.16
N THR C 698 8.81 -16.72 9.29
CA THR C 698 9.45 -16.79 10.62
C THR C 698 8.77 -17.91 11.40
N GLU C 699 9.56 -18.65 12.18
CA GLU C 699 9.03 -19.55 13.24
C GLU C 699 9.28 -18.88 14.59
N VAL C 700 8.23 -18.75 15.38
CA VAL C 700 8.31 -18.08 16.71
C VAL C 700 7.17 -18.65 17.57
N GLY C 701 7.50 -18.98 18.83
CA GLY C 701 6.61 -19.70 19.77
C GLY C 701 6.04 -20.96 19.13
N GLY C 702 6.89 -21.68 18.39
CA GLY C 702 6.57 -22.98 17.75
C GLY C 702 5.54 -22.86 16.64
N LYS C 703 5.18 -21.65 16.21
CA LYS C 703 4.21 -21.46 15.09
C LYS C 703 4.93 -20.88 13.87
N GLN C 704 4.37 -21.14 12.68
CA GLN C 704 4.90 -20.74 11.36
C GLN C 704 4.11 -19.52 10.87
N PHE C 705 4.82 -18.44 10.61
CA PHE C 705 4.23 -17.21 10.00
C PHE C 705 4.84 -16.97 8.62
N LYS C 706 4.02 -16.43 7.73
CA LYS C 706 4.40 -16.01 6.36
C LYS C 706 4.71 -14.51 6.37
N LYS C 707 5.77 -14.11 5.67
CA LYS C 707 6.01 -12.70 5.24
C LYS C 707 4.67 -12.02 4.93
N GLY C 708 4.42 -10.84 5.53
CA GLY C 708 3.23 -10.03 5.24
C GLY C 708 2.11 -10.29 6.22
N GLN C 709 2.16 -11.38 6.98
CA GLN C 709 1.14 -11.63 8.02
C GLN C 709 1.33 -10.58 9.12
N GLN C 710 0.23 -10.11 9.67
CA GLN C 710 0.26 -9.25 10.87
C GLN C 710 0.78 -10.07 12.06
N VAL C 711 1.56 -9.43 12.91
CA VAL C 711 2.02 -10.03 14.19
C VAL C 711 0.81 -10.17 15.10
N PRO C 712 0.47 -11.39 15.60
CA PRO C 712 -0.76 -11.58 16.37
C PRO C 712 -0.75 -10.95 17.77
N SER C 713 0.41 -10.75 18.36
CA SER C 713 0.61 -10.24 19.74
C SER C 713 2.10 -9.96 19.96
N PHE C 714 2.47 -9.20 20.97
CA PHE C 714 3.89 -8.87 21.22
C PHE C 714 4.66 -10.15 21.60
N ALA C 715 3.97 -11.21 21.99
CA ALA C 715 4.62 -12.50 22.37
C ALA C 715 5.34 -13.07 21.15
N PHE C 716 4.94 -12.68 19.92
CA PHE C 716 5.49 -13.26 18.67
C PHE C 716 6.48 -12.31 17.99
N LEU C 717 6.86 -11.21 18.64
CA LEU C 717 7.95 -10.34 18.13
C LEU C 717 9.32 -11.02 18.36
N THR C 718 10.26 -10.72 17.49
CA THR C 718 11.62 -11.31 17.53
C THR C 718 12.66 -10.19 17.60
N ALA C 719 13.87 -10.55 18.04
CA ALA C 719 15.00 -9.61 18.16
C ALA C 719 15.89 -9.72 16.93
N ASP C 720 15.62 -10.64 15.99
CA ASP C 720 16.60 -10.92 14.91
C ASP C 720 16.22 -10.19 13.61
N GLY C 721 15.23 -9.28 13.61
CA GLY C 721 14.89 -8.53 12.39
C GLY C 721 13.77 -9.15 11.58
N SER C 722 13.22 -10.30 11.96
CA SER C 722 12.12 -11.01 11.25
C SER C 722 10.81 -10.21 11.32
N THR C 723 10.62 -9.50 12.42
CA THR C 723 9.37 -8.77 12.72
C THR C 723 9.65 -7.30 12.75
N CYS C 724 8.64 -6.55 12.32
CA CYS C 724 8.57 -5.11 12.62
C CYS C 724 7.32 -4.90 13.49
N SER C 725 7.37 -3.84 14.27
CA SER C 725 6.24 -3.34 15.07
C SER C 725 6.62 -1.94 15.50
N GLY C 726 5.82 -0.95 15.09
CA GLY C 726 6.06 0.46 15.47
C GLY C 726 5.95 0.65 16.97
N ASN C 727 5.17 -0.19 17.64
CA ASN C 727 4.97 -0.04 19.09
C ASN C 727 4.51 -1.38 19.64
N TRP C 728 5.36 -2.04 20.43
CA TRP C 728 5.03 -3.43 20.85
C TRP C 728 3.70 -3.50 21.60
N LEU C 729 3.27 -2.42 22.28
CA LEU C 729 1.97 -2.43 22.99
C LEU C 729 0.82 -2.58 22.00
N HIS C 730 1.04 -2.17 20.75
CA HIS C 730 0.01 -2.28 19.70
C HIS C 730 -0.01 -3.66 19.04
N ALA C 731 0.95 -4.54 19.33
CA ALA C 731 0.96 -5.87 18.71
C ALA C 731 -0.16 -6.67 19.35
N GLY C 732 -1.18 -6.98 18.56
CA GLY C 732 -2.48 -7.55 18.98
C GLY C 732 -3.64 -6.61 18.65
N SER C 733 -3.39 -5.34 18.36
CA SER C 733 -4.49 -4.38 18.02
C SER C 733 -5.06 -4.55 16.61
N PHE C 734 -4.25 -5.00 15.65
CA PHE C 734 -4.65 -5.04 14.22
C PHE C 734 -3.97 -6.26 13.63
N THR C 735 -4.68 -7.39 13.70
CA THR C 735 -4.12 -8.72 13.41
C THR C 735 -4.66 -9.18 12.04
N ASP C 736 -4.36 -10.42 11.65
CA ASP C 736 -4.91 -11.00 10.40
C ASP C 736 -6.44 -11.07 10.50
N ALA C 737 -7.02 -11.09 11.72
CA ALA C 737 -8.48 -11.06 11.92
C ALA C 737 -9.03 -9.67 11.59
N GLY C 738 -8.21 -8.63 11.63
CA GLY C 738 -8.68 -7.28 11.24
C GLY C 738 -8.43 -6.29 12.36
N ASN C 739 -9.09 -5.16 12.22
CA ASN C 739 -8.86 -4.00 13.10
C ASN C 739 -9.63 -4.20 14.41
N LEU C 740 -8.99 -4.68 15.46
CA LEU C 740 -9.74 -4.99 16.71
C LEU C 740 -10.15 -3.68 17.41
N MET C 741 -9.48 -2.56 17.10
CA MET C 741 -9.85 -1.22 17.62
C MET C 741 -11.22 -0.80 17.10
N ALA C 742 -11.67 -1.38 15.97
CA ALA C 742 -12.95 -1.09 15.29
C ALA C 742 -14.05 -2.04 15.78
N ARG C 743 -13.76 -2.99 16.67
CA ARG C 743 -14.86 -3.86 17.17
C ARG C 743 -15.87 -3.03 17.97
N ARG C 744 -17.14 -3.27 17.68
CA ARG C 744 -18.30 -2.62 18.36
C ARG C 744 -19.25 -3.70 18.87
N ASP C 745 -18.70 -4.70 19.52
CA ASP C 745 -19.43 -5.92 19.94
C ASP C 745 -19.56 -5.93 21.46
N LYS C 746 -20.79 -5.84 21.96
CA LYS C 746 -21.08 -5.80 23.42
C LYS C 746 -21.37 -7.21 23.95
N THR C 747 -21.07 -8.25 23.16
CA THR C 747 -21.08 -9.66 23.62
C THR C 747 -20.17 -9.79 24.84
N GLN C 748 -20.67 -10.43 25.90
CA GLN C 748 -19.85 -10.74 27.09
C GLN C 748 -20.30 -12.10 27.66
N THR C 749 -19.36 -12.84 28.25
CA THR C 749 -19.70 -14.02 29.08
C THR C 749 -20.40 -13.49 30.32
N PRO C 750 -21.17 -14.32 31.05
CA PRO C 750 -21.79 -13.88 32.29
C PRO C 750 -20.76 -13.29 33.27
N GLU C 751 -19.58 -13.90 33.41
CA GLU C 751 -18.48 -13.42 34.30
C GLU C 751 -18.03 -12.00 33.85
N GLN C 752 -17.86 -11.81 32.56
CA GLN C 752 -17.40 -10.51 31.98
C GLN C 752 -18.49 -9.45 32.24
N ALA C 753 -19.76 -9.79 32.02
CA ALA C 753 -20.90 -8.85 32.11
C ALA C 753 -21.11 -8.44 33.55
N ARG C 754 -20.85 -9.32 34.52
CA ARG C 754 -21.02 -9.02 35.97
C ARG C 754 -20.14 -7.82 36.34
N ILE C 755 -18.97 -7.64 35.71
CA ILE C 755 -18.05 -6.54 36.07
C ILE C 755 -17.87 -5.51 34.93
N GLY C 756 -18.46 -5.72 33.75
CA GLY C 756 -18.43 -4.79 32.59
C GLY C 756 -17.07 -4.69 31.92
N LEU C 757 -16.45 -5.80 31.58
CA LEU C 757 -15.13 -5.78 30.87
C LEU C 757 -15.30 -5.37 29.38
N PHE C 758 -16.41 -5.74 28.75
CA PHE C 758 -16.70 -5.54 27.30
C PHE C 758 -15.47 -5.85 26.46
N PRO C 759 -14.92 -7.07 26.53
CA PRO C 759 -13.67 -7.38 25.85
C PRO C 759 -13.75 -7.40 24.32
N ASN C 760 -14.95 -7.41 23.75
CA ASN C 760 -15.17 -7.44 22.28
C ASN C 760 -15.51 -6.02 21.81
N TRP C 761 -15.48 -5.03 22.71
CA TRP C 761 -15.66 -3.62 22.33
C TRP C 761 -14.28 -2.96 22.25
N SER C 762 -13.85 -2.62 21.03
CA SER C 762 -12.51 -2.08 20.71
C SER C 762 -11.45 -3.03 21.27
N PHE C 763 -10.29 -2.51 21.62
CA PHE C 763 -9.14 -3.32 22.06
C PHE C 763 -8.35 -2.47 23.03
N CYS C 764 -7.88 -3.03 24.14
CA CYS C 764 -6.95 -2.28 25.01
C CYS C 764 -5.59 -2.97 25.01
N TRP C 765 -4.54 -2.18 25.14
CA TRP C 765 -3.22 -2.74 25.48
C TRP C 765 -3.21 -2.94 26.98
N PRO C 766 -2.45 -3.94 27.49
CA PRO C 766 -1.69 -4.91 26.69
C PRO C 766 -2.52 -6.18 26.43
N VAL C 767 -2.55 -6.63 25.17
CA VAL C 767 -3.33 -7.81 24.65
C VAL C 767 -4.71 -7.94 25.31
N ASN C 768 -5.42 -6.84 25.41
CA ASN C 768 -6.85 -6.82 25.80
C ASN C 768 -7.04 -7.21 27.28
N ARG C 769 -6.03 -6.99 28.12
CA ARG C 769 -6.13 -7.08 29.58
C ARG C 769 -6.78 -5.79 30.08
N ARG C 770 -8.06 -5.87 30.43
CA ARG C 770 -8.85 -4.67 30.78
C ARG C 770 -8.51 -4.20 32.20
N ILE C 771 -8.22 -5.13 33.10
CA ILE C 771 -7.80 -4.78 34.47
C ILE C 771 -6.38 -5.25 34.67
N LEU C 772 -5.44 -4.31 34.81
CA LEU C 772 -4.01 -4.66 34.99
C LEU C 772 -3.84 -5.35 36.35
N TYR C 773 -2.85 -6.24 36.42
CA TYR C 773 -2.39 -6.85 37.69
C TYR C 773 -3.43 -7.82 38.20
N ASN C 774 -4.27 -8.38 37.33
CA ASN C 774 -5.44 -9.17 37.74
C ASN C 774 -5.01 -10.53 38.37
N ARG C 775 -3.75 -10.96 38.27
CA ARG C 775 -3.32 -12.19 39.02
C ARG C 775 -3.36 -11.89 40.52
N ALA C 776 -3.27 -10.63 40.94
CA ALA C 776 -3.33 -10.27 42.35
C ALA C 776 -4.76 -10.41 42.89
N SER C 777 -5.74 -10.71 42.06
CA SER C 777 -7.19 -10.71 42.38
C SER C 777 -7.62 -12.11 42.85
N VAL C 778 -6.68 -13.06 42.81
CA VAL C 778 -6.95 -14.50 43.12
C VAL C 778 -5.90 -14.99 44.12
N ASP C 779 -6.27 -16.08 44.83
CA ASP C 779 -5.32 -16.73 45.76
C ASP C 779 -4.40 -17.66 44.97
N LYS C 780 -3.54 -18.39 45.69
CA LYS C 780 -2.55 -19.34 45.09
C LYS C 780 -3.25 -20.47 44.33
N THR C 781 -4.56 -20.69 44.47
CA THR C 781 -5.28 -21.77 43.73
C THR C 781 -6.04 -21.18 42.56
N GLY C 782 -6.01 -19.83 42.41
CA GLY C 782 -6.71 -19.16 41.29
C GLY C 782 -8.16 -18.89 41.61
N LYS C 783 -8.54 -18.85 42.88
CA LYS C 783 -9.93 -18.54 43.28
C LYS C 783 -9.94 -17.05 43.63
N PRO C 784 -10.92 -16.28 43.11
CA PRO C 784 -11.01 -14.86 43.40
C PRO C 784 -11.12 -14.58 44.92
N TRP C 785 -10.46 -13.54 45.38
CA TRP C 785 -10.69 -12.97 46.74
C TRP C 785 -12.19 -12.63 46.86
N ASN C 786 -12.78 -12.12 45.78
CA ASN C 786 -14.18 -11.61 45.76
C ASN C 786 -14.93 -12.29 44.62
N PRO C 787 -15.39 -13.56 44.81
CA PRO C 787 -16.05 -14.32 43.74
C PRO C 787 -17.23 -13.60 43.09
N ALA C 788 -17.94 -12.75 43.83
CA ALA C 788 -19.12 -12.04 43.29
C ALA C 788 -18.71 -11.00 42.23
N LYS C 789 -17.45 -10.55 42.23
CA LYS C 789 -16.88 -9.57 41.29
C LYS C 789 -15.54 -10.10 40.74
N ALA C 790 -15.51 -11.38 40.37
CA ALA C 790 -14.31 -12.04 39.82
C ALA C 790 -13.82 -11.25 38.62
N VAL C 791 -12.51 -11.02 38.56
CA VAL C 791 -11.82 -10.51 37.33
C VAL C 791 -11.36 -11.69 36.47
N ILE C 792 -10.54 -12.58 37.05
CA ILE C 792 -10.13 -13.86 36.43
C ILE C 792 -10.47 -14.96 37.41
N GLU C 793 -10.67 -16.18 36.92
CA GLU C 793 -10.87 -17.34 37.81
C GLU C 793 -10.28 -18.56 37.12
N TRP C 794 -9.53 -19.40 37.84
CA TRP C 794 -9.01 -20.67 37.25
C TRP C 794 -10.16 -21.66 37.21
N LYS C 795 -10.65 -22.02 36.02
CA LYS C 795 -11.80 -22.94 35.82
C LYS C 795 -11.38 -23.97 34.79
N ASP C 796 -11.50 -25.26 35.16
CA ASP C 796 -10.86 -26.46 34.55
C ASP C 796 -9.73 -26.05 33.61
N GLY C 797 -8.57 -25.76 34.20
CA GLY C 797 -7.27 -25.69 33.51
C GLY C 797 -7.06 -24.40 32.75
N LYS C 798 -7.97 -23.43 32.85
CA LYS C 798 -7.89 -22.14 32.09
C LYS C 798 -8.17 -20.96 33.02
N TRP C 799 -7.68 -19.78 32.65
CA TRP C 799 -8.14 -18.52 33.26
C TRP C 799 -9.37 -18.05 32.48
N VAL C 800 -10.50 -17.81 33.14
CA VAL C 800 -11.74 -17.31 32.49
C VAL C 800 -12.03 -15.92 33.06
N GLY C 801 -12.61 -15.06 32.22
CA GLY C 801 -13.00 -13.69 32.60
C GLY C 801 -12.23 -12.67 31.78
N ASP C 802 -11.42 -11.84 32.43
CA ASP C 802 -10.48 -10.91 31.77
C ASP C 802 -9.33 -11.73 31.17
N VAL C 803 -8.59 -11.16 30.24
CA VAL C 803 -7.33 -11.80 29.80
C VAL C 803 -6.38 -11.77 30.99
N VAL C 804 -5.75 -12.89 31.34
CA VAL C 804 -4.87 -12.91 32.53
C VAL C 804 -3.67 -12.02 32.26
N ASP C 805 -3.29 -11.23 33.23
CA ASP C 805 -2.11 -10.33 33.14
C ASP C 805 -0.87 -11.13 33.55
N GLY C 806 -0.39 -11.94 32.63
CA GLY C 806 0.78 -12.84 32.84
C GLY C 806 0.31 -14.28 32.81
N GLY C 807 0.77 -15.07 31.85
CA GLY C 807 0.46 -16.51 31.79
C GLY C 807 1.18 -17.27 32.92
N GLY C 808 0.58 -18.37 33.33
CA GLY C 808 1.18 -19.25 34.33
C GLY C 808 0.09 -19.88 35.15
N ASP C 809 0.24 -21.14 35.54
CA ASP C 809 -0.77 -21.79 36.40
C ASP C 809 -0.89 -20.95 37.67
N PRO C 810 -2.02 -21.09 38.41
CA PRO C 810 -2.15 -20.49 39.73
C PRO C 810 -0.97 -20.84 40.66
N GLY C 811 -0.44 -19.82 41.32
CA GLY C 811 0.56 -19.92 42.38
C GLY C 811 1.99 -19.97 41.84
N THR C 812 2.19 -19.92 40.52
CA THR C 812 3.50 -20.22 39.88
C THR C 812 4.33 -18.97 39.62
N LYS C 813 3.73 -17.79 39.56
CA LYS C 813 4.47 -16.52 39.27
C LYS C 813 4.01 -15.42 40.21
N HIS C 814 4.89 -14.49 40.51
CA HIS C 814 4.55 -13.24 41.24
C HIS C 814 3.64 -12.43 40.32
N PRO C 815 2.58 -11.77 40.86
CA PRO C 815 1.57 -11.18 40.00
C PRO C 815 1.94 -9.88 39.26
N PHE C 816 3.02 -9.19 39.64
CA PHE C 816 3.41 -7.92 38.99
C PHE C 816 4.53 -8.17 37.97
N ILE C 817 4.14 -8.58 36.76
CA ILE C 817 5.04 -9.20 35.76
C ILE C 817 5.99 -8.19 35.13
N MET C 818 5.68 -6.89 35.16
CA MET C 818 6.57 -5.83 34.63
C MET C 818 7.56 -5.37 35.68
N GLN C 819 7.42 -5.81 36.94
CA GLN C 819 8.40 -5.51 38.01
C GLN C 819 9.57 -6.49 37.88
N THR C 820 10.79 -6.00 38.03
CA THR C 820 12.01 -6.85 38.05
C THR C 820 11.80 -8.00 39.05
N HIS C 821 11.35 -7.66 40.26
CA HIS C 821 11.27 -8.58 41.44
C HIS C 821 9.90 -9.28 41.49
N GLY C 822 8.85 -8.73 40.85
CA GLY C 822 7.53 -9.36 40.69
C GLY C 822 6.49 -8.88 41.69
N PHE C 823 6.85 -7.94 42.57
CA PHE C 823 6.00 -7.52 43.73
C PHE C 823 5.49 -6.09 43.59
N GLY C 824 4.31 -5.82 44.14
CA GLY C 824 3.84 -4.45 44.42
C GLY C 824 4.73 -3.77 45.41
N ALA C 825 5.37 -2.66 45.09
CA ALA C 825 6.43 -2.04 45.92
C ALA C 825 5.82 -1.01 46.88
N LEU C 826 5.79 -1.35 48.17
CA LEU C 826 5.54 -0.41 49.29
C LEU C 826 6.75 0.49 49.43
N TYR C 827 7.93 -0.13 49.34
CA TYR C 827 9.26 0.54 49.38
C TYR C 827 9.77 0.58 47.95
N GLY C 828 10.04 1.78 47.44
CA GLY C 828 10.27 2.02 46.01
C GLY C 828 11.53 2.87 45.79
N PRO C 829 12.72 2.24 45.81
CA PRO C 829 13.97 2.99 45.85
C PRO C 829 14.49 3.64 44.55
N GLY C 830 13.69 3.57 43.46
CA GLY C 830 13.97 4.27 42.19
C GLY C 830 13.66 5.76 42.18
N ARG C 831 12.94 6.31 43.17
CA ARG C 831 12.37 7.69 43.03
C ARG C 831 13.41 8.67 43.55
N GLU C 832 13.43 9.85 42.93
CA GLU C 832 14.51 10.85 43.13
C GLU C 832 14.56 11.29 44.59
N GLU C 833 13.43 11.35 45.30
CA GLU C 833 13.45 11.94 46.68
C GLU C 833 13.10 10.88 47.73
N GLY C 834 13.16 9.60 47.38
CA GLY C 834 13.21 8.58 48.42
C GLY C 834 12.28 7.41 48.15
N PRO C 835 12.51 6.30 48.88
CA PRO C 835 11.76 5.06 48.67
C PRO C 835 10.39 5.09 49.37
N PHE C 836 10.18 6.10 50.24
CA PHE C 836 8.89 6.35 50.92
C PHE C 836 8.50 7.81 50.73
N PRO C 837 7.21 8.11 50.46
CA PRO C 837 6.75 9.49 50.47
C PRO C 837 6.98 10.19 51.82
N GLU C 838 7.26 11.48 51.76
CA GLU C 838 7.56 12.30 52.96
C GLU C 838 7.02 13.70 52.70
N HIS C 839 6.32 14.28 53.66
CA HIS C 839 5.77 15.63 53.47
C HIS C 839 6.88 16.67 53.26
N TYR C 840 6.77 17.39 52.14
CA TYR C 840 7.51 18.65 51.90
C TYR C 840 6.50 19.68 51.41
N GLU C 841 6.69 20.91 51.85
CA GLU C 841 5.82 22.07 51.49
C GLU C 841 6.06 22.44 50.04
N PRO C 842 5.01 22.97 49.36
CA PRO C 842 5.17 23.49 48.01
C PRO C 842 6.30 24.52 48.00
N LEU C 843 6.96 24.68 46.85
CA LEU C 843 8.12 25.58 46.65
C LEU C 843 7.73 27.03 47.00
N GLU C 844 6.49 27.45 46.68
CA GLU C 844 5.86 28.66 47.28
C GLU C 844 4.76 28.19 48.24
N CYS C 845 4.91 28.47 49.54
CA CYS C 845 4.03 27.89 50.58
C CYS C 845 3.70 28.95 51.62
N PRO C 846 2.61 28.73 52.35
CA PRO C 846 2.18 29.69 53.38
C PRO C 846 2.83 29.50 54.76
N VAL C 847 3.64 28.45 54.94
CA VAL C 847 4.34 28.19 56.24
C VAL C 847 5.84 28.31 56.01
N SER C 848 6.60 28.62 57.07
CA SER C 848 8.07 28.72 57.00
C SER C 848 8.67 27.52 57.73
N LYS C 849 7.83 26.72 58.38
CA LYS C 849 8.29 25.50 59.09
C LYS C 849 7.46 24.31 58.63
N ASN C 850 8.15 23.23 58.32
CA ASN C 850 7.56 21.89 58.09
C ASN C 850 7.46 21.17 59.42
N PRO C 851 6.25 20.81 59.90
CA PRO C 851 6.12 20.10 61.17
C PRO C 851 6.71 18.68 61.15
N PHE C 852 7.01 18.10 59.98
CA PHE C 852 7.54 16.72 59.91
C PHE C 852 9.06 16.72 60.06
N SER C 853 9.74 17.81 59.68
CA SER C 853 11.22 17.79 59.60
C SER C 853 11.77 19.20 59.42
N LYS C 854 13.11 19.30 59.47
CA LYS C 854 13.85 20.57 59.19
C LYS C 854 13.93 20.83 57.68
N GLN C 855 13.51 19.87 56.84
CA GLN C 855 13.51 20.03 55.35
C GLN C 855 12.16 20.63 54.93
N LEU C 856 12.14 21.91 54.57
CA LEU C 856 10.88 22.64 54.28
C LEU C 856 10.33 22.12 52.95
N HIS C 857 11.23 22.03 51.96
CA HIS C 857 10.89 21.72 50.55
C HIS C 857 11.51 20.40 50.14
N ASN C 858 11.02 19.84 49.03
CA ASN C 858 11.59 18.63 48.44
C ASN C 858 13.10 18.88 48.35
N PRO C 859 13.93 18.09 49.06
CA PRO C 859 15.38 18.26 49.05
C PRO C 859 16.06 18.15 47.68
N VAL C 860 15.37 17.62 46.64
CA VAL C 860 16.01 17.49 45.28
C VAL C 860 15.18 18.19 44.19
N ALA C 861 14.31 19.15 44.54
CA ALA C 861 13.26 19.74 43.65
C ALA C 861 13.82 20.33 42.33
N PHE C 862 13.09 20.14 41.20
CA PHE C 862 13.39 20.86 39.92
C PHE C 862 13.08 22.35 40.11
N GLN C 863 14.13 23.18 40.02
CA GLN C 863 14.05 24.66 40.12
C GLN C 863 15.04 25.29 39.15
N ILE C 864 14.90 26.60 38.91
CA ILE C 864 15.75 27.36 37.94
C ILE C 864 16.44 28.49 38.70
N GLU C 865 17.79 28.50 38.71
CA GLU C 865 18.62 29.45 39.49
C GLU C 865 18.08 30.88 39.32
N GLY C 866 17.83 31.59 40.42
CA GLY C 866 17.47 33.03 40.42
C GLY C 866 15.98 33.29 40.20
N GLU C 867 15.14 32.25 40.12
CA GLU C 867 13.65 32.40 40.10
C GLU C 867 13.16 32.34 41.56
N LYS C 868 12.94 33.51 42.16
CA LYS C 868 12.61 33.63 43.62
C LYS C 868 11.23 33.03 43.86
N LYS C 869 11.03 32.41 45.02
CA LYS C 869 9.73 31.83 45.43
C LYS C 869 9.22 32.64 46.62
N ALA C 870 7.93 32.97 46.65
CA ALA C 870 7.25 33.70 47.76
C ALA C 870 6.89 32.70 48.88
N VAL C 871 7.84 32.45 49.79
CA VAL C 871 7.66 31.53 50.95
C VAL C 871 7.25 32.40 52.17
N ALA C 872 6.02 32.21 52.68
CA ALA C 872 5.46 32.91 53.85
C ALA C 872 5.78 34.40 53.73
N ASP C 873 5.50 34.97 52.56
CA ASP C 873 5.89 36.33 52.12
C ASP C 873 4.67 37.24 52.21
N PRO C 874 4.72 38.32 53.03
CA PRO C 874 3.58 39.23 53.20
C PRO C 874 2.96 39.83 51.93
N ARG C 875 3.75 40.02 50.87
CA ARG C 875 3.28 40.57 49.58
C ARG C 875 2.38 39.56 48.85
N TYR C 876 2.56 38.25 49.11
CA TYR C 876 1.81 37.13 48.45
C TYR C 876 1.31 36.14 49.49
N PRO C 877 0.32 36.56 50.31
CA PRO C 877 0.01 35.85 51.55
C PRO C 877 -0.97 34.67 51.39
N PHE C 878 -1.56 34.52 50.19
CA PHE C 878 -2.66 33.54 49.94
C PHE C 878 -2.20 32.38 49.05
N ILE C 879 -2.69 31.18 49.33
CA ILE C 879 -2.47 30.00 48.44
C ILE C 879 -3.11 30.29 47.08
N GLY C 880 -2.37 30.08 45.99
CA GLY C 880 -2.91 30.10 44.62
C GLY C 880 -3.03 28.68 44.11
N THR C 881 -4.14 28.39 43.43
CA THR C 881 -4.31 27.10 42.73
C THR C 881 -5.09 27.37 41.44
N THR C 882 -4.89 26.51 40.45
CA THR C 882 -5.61 26.63 39.16
C THR C 882 -6.32 25.33 38.86
N TYR C 883 -7.43 25.43 38.15
CA TYR C 883 -8.26 24.24 37.88
C TYR C 883 -9.23 24.57 36.74
N ARG C 884 -10.15 23.63 36.50
CA ARG C 884 -11.05 23.59 35.35
C ARG C 884 -12.51 23.73 35.77
N VAL C 885 -13.34 24.08 34.79
CA VAL C 885 -14.81 23.96 34.86
C VAL C 885 -15.32 23.03 33.76
N THR C 886 -16.51 22.49 33.96
CA THR C 886 -17.11 21.50 33.04
C THR C 886 -17.14 22.02 31.60
N GLU C 887 -17.40 23.30 31.39
CA GLU C 887 -17.77 23.82 30.04
C GLU C 887 -16.58 24.16 29.15
N HIS C 888 -15.39 24.37 29.69
CA HIS C 888 -14.24 24.77 28.86
C HIS C 888 -13.20 23.67 28.81
N TRP C 889 -12.35 23.76 27.79
CA TRP C 889 -11.34 22.75 27.49
C TRP C 889 -9.95 23.40 27.51
N GLN C 890 -9.11 22.96 28.43
CA GLN C 890 -7.65 23.25 28.43
C GLN C 890 -7.44 24.77 28.45
N THR C 891 -6.67 25.34 27.53
CA THR C 891 -6.43 26.81 27.50
C THR C 891 -7.68 27.53 27.00
N GLY C 892 -8.71 26.78 26.60
CA GLY C 892 -9.95 27.28 25.97
C GLY C 892 -9.74 27.71 24.53
N LEU C 893 -8.58 27.47 23.94
CA LEU C 893 -8.40 27.74 22.50
C LEU C 893 -9.58 27.20 21.69
N MET C 894 -10.01 25.98 22.00
CA MET C 894 -11.18 25.39 21.33
C MET C 894 -12.50 25.97 21.82
N THR C 895 -12.76 25.96 23.13
CA THR C 895 -14.12 26.22 23.63
C THR C 895 -14.39 27.72 23.75
N ARG C 896 -13.35 28.57 23.77
CA ARG C 896 -13.57 30.04 23.66
C ARG C 896 -14.10 30.40 22.28
N ARG C 897 -14.06 29.46 21.32
CA ARG C 897 -14.56 29.68 19.96
C ARG C 897 -15.98 29.13 19.81
N CYS C 898 -16.51 28.47 20.85
CA CYS C 898 -17.81 27.75 20.83
C CYS C 898 -18.83 28.59 21.60
N ALA C 899 -19.75 29.25 20.89
CA ALA C 899 -20.62 30.27 21.52
C ALA C 899 -21.44 29.69 22.69
N TRP C 900 -21.86 28.42 22.64
CA TRP C 900 -22.71 27.84 23.72
C TRP C 900 -21.88 27.61 24.99
N LEU C 901 -20.57 27.39 24.87
CA LEU C 901 -19.68 27.20 26.03
C LEU C 901 -19.24 28.57 26.59
N VAL C 902 -18.92 29.53 25.74
CA VAL C 902 -18.72 30.92 26.20
C VAL C 902 -20.00 31.43 26.89
N GLU C 903 -21.19 31.08 26.41
CA GLU C 903 -22.45 31.59 26.99
C GLU C 903 -22.49 31.18 28.47
N ALA C 904 -22.13 29.95 28.77
CA ALA C 904 -22.21 29.38 30.12
C ALA C 904 -21.10 29.89 31.03
N GLU C 905 -19.91 30.16 30.50
CA GLU C 905 -18.70 30.52 31.27
C GLU C 905 -17.93 31.58 30.49
N PRO C 906 -18.47 32.81 30.46
CA PRO C 906 -17.97 33.82 29.51
C PRO C 906 -16.65 34.50 29.92
N GLN C 907 -16.22 34.40 31.16
CA GLN C 907 -15.08 35.22 31.67
C GLN C 907 -14.29 34.49 32.74
N ILE C 908 -13.01 34.84 32.80
CA ILE C 908 -12.16 34.38 33.91
C ILE C 908 -12.75 34.91 35.24
N PHE C 909 -12.77 34.03 36.21
CA PHE C 909 -13.28 34.30 37.56
C PHE C 909 -12.19 33.98 38.55
N CYS C 910 -12.45 34.43 39.77
CA CYS C 910 -11.57 34.17 40.92
C CYS C 910 -12.43 33.69 42.07
N GLU C 911 -12.24 32.45 42.53
CA GLU C 911 -13.06 31.88 43.63
C GLU C 911 -12.35 32.20 44.94
N ILE C 912 -13.09 32.79 45.88
CA ILE C 912 -12.59 33.09 47.25
C ILE C 912 -13.70 32.84 48.28
N SER C 913 -13.28 32.59 49.51
CA SER C 913 -14.15 32.46 50.71
C SER C 913 -14.81 33.80 51.02
N LYS C 914 -15.92 33.73 51.74
CA LYS C 914 -16.54 34.94 52.35
C LYS C 914 -15.53 35.63 53.26
N GLU C 915 -14.68 34.87 53.95
CA GLU C 915 -13.72 35.38 54.96
C GLU C 915 -12.65 36.20 54.26
N LEU C 916 -12.07 35.67 53.19
CA LEU C 916 -11.05 36.43 52.43
C LEU C 916 -11.75 37.62 51.77
N ALA C 917 -12.96 37.44 51.25
CA ALA C 917 -13.72 38.54 50.63
C ALA C 917 -13.93 39.64 51.67
N LYS C 918 -14.24 39.28 52.91
CA LYS C 918 -14.40 40.29 54.01
C LYS C 918 -13.05 40.98 54.24
N LEU C 919 -11.98 40.22 54.45
CA LEU C 919 -10.61 40.72 54.68
C LEU C 919 -10.22 41.76 53.61
N ARG C 920 -10.45 41.48 52.32
CA ARG C 920 -9.96 42.36 51.21
C ARG C 920 -11.06 43.29 50.71
N GLY C 921 -12.25 43.29 51.31
CA GLY C 921 -13.33 44.21 50.93
C GLY C 921 -13.84 43.95 49.52
N ILE C 922 -13.93 42.67 49.16
CA ILE C 922 -14.38 42.23 47.80
C ILE C 922 -15.83 41.75 47.90
N GLY C 923 -16.72 42.29 47.08
CA GLY C 923 -18.09 41.79 46.90
C GLY C 923 -18.19 40.77 45.79
N ASN C 924 -19.18 39.90 45.89
CA ASN C 924 -19.48 38.93 44.82
C ASN C 924 -19.66 39.69 43.51
N GLY C 925 -19.00 39.26 42.42
CA GLY C 925 -19.15 39.89 41.10
C GLY C 925 -18.16 41.04 40.89
N ASP C 926 -17.40 41.44 41.90
CA ASP C 926 -16.43 42.58 41.79
C ASP C 926 -15.28 42.15 40.88
N THR C 927 -14.69 43.10 40.18
CA THR C 927 -13.41 42.89 39.46
C THR C 927 -12.27 42.89 40.47
N VAL C 928 -11.35 41.93 40.38
CA VAL C 928 -10.21 41.74 41.30
C VAL C 928 -8.95 41.55 40.47
N LYS C 929 -7.80 41.87 41.06
CA LYS C 929 -6.48 41.63 40.45
C LYS C 929 -5.78 40.58 41.29
N VAL C 930 -5.35 39.49 40.67
CA VAL C 930 -4.59 38.40 41.36
C VAL C 930 -3.14 38.51 40.92
N SER C 931 -2.19 38.57 41.84
CA SER C 931 -0.78 38.83 41.45
C SER C 931 0.12 37.79 42.09
N SER C 932 1.20 37.43 41.40
CA SER C 932 2.29 36.62 41.97
C SER C 932 3.61 37.29 41.61
N LEU C 933 4.73 36.72 42.03
CA LEU C 933 6.07 37.22 41.64
C LEU C 933 6.21 37.23 40.12
N ARG C 934 5.47 36.40 39.38
CA ARG C 934 5.71 36.20 37.93
C ARG C 934 4.71 36.95 37.04
N GLY C 935 3.63 37.52 37.57
CA GLY C 935 2.68 38.31 36.78
C GLY C 935 1.40 38.62 37.52
N ALA C 936 0.40 39.13 36.80
CA ALA C 936 -0.89 39.53 37.39
C ALA C 936 -1.97 39.53 36.34
N LEU C 937 -3.23 39.37 36.76
CA LEU C 937 -4.36 39.56 35.85
C LEU C 937 -5.61 39.84 36.67
N GLU C 938 -6.64 40.30 35.95
CA GLU C 938 -7.97 40.61 36.51
C GLU C 938 -8.95 39.49 36.22
N ALA C 939 -9.95 39.39 37.07
CA ALA C 939 -10.96 38.32 37.00
C ALA C 939 -12.21 38.79 37.77
N VAL C 940 -13.34 38.15 37.55
CA VAL C 940 -14.58 38.44 38.31
C VAL C 940 -14.54 37.60 39.59
N ALA C 941 -14.80 38.21 40.73
CA ALA C 941 -14.81 37.50 42.02
C ALA C 941 -16.09 36.68 42.11
N ILE C 942 -15.92 35.42 42.43
CA ILE C 942 -17.00 34.50 42.84
C ILE C 942 -16.74 34.24 44.31
N VAL C 943 -17.53 34.91 45.16
CA VAL C 943 -17.41 34.79 46.62
C VAL C 943 -18.37 33.68 47.07
N THR C 944 -17.85 32.69 47.77
CA THR C 944 -18.63 31.45 47.98
C THR C 944 -18.20 30.74 49.26
N GLU C 945 -19.17 30.14 49.95
CA GLU C 945 -18.94 29.22 51.09
C GLU C 945 -18.32 27.90 50.61
N ARG C 946 -18.18 27.69 49.29
CA ARG C 946 -17.50 26.50 48.75
C ARG C 946 -15.99 26.58 48.98
N ILE C 947 -15.47 27.72 49.43
CA ILE C 947 -14.07 27.82 49.92
C ILE C 947 -14.14 28.38 51.36
N ARG C 948 -13.36 27.77 52.25
CA ARG C 948 -13.27 28.16 53.69
C ARG C 948 -11.79 28.30 54.01
N PRO C 949 -11.41 29.12 55.01
CA PRO C 949 -10.03 29.18 55.47
C PRO C 949 -9.52 27.80 55.86
N PHE C 950 -8.22 27.61 55.75
CA PHE C 950 -7.53 26.40 56.20
C PHE C 950 -6.80 26.77 57.48
N LYS C 951 -7.14 26.10 58.58
CA LYS C 951 -6.48 26.37 59.89
C LYS C 951 -5.22 25.52 59.93
N ILE C 952 -4.08 26.16 59.65
CA ILE C 952 -2.76 25.52 59.48
C ILE C 952 -1.91 25.94 60.70
N GLU C 953 -1.53 24.98 61.55
CA GLU C 953 -0.70 25.28 62.75
C GLU C 953 -1.38 26.40 63.55
N GLY C 954 -2.71 26.31 63.68
CA GLY C 954 -3.57 27.22 64.45
C GLY C 954 -3.78 28.59 63.82
N VAL C 955 -3.34 28.84 62.58
CA VAL C 955 -3.49 30.14 61.87
C VAL C 955 -4.30 29.92 60.59
N ASP C 956 -5.28 30.78 60.32
CA ASP C 956 -6.17 30.73 59.12
C ASP C 956 -5.39 31.11 57.86
N VAL C 957 -5.35 30.22 56.87
CA VAL C 957 -4.67 30.47 55.55
C VAL C 957 -5.76 30.53 54.49
N HIS C 958 -5.79 31.58 53.71
CA HIS C 958 -6.77 31.83 52.61
C HIS C 958 -6.21 31.34 51.27
N MET C 959 -7.08 30.79 50.42
CA MET C 959 -6.69 30.40 49.03
C MET C 959 -7.45 31.25 48.03
N VAL C 960 -6.86 31.39 46.86
CA VAL C 960 -7.43 32.09 45.69
C VAL C 960 -7.44 31.09 44.53
N GLY C 961 -8.61 30.84 43.96
CA GLY C 961 -8.77 29.86 42.87
C GLY C 961 -9.02 30.54 41.54
N LEU C 962 -8.34 30.10 40.49
CA LEU C 962 -8.55 30.60 39.12
C LEU C 962 -8.69 29.43 38.15
N PRO C 963 -9.52 29.61 37.10
CA PRO C 963 -9.52 28.72 35.95
C PRO C 963 -8.45 29.21 34.98
N TRP C 964 -7.82 28.27 34.28
CA TRP C 964 -6.72 28.57 33.33
C TRP C 964 -7.25 28.46 31.88
N HIS C 965 -8.55 28.61 31.68
CA HIS C 965 -9.22 28.41 30.38
C HIS C 965 -9.24 29.68 29.51
N TYR C 966 -8.65 30.78 29.96
CA TYR C 966 -8.90 32.06 29.27
C TYR C 966 -7.60 32.55 28.60
N GLY C 967 -7.80 33.35 27.58
CA GLY C 967 -6.65 33.93 26.87
C GLY C 967 -7.04 35.16 26.09
N TRP C 968 -6.04 36.01 25.87
CA TRP C 968 -6.30 37.39 25.36
C TRP C 968 -6.96 37.46 23.99
N MET C 969 -6.89 36.43 23.14
CA MET C 969 -7.36 36.53 21.76
C MET C 969 -8.89 36.54 21.66
N VAL C 970 -9.59 35.77 22.51
CA VAL C 970 -11.04 35.54 22.31
C VAL C 970 -11.57 34.92 23.61
N PRO C 971 -12.86 35.10 23.99
CA PRO C 971 -13.77 36.10 23.44
C PRO C 971 -13.50 37.48 24.03
N LYS C 972 -14.26 38.46 23.58
CA LYS C 972 -14.25 39.83 24.15
C LYS C 972 -14.49 39.74 25.67
N ASN C 973 -13.59 40.34 26.44
CA ASN C 973 -13.68 40.48 27.92
C ASN C 973 -13.51 39.12 28.61
N GLY C 974 -13.00 38.09 27.93
CA GLY C 974 -12.82 36.78 28.59
C GLY C 974 -11.74 36.79 29.63
N GLY C 975 -10.69 37.60 29.43
CA GLY C 975 -9.48 37.57 30.27
C GLY C 975 -8.35 36.74 29.68
N ASP C 976 -7.24 36.70 30.39
CA ASP C 976 -6.03 36.00 29.94
C ASP C 976 -5.74 34.83 30.87
N THR C 977 -4.60 34.19 30.67
CA THR C 977 -4.27 32.90 31.24
C THR C 977 -3.85 33.09 32.70
N ALA C 978 -4.40 32.25 33.57
CA ALA C 978 -3.90 32.10 34.95
C ALA C 978 -2.42 31.67 34.95
N ASN C 979 -1.89 31.15 33.84
CA ASN C 979 -0.48 30.73 33.86
C ASN C 979 0.46 31.94 33.82
N LEU C 980 -0.03 33.17 33.66
CA LEU C 980 0.81 34.34 33.99
C LEU C 980 1.33 34.25 35.46
N LEU C 981 0.66 33.50 36.34
CA LEU C 981 1.01 33.54 37.79
C LEU C 981 1.89 32.37 38.19
N THR C 982 1.84 31.27 37.46
CA THR C 982 2.32 29.97 37.99
C THR C 982 3.83 29.89 37.91
N PRO C 983 4.45 29.05 38.78
CA PRO C 983 5.90 28.90 38.83
C PRO C 983 6.40 27.89 37.79
N SER C 984 7.57 28.19 37.24
CA SER C 984 8.34 27.27 36.37
C SER C 984 9.28 26.45 37.25
N ALA C 985 8.71 25.65 38.12
CA ALA C 985 9.44 24.78 39.06
C ALA C 985 8.51 23.64 39.47
N GLY C 986 9.07 22.51 39.86
CA GLY C 986 8.25 21.37 40.30
C GLY C 986 9.02 20.08 40.52
N ASP C 987 8.49 18.98 40.01
CA ASP C 987 8.88 17.63 40.48
C ASP C 987 10.25 17.27 39.92
N PRO C 988 11.18 16.79 40.77
CA PRO C 988 12.50 16.36 40.29
C PRO C 988 12.54 15.06 39.47
N ASN C 989 11.53 14.19 39.61
CA ASN C 989 11.41 12.94 38.82
C ASN C 989 11.10 13.30 37.37
N THR C 990 10.19 14.23 37.13
CA THR C 990 9.59 14.38 35.77
C THR C 990 9.54 15.83 35.26
N GLY C 991 9.86 16.82 36.09
CA GLY C 991 9.87 18.22 35.63
C GLY C 991 8.46 18.79 35.48
N ILE C 992 7.44 18.18 36.07
CA ILE C 992 6.06 18.76 36.01
C ILE C 992 6.02 20.00 36.89
N PRO C 993 5.45 21.14 36.41
CA PRO C 993 5.35 22.33 37.23
C PRO C 993 4.26 22.25 38.31
N GLU C 994 4.48 23.01 39.38
CA GLU C 994 3.59 23.07 40.58
C GLU C 994 2.46 24.06 40.29
N THR C 995 1.59 23.73 39.32
CA THR C 995 0.50 24.64 38.90
C THR C 995 -0.65 24.56 39.91
N LYS C 996 -0.59 23.64 40.89
CA LYS C 996 -1.71 23.40 41.83
C LYS C 996 -1.43 24.00 43.20
N ALA C 997 -0.21 24.47 43.50
CA ALA C 997 0.07 25.14 44.79
C ALA C 997 1.19 26.17 44.67
N PHE C 998 0.83 27.43 44.80
CA PHE C 998 1.81 28.55 44.77
C PHE C 998 1.26 29.65 45.67
N MET C 999 1.84 30.86 45.66
CA MET C 999 1.33 31.95 46.53
C MET C 999 1.05 33.18 45.68
N VAL C 1000 0.00 33.89 46.05
CA VAL C 1000 -0.51 35.07 45.32
C VAL C 1000 -1.00 36.12 46.32
N ASP C 1001 -1.36 37.26 45.76
CA ASP C 1001 -2.18 38.28 46.43
C ASP C 1001 -3.43 38.46 45.57
N VAL C 1002 -4.50 38.95 46.19
CA VAL C 1002 -5.73 39.41 45.50
C VAL C 1002 -6.12 40.75 46.10
N ARG C 1003 -6.57 41.64 45.23
CA ARG C 1003 -7.01 43.00 45.62
C ARG C 1003 -8.22 43.34 44.77
N LYS C 1004 -9.17 44.06 45.33
CA LYS C 1004 -10.23 44.72 44.55
C LYS C 1004 -9.64 45.68 43.53
N VAL C 1005 -10.25 45.75 42.35
CA VAL C 1005 -9.94 46.77 41.33
C VAL C 1005 -11.07 47.80 41.35
N TRP C 1006 -10.72 49.09 41.47
CA TRP C 1006 -11.66 50.23 41.33
C TRP C 1006 -11.45 50.89 39.97
N GLY D 2 -50.10 9.86 27.69
CA GLY D 2 -49.08 10.77 27.10
C GLY D 2 -47.71 10.53 27.69
N LYS D 3 -46.75 11.38 27.35
CA LYS D 3 -45.37 11.23 27.83
C LYS D 3 -45.13 12.08 29.07
N MET D 4 -43.98 11.87 29.69
CA MET D 4 -43.62 12.54 30.95
C MET D 4 -42.10 12.47 31.11
N PHE D 5 -41.49 13.51 31.67
CA PHE D 5 -40.12 13.51 32.18
C PHE D 5 -40.18 13.27 33.69
N PHE D 6 -39.27 12.46 34.18
CA PHE D 6 -39.00 12.34 35.63
C PHE D 6 -37.57 12.80 35.81
N VAL D 7 -37.39 13.85 36.58
CA VAL D 7 -36.09 14.55 36.75
C VAL D 7 -35.63 14.37 38.21
N ASP D 8 -34.66 13.48 38.43
CA ASP D 8 -34.17 13.17 39.79
C ASP D 8 -33.01 14.12 40.11
N LEU D 9 -33.30 15.23 40.76
CA LEU D 9 -32.31 16.30 41.01
C LEU D 9 -31.29 15.89 42.07
N SER D 10 -31.45 14.72 42.67
CA SER D 10 -30.47 14.16 43.61
C SER D 10 -29.28 13.56 42.87
N ARG D 11 -29.35 13.48 41.55
CA ARG D 11 -28.27 12.84 40.74
C ARG D 11 -27.57 13.91 39.90
N CYS D 12 -28.00 15.17 39.95
CA CYS D 12 -27.53 16.19 38.98
C CYS D 12 -26.12 16.69 39.33
N THR D 13 -25.20 16.68 38.37
CA THR D 13 -23.83 17.21 38.57
C THR D 13 -23.67 18.62 37.98
N ALA D 14 -24.77 19.23 37.51
CA ALA D 14 -24.78 20.55 36.87
C ALA D 14 -23.76 20.57 35.73
N CYS D 15 -23.62 19.48 35.02
CA CYS D 15 -22.68 19.41 33.88
C CYS D 15 -23.10 20.36 32.77
N ARG D 16 -24.39 20.72 32.69
CA ARG D 16 -24.96 21.56 31.61
C ARG D 16 -24.93 20.86 30.23
N GLY D 17 -24.81 19.53 30.20
CA GLY D 17 -24.93 18.79 28.94
C GLY D 17 -26.28 19.05 28.34
N CYS D 18 -27.33 19.11 29.18
CA CYS D 18 -28.73 19.28 28.73
C CYS D 18 -28.92 20.67 28.12
N GLN D 19 -28.29 21.67 28.71
CA GLN D 19 -28.43 23.07 28.32
C GLN D 19 -27.83 23.20 26.92
N ILE D 20 -26.66 22.59 26.74
CA ILE D 20 -25.98 22.64 25.40
C ILE D 20 -26.74 21.78 24.40
N ALA D 21 -27.19 20.59 24.79
CA ALA D 21 -27.82 19.65 23.85
C ALA D 21 -29.10 20.28 23.28
N CYS D 22 -29.85 21.00 24.10
CA CYS D 22 -31.06 21.68 23.64
C CYS D 22 -30.70 22.61 22.47
N LYS D 23 -29.67 23.42 22.67
CA LYS D 23 -29.24 24.40 21.64
C LYS D 23 -28.68 23.66 20.43
N GLN D 24 -27.94 22.58 20.62
CA GLN D 24 -27.34 21.88 19.45
C GLN D 24 -28.48 21.30 18.63
N TRP D 25 -29.48 20.71 19.26
CA TRP D 25 -30.51 20.01 18.48
C TRP D 25 -31.33 21.05 17.68
N LYS D 26 -31.62 22.21 18.25
CA LYS D 26 -32.43 23.25 17.56
C LYS D 26 -31.54 24.27 16.82
N ASN D 27 -30.22 24.19 16.93
CA ASN D 27 -29.29 25.17 16.35
C ASN D 27 -29.67 26.57 16.83
N LEU D 28 -29.92 26.73 18.12
CA LEU D 28 -30.27 28.02 18.72
C LEU D 28 -29.02 28.86 18.87
N PRO D 29 -29.20 30.19 18.82
CA PRO D 29 -28.09 31.09 19.05
C PRO D 29 -27.73 31.16 20.53
N ALA D 30 -26.53 31.64 20.79
CA ALA D 30 -26.04 31.95 22.14
C ALA D 30 -26.40 33.39 22.50
N GLU D 31 -26.59 33.62 23.79
CA GLU D 31 -26.76 34.97 24.38
C GLU D 31 -25.42 35.64 24.61
N GLU D 32 -25.46 36.98 24.68
CA GLU D 32 -24.33 37.75 25.27
C GLU D 32 -24.43 37.63 26.78
N THR D 33 -23.42 37.09 27.42
CA THR D 33 -23.42 36.88 28.88
C THR D 33 -22.16 37.43 29.47
N ARG D 34 -22.17 37.61 30.80
CA ARG D 34 -21.00 38.02 31.56
C ARG D 34 -21.06 37.32 32.89
N ASN D 35 -19.92 37.21 33.55
CA ASN D 35 -19.88 36.56 34.88
C ASN D 35 -20.19 37.66 35.90
N THR D 36 -21.25 37.53 36.68
CA THR D 36 -21.57 38.49 37.76
C THR D 36 -21.43 37.82 39.11
N GLY D 37 -20.54 36.84 39.21
CA GLY D 37 -20.25 36.16 40.48
C GLY D 37 -20.97 34.84 40.62
N SER D 38 -21.19 34.13 39.52
CA SER D 38 -21.90 32.82 39.55
C SER D 38 -21.46 32.00 38.33
N HIS D 39 -21.50 30.68 38.46
CA HIS D 39 -21.37 29.78 37.29
C HIS D 39 -22.63 29.82 36.47
N GLN D 40 -23.77 30.21 37.03
CA GLN D 40 -25.06 30.19 36.30
C GLN D 40 -24.96 31.09 35.08
N ASN D 41 -25.31 30.59 33.91
CA ASN D 41 -25.35 31.42 32.70
C ASN D 41 -25.90 30.56 31.58
N PRO D 42 -26.84 31.06 30.75
CA PRO D 42 -27.48 32.37 30.90
C PRO D 42 -28.18 32.51 32.24
N PRO D 43 -28.39 33.74 32.73
CA PRO D 43 -28.97 33.92 34.07
C PRO D 43 -30.45 33.51 34.11
N ASP D 44 -31.10 33.49 32.96
CA ASP D 44 -32.57 33.32 32.85
C ASP D 44 -32.86 32.60 31.53
N LEU D 45 -34.00 31.95 31.45
CA LEU D 45 -34.62 31.60 30.15
C LEU D 45 -34.82 32.89 29.36
N SER D 46 -34.75 32.77 28.05
CA SER D 46 -35.02 33.88 27.10
C SER D 46 -35.60 33.30 25.81
N TYR D 47 -35.89 34.17 24.84
CA TYR D 47 -36.46 33.66 23.58
C TYR D 47 -35.52 32.64 22.94
N VAL D 48 -34.21 32.74 23.18
CA VAL D 48 -33.25 31.81 22.53
C VAL D 48 -32.71 30.78 23.51
N THR D 49 -33.19 30.77 24.76
CA THR D 49 -32.68 29.85 25.79
C THR D 49 -33.88 29.17 26.42
N LEU D 50 -34.12 27.91 26.07
CA LEU D 50 -35.34 27.18 26.51
C LEU D 50 -35.07 26.42 27.82
N LYS D 51 -33.81 26.29 28.16
CA LYS D 51 -33.35 25.56 29.36
C LYS D 51 -32.08 26.22 29.85
N THR D 52 -32.04 26.55 31.12
CA THR D 52 -30.79 26.95 31.77
C THR D 52 -30.72 26.23 33.11
N VAL D 53 -29.52 25.91 33.53
CA VAL D 53 -29.32 25.26 34.85
C VAL D 53 -29.13 26.36 35.88
N ARG D 54 -30.03 26.41 36.86
CA ARG D 54 -29.97 27.38 37.96
C ARG D 54 -29.18 26.77 39.10
N PHE D 55 -28.29 27.58 39.65
CA PHE D 55 -27.37 27.21 40.74
C PHE D 55 -27.73 28.00 41.99
N THR D 56 -27.94 27.34 43.11
CA THR D 56 -28.22 27.97 44.42
C THR D 56 -27.36 27.32 45.52
N GLU D 57 -26.67 28.14 46.31
CA GLU D 57 -25.83 27.68 47.45
C GLU D 57 -26.60 27.92 48.76
N LYS D 58 -26.77 26.85 49.50
CA LYS D 58 -27.38 26.87 50.86
C LYS D 58 -26.31 26.45 51.86
N SER D 59 -26.18 27.21 52.96
CA SER D 59 -25.23 26.86 54.06
C SER D 59 -25.70 25.54 54.69
N ARG D 60 -24.76 24.75 55.20
CA ARG D 60 -25.07 23.56 56.02
C ARG D 60 -23.97 23.48 57.09
N LYS D 61 -24.34 22.94 58.26
CA LYS D 61 -23.40 22.69 59.38
C LYS D 61 -22.23 21.87 58.81
N GLY D 62 -21.02 22.21 59.24
CA GLY D 62 -19.81 21.47 58.87
C GLY D 62 -19.34 21.91 57.49
N PRO D 63 -18.37 21.18 56.90
CA PRO D 63 -17.70 21.66 55.72
C PRO D 63 -18.70 21.50 54.57
N GLY D 64 -18.52 22.30 53.54
CA GLY D 64 -19.37 22.09 52.36
C GLY D 64 -20.68 22.84 52.48
N ILE D 65 -21.49 22.69 51.45
CA ILE D 65 -22.75 23.45 51.29
C ILE D 65 -23.75 22.46 50.70
N ASP D 66 -25.00 22.87 50.60
CA ASP D 66 -26.01 22.17 49.80
C ASP D 66 -26.02 22.95 48.48
N TRP D 67 -25.47 22.38 47.41
CA TRP D 67 -25.43 23.08 46.11
C TRP D 67 -26.59 22.53 45.28
N LEU D 68 -27.58 23.36 45.01
CA LEU D 68 -28.85 22.97 44.38
C LEU D 68 -28.78 23.32 42.89
N PHE D 69 -29.06 22.36 42.04
CA PHE D 69 -29.04 22.55 40.58
C PHE D 69 -30.44 22.32 40.05
N PHE D 70 -30.90 23.22 39.20
CA PHE D 70 -32.26 23.15 38.63
C PHE D 70 -32.23 23.40 37.13
N PRO D 71 -32.27 22.33 36.31
CA PRO D 71 -32.41 22.49 34.85
C PRO D 71 -33.88 22.77 34.52
N GLU D 72 -34.17 24.05 34.36
CA GLU D 72 -35.52 24.59 34.17
C GLU D 72 -36.00 24.37 32.73
N GLN D 73 -37.24 23.92 32.60
CA GLN D 73 -37.95 23.80 31.30
C GLN D 73 -39.46 23.96 31.53
N CYS D 74 -40.18 24.22 30.48
CA CYS D 74 -41.64 24.06 30.44
C CYS D 74 -42.05 22.74 31.06
N ARG D 75 -43.09 22.76 31.90
CA ARG D 75 -43.59 21.55 32.57
C ARG D 75 -44.57 20.77 31.71
N HIS D 76 -44.97 21.24 30.53
CA HIS D 76 -45.91 20.55 29.62
C HIS D 76 -47.13 20.15 30.44
N CYS D 77 -47.72 21.16 31.05
CA CYS D 77 -48.91 20.99 31.92
C CYS D 77 -49.98 20.13 31.23
N VAL D 78 -50.62 19.27 32.00
CA VAL D 78 -51.74 18.42 31.50
C VAL D 78 -52.86 19.33 30.99
N GLU D 79 -53.15 20.41 31.72
CA GLU D 79 -54.20 21.40 31.35
C GLU D 79 -53.53 22.76 31.40
N PRO D 80 -52.83 23.19 30.32
CA PRO D 80 -51.91 24.32 30.43
C PRO D 80 -52.60 25.68 30.48
N PRO D 81 -52.37 26.46 31.55
CA PRO D 81 -52.94 27.79 31.64
C PRO D 81 -52.48 28.72 30.50
N CYS D 82 -51.29 28.49 29.95
CA CYS D 82 -50.75 29.34 28.87
C CYS D 82 -51.71 29.31 27.69
N LYS D 83 -52.23 28.13 27.38
CA LYS D 83 -53.16 27.90 26.24
C LYS D 83 -54.47 28.61 26.57
N GLY D 84 -54.98 28.41 27.78
CA GLY D 84 -56.20 29.08 28.30
C GLY D 84 -56.15 30.58 28.02
N GLN D 85 -55.01 31.22 28.30
CA GLN D 85 -54.85 32.69 28.12
C GLN D 85 -54.64 33.03 26.65
N ALA D 86 -53.77 32.30 25.94
CA ALA D 86 -53.49 32.61 24.52
C ALA D 86 -54.79 32.49 23.71
N ASP D 87 -55.61 31.51 24.02
CA ASP D 87 -56.90 31.24 23.33
C ASP D 87 -57.86 32.45 23.49
N VAL D 88 -57.73 33.28 24.53
CA VAL D 88 -58.56 34.51 24.67
C VAL D 88 -58.28 35.42 23.47
N ASP D 89 -57.03 35.52 23.06
CA ASP D 89 -56.60 36.38 21.92
C ASP D 89 -56.82 35.65 20.60
N LEU D 90 -56.31 34.44 20.42
CA LEU D 90 -56.29 33.75 19.11
C LEU D 90 -56.08 32.26 19.34
N GLU D 91 -57.03 31.43 18.94
CA GLU D 91 -56.87 29.96 19.04
C GLU D 91 -55.82 29.55 18.00
N GLY D 92 -55.04 28.51 18.28
CA GLY D 92 -53.98 28.03 17.37
C GLY D 92 -52.60 28.59 17.71
N ALA D 93 -52.48 29.57 18.61
CA ALA D 93 -51.18 30.10 19.09
C ALA D 93 -50.52 29.05 19.98
N VAL D 94 -51.30 28.38 20.82
CA VAL D 94 -50.80 27.32 21.73
C VAL D 94 -51.67 26.10 21.48
N VAL D 95 -51.07 24.98 21.12
CA VAL D 95 -51.83 23.74 20.83
C VAL D 95 -51.25 22.61 21.68
N LYS D 96 -51.98 21.51 21.76
CA LYS D 96 -51.59 20.31 22.52
C LYS D 96 -51.49 19.14 21.59
N ASP D 97 -50.38 18.43 21.66
CA ASP D 97 -50.24 17.14 20.96
C ASP D 97 -51.04 16.12 21.80
N GLU D 98 -52.09 15.54 21.23
CA GLU D 98 -52.98 14.63 21.99
C GLU D 98 -52.31 13.28 22.23
N THR D 99 -51.28 12.89 21.48
CA THR D 99 -50.60 11.59 21.66
C THR D 99 -49.45 11.76 22.66
N THR D 100 -48.62 12.78 22.52
CA THR D 100 -47.42 12.93 23.38
C THR D 100 -47.70 13.72 24.64
N GLY D 101 -48.68 14.60 24.64
CA GLY D 101 -48.93 15.54 25.73
C GLY D 101 -48.10 16.80 25.60
N ALA D 102 -47.30 16.97 24.56
CA ALA D 102 -46.54 18.23 24.44
C ALA D 102 -47.51 19.41 24.36
N VAL D 103 -47.15 20.51 24.99
CA VAL D 103 -47.83 21.81 24.81
C VAL D 103 -46.95 22.62 23.87
N LEU D 104 -47.51 23.17 22.78
CA LEU D 104 -46.68 23.68 21.66
C LEU D 104 -47.11 25.09 21.25
N PHE D 105 -46.14 25.98 21.30
CA PHE D 105 -46.29 27.36 20.79
C PHE D 105 -46.08 27.36 19.27
N THR D 106 -46.95 28.06 18.56
CA THR D 106 -46.84 28.27 17.10
C THR D 106 -46.47 29.72 16.82
N GLU D 107 -46.15 30.08 15.58
CA GLU D 107 -45.77 31.47 15.23
C GLU D 107 -46.97 32.42 15.46
N LEU D 108 -48.20 31.90 15.62
CA LEU D 108 -49.40 32.74 15.94
C LEU D 108 -49.24 33.37 17.35
N THR D 109 -48.32 32.90 18.19
CA THR D 109 -48.03 33.57 19.48
C THR D 109 -47.68 35.05 19.24
N ALA D 110 -47.15 35.41 18.07
CA ALA D 110 -46.81 36.81 17.73
C ALA D 110 -48.06 37.68 17.78
N LYS D 111 -49.24 37.08 17.65
CA LYS D 111 -50.51 37.83 17.57
C LYS D 111 -51.27 37.77 18.90
N VAL D 112 -50.70 37.21 19.97
CA VAL D 112 -51.43 37.21 21.27
C VAL D 112 -50.67 38.13 22.24
N ASP D 113 -51.30 38.47 23.36
CA ASP D 113 -50.68 39.28 24.42
C ASP D 113 -49.64 38.40 25.12
N GLY D 114 -48.39 38.45 24.67
CA GLY D 114 -47.30 37.58 25.18
C GLY D 114 -47.12 37.75 26.67
N GLU D 115 -47.19 38.99 27.18
CA GLU D 115 -46.99 39.23 28.63
C GLU D 115 -48.10 38.51 29.40
N SER D 116 -49.34 38.52 28.91
CA SER D 116 -50.46 37.89 29.67
C SER D 116 -50.27 36.38 29.66
N VAL D 117 -49.71 35.87 28.57
CA VAL D 117 -49.50 34.38 28.47
C VAL D 117 -48.40 34.00 29.44
N ARG D 118 -47.31 34.75 29.50
CA ARG D 118 -46.25 34.47 30.49
C ARG D 118 -46.85 34.56 31.90
N SER D 119 -47.65 35.60 32.19
CA SER D 119 -48.22 35.79 33.54
C SER D 119 -49.16 34.64 33.93
N ALA D 120 -49.86 34.04 32.97
CA ALA D 120 -50.80 32.90 33.20
C ALA D 120 -50.06 31.61 33.56
N CYS D 121 -48.81 31.50 33.13
CA CYS D 121 -48.02 30.28 33.40
C CYS D 121 -47.69 30.25 34.89
N PRO D 122 -48.10 29.22 35.65
CA PRO D 122 -47.77 29.10 37.07
C PRO D 122 -46.27 28.98 37.35
N TYR D 123 -45.46 28.68 36.34
CA TYR D 123 -44.00 28.39 36.45
C TYR D 123 -43.15 29.50 35.82
N ASP D 124 -43.79 30.57 35.34
CA ASP D 124 -43.15 31.74 34.72
C ASP D 124 -42.22 31.30 33.57
N ILE D 125 -42.73 30.44 32.68
CA ILE D 125 -41.86 29.78 31.64
C ILE D 125 -41.80 30.57 30.35
N PRO D 126 -42.90 31.07 29.75
CA PRO D 126 -42.82 31.63 28.40
C PRO D 126 -41.91 32.84 28.32
N ARG D 127 -41.23 32.97 27.18
CA ARG D 127 -40.31 34.11 26.93
C ARG D 127 -40.63 34.71 25.55
N ILE D 128 -40.61 36.04 25.50
CA ILE D 128 -41.02 36.82 24.31
C ILE D 128 -39.79 37.31 23.55
N ASP D 129 -39.82 37.18 22.24
CA ASP D 129 -38.87 37.87 21.33
C ASP D 129 -39.25 39.33 21.29
N PRO D 130 -38.42 40.28 21.80
CA PRO D 130 -38.80 41.69 21.80
C PRO D 130 -39.10 42.22 20.38
N VAL D 131 -38.48 41.61 19.37
CA VAL D 131 -38.63 42.09 17.97
C VAL D 131 -39.93 41.54 17.36
N THR D 132 -40.04 40.21 17.16
CA THR D 132 -41.21 39.58 16.49
C THR D 132 -42.43 39.50 17.41
N LYS D 133 -42.23 39.48 18.73
CA LYS D 133 -43.24 39.21 19.79
C LYS D 133 -43.64 37.72 19.80
N ARG D 134 -42.94 36.87 19.06
CA ARG D 134 -43.13 35.41 19.19
C ARG D 134 -42.74 34.97 20.60
N LEU D 135 -43.38 33.89 21.04
CA LEU D 135 -43.08 33.24 22.34
C LEU D 135 -42.28 31.99 22.06
N SER D 136 -41.38 31.67 22.95
CA SER D 136 -40.70 30.36 22.88
C SER D 136 -40.64 29.73 24.26
N LYS D 137 -40.33 28.45 24.25
CA LYS D 137 -40.10 27.61 25.44
C LYS D 137 -39.70 26.24 24.92
N CYS D 138 -39.38 25.38 25.84
CA CYS D 138 -39.17 23.93 25.58
C CYS D 138 -40.41 23.36 24.88
N ASP D 139 -40.20 22.66 23.76
CA ASP D 139 -41.26 22.02 22.97
C ASP D 139 -41.23 20.50 23.15
N MET D 140 -40.64 20.02 24.25
CA MET D 140 -40.56 18.56 24.54
C MET D 140 -39.77 17.83 23.46
N CYS D 141 -39.00 18.51 22.60
CA CYS D 141 -38.41 17.83 21.43
C CYS D 141 -39.49 16.95 20.76
N ASN D 142 -40.67 17.52 20.55
CA ASN D 142 -41.85 16.72 20.16
C ASN D 142 -41.57 15.95 18.86
N ASP D 143 -40.81 16.50 17.92
CA ASP D 143 -40.56 15.79 16.64
C ASP D 143 -39.67 14.58 16.88
N ARG D 144 -38.66 14.69 17.76
CA ARG D 144 -37.84 13.52 18.17
C ARG D 144 -38.78 12.48 18.79
N VAL D 145 -39.65 12.89 19.69
CA VAL D 145 -40.53 11.93 20.43
C VAL D 145 -41.48 11.25 19.44
N GLN D 146 -42.04 12.01 18.50
CA GLN D 146 -42.93 11.43 17.46
C GLN D 146 -42.18 10.37 16.66
N ASN D 147 -40.87 10.53 16.52
CA ASN D 147 -39.99 9.61 15.75
C ASN D 147 -39.36 8.55 16.65
N GLY D 148 -39.85 8.38 17.88
CA GLY D 148 -39.44 7.31 18.80
C GLY D 148 -38.10 7.58 19.47
N LEU D 149 -37.61 8.81 19.42
CA LEU D 149 -36.32 9.15 20.08
C LEU D 149 -36.62 9.82 21.43
N LEU D 150 -35.60 9.88 22.29
CA LEU D 150 -35.63 10.67 23.53
C LEU D 150 -35.40 12.14 23.20
N PRO D 151 -35.97 13.05 24.00
CA PRO D 151 -35.61 14.47 23.90
C PRO D 151 -34.11 14.60 24.06
N ALA D 152 -33.56 15.65 23.45
CA ALA D 152 -32.10 15.82 23.38
C ALA D 152 -31.48 15.89 24.77
N CYS D 153 -32.13 16.61 25.69
CA CYS D 153 -31.60 16.80 27.05
C CYS D 153 -31.64 15.48 27.84
N VAL D 154 -32.61 14.62 27.55
CA VAL D 154 -32.74 13.32 28.25
C VAL D 154 -31.67 12.37 27.73
N LYS D 155 -31.49 12.32 26.42
CA LYS D 155 -30.47 11.42 25.86
C LYS D 155 -29.09 11.84 26.38
N THR D 156 -28.79 13.14 26.40
CA THR D 156 -27.42 13.60 26.72
C THR D 156 -27.06 13.36 28.19
N CYS D 157 -28.04 13.30 29.09
CA CYS D 157 -27.74 13.38 30.53
C CYS D 157 -26.85 12.22 30.96
N PRO D 158 -25.70 12.49 31.57
CA PRO D 158 -24.81 11.41 32.01
C PRO D 158 -25.19 10.67 33.30
N THR D 159 -26.07 11.25 34.13
CA THR D 159 -26.17 10.82 35.55
C THR D 159 -27.43 10.03 35.84
N GLY D 160 -28.40 9.98 34.92
CA GLY D 160 -29.71 9.38 35.22
C GLY D 160 -30.63 10.37 35.93
N THR D 161 -30.22 11.63 36.01
CA THR D 161 -31.11 12.74 36.45
C THR D 161 -32.31 12.78 35.51
N MET D 162 -32.07 12.83 34.21
CA MET D 162 -33.17 12.90 33.25
C MET D 162 -33.70 11.52 32.90
N ASN D 163 -35.03 11.40 32.91
CA ASN D 163 -35.75 10.17 32.52
C ASN D 163 -36.96 10.60 31.71
N PHE D 164 -37.37 9.79 30.75
CA PHE D 164 -38.52 10.13 29.90
C PHE D 164 -39.20 8.83 29.53
N GLY D 165 -40.51 8.90 29.41
CA GLY D 165 -41.31 7.74 28.97
C GLY D 165 -42.79 7.99 29.12
N ASP D 166 -43.57 6.92 29.05
CA ASP D 166 -45.03 7.00 29.22
C ASP D 166 -45.34 7.44 30.66
N GLU D 167 -46.33 8.29 30.81
CA GLU D 167 -46.66 8.91 32.12
C GLU D 167 -46.93 7.83 33.18
N GLN D 168 -47.62 6.74 32.87
CA GLN D 168 -47.87 5.68 33.90
C GLN D 168 -46.56 5.16 34.47
N GLU D 169 -45.59 4.90 33.61
CA GLU D 169 -44.29 4.33 33.99
C GLU D 169 -43.47 5.40 34.72
N MET D 170 -43.54 6.65 34.27
CA MET D 170 -42.70 7.72 34.85
C MET D 170 -43.24 8.11 36.24
N LEU D 171 -44.56 8.10 36.46
CA LEU D 171 -45.03 8.40 37.83
C LEU D 171 -44.68 7.22 38.76
N ALA D 172 -44.78 5.99 38.28
CA ALA D 172 -44.39 4.80 39.08
C ALA D 172 -42.91 4.91 39.48
N LEU D 173 -42.05 5.31 38.55
CA LEU D 173 -40.61 5.53 38.83
C LEU D 173 -40.42 6.69 39.82
N ALA D 174 -41.14 7.79 39.64
CA ALA D 174 -41.04 8.99 40.51
C ALA D 174 -41.35 8.60 41.96
N GLU D 175 -42.37 7.77 42.17
CA GLU D 175 -42.77 7.42 43.55
C GLU D 175 -41.77 6.43 44.13
N LYS D 176 -41.35 5.43 43.35
CA LYS D 176 -40.32 4.48 43.83
C LYS D 176 -39.08 5.26 44.19
N ARG D 177 -38.63 6.14 43.29
CA ARG D 177 -37.40 6.91 43.51
C ARG D 177 -37.55 7.86 44.70
N LEU D 178 -38.70 8.54 44.80
CA LEU D 178 -38.93 9.46 45.94
C LEU D 178 -38.65 8.72 47.23
N ALA D 179 -39.23 7.53 47.42
CA ALA D 179 -39.10 6.84 48.72
C ALA D 179 -37.63 6.50 48.98
N GLU D 180 -36.90 6.16 47.93
CA GLU D 180 -35.46 5.81 48.07
C GLU D 180 -34.68 7.07 48.42
N VAL D 181 -34.88 8.15 47.69
CA VAL D 181 -34.08 9.39 47.90
C VAL D 181 -34.39 9.98 49.28
N LYS D 182 -35.63 9.89 49.76
CA LYS D 182 -36.01 10.40 51.10
C LYS D 182 -35.16 9.79 52.22
N LYS D 183 -34.56 8.63 52.01
CA LYS D 183 -33.70 7.99 53.02
C LYS D 183 -32.49 8.87 53.31
N THR D 184 -31.97 9.58 52.29
CA THR D 184 -30.81 10.48 52.40
C THR D 184 -31.25 11.94 52.53
N TYR D 185 -32.35 12.32 51.87
CA TYR D 185 -32.86 13.71 51.80
C TYR D 185 -34.27 13.71 52.35
N PRO D 186 -34.45 13.81 53.68
CA PRO D 186 -35.76 13.59 54.28
C PRO D 186 -36.87 14.52 53.82
N GLY D 187 -36.50 15.71 53.35
CA GLY D 187 -37.46 16.73 52.88
C GLY D 187 -37.69 16.65 51.38
N ALA D 188 -37.26 15.56 50.72
CA ALA D 188 -37.49 15.40 49.26
C ALA D 188 -38.98 15.32 48.93
N VAL D 189 -39.35 15.93 47.81
CA VAL D 189 -40.76 15.99 47.36
C VAL D 189 -40.74 15.96 45.84
N LEU D 190 -41.86 15.53 45.26
CA LEU D 190 -42.12 15.71 43.82
C LEU D 190 -42.81 17.05 43.59
N GLY D 191 -42.51 17.67 42.46
CA GLY D 191 -43.14 18.96 42.08
C GLY D 191 -44.43 18.76 41.30
N ASP D 192 -45.54 19.13 41.94
CA ASP D 192 -46.89 19.19 41.33
C ASP D 192 -47.18 17.95 40.47
N PRO D 193 -46.94 16.73 40.98
CA PRO D 193 -46.91 15.56 40.10
C PRO D 193 -48.22 15.21 39.42
N ASN D 194 -49.36 15.62 39.94
CA ASN D 194 -50.65 15.27 39.31
C ASN D 194 -50.97 16.21 38.16
N ASP D 195 -50.24 17.31 38.01
CA ASP D 195 -50.65 18.40 37.08
C ASP D 195 -49.69 18.59 35.90
N VAL D 196 -48.49 18.02 35.95
CA VAL D 196 -47.46 18.36 34.94
C VAL D 196 -46.90 17.11 34.29
N ARG D 197 -46.17 17.32 33.20
CA ARG D 197 -45.46 16.21 32.53
C ARG D 197 -43.95 16.31 32.71
N VAL D 198 -43.45 17.31 33.44
CA VAL D 198 -42.04 17.35 33.89
C VAL D 198 -42.14 17.31 35.41
N VAL D 199 -41.88 16.14 35.95
CA VAL D 199 -41.97 15.85 37.39
C VAL D 199 -40.56 15.86 37.98
N TYR D 200 -40.21 16.94 38.66
CA TYR D 200 -38.93 17.07 39.38
C TYR D 200 -39.05 16.38 40.74
N LEU D 201 -38.02 15.67 41.14
CA LEU D 201 -37.77 15.25 42.54
C LEU D 201 -36.79 16.27 43.12
N PHE D 202 -37.28 17.14 43.99
CA PHE D 202 -36.47 18.11 44.73
C PHE D 202 -35.98 17.44 46.01
N THR D 203 -34.75 17.75 46.43
CA THR D 203 -34.14 17.11 47.63
C THR D 203 -34.54 17.89 48.87
N ARG D 204 -35.28 18.98 48.72
CA ARG D 204 -35.72 19.82 49.86
C ARG D 204 -36.76 20.81 49.31
N ASP D 205 -37.18 21.81 50.10
CA ASP D 205 -38.18 22.80 49.68
C ASP D 205 -37.88 23.19 48.23
N PRO D 206 -38.81 22.95 47.29
CA PRO D 206 -38.58 23.32 45.88
C PRO D 206 -38.20 24.78 45.68
N LYS D 207 -38.75 25.72 46.48
CA LYS D 207 -38.44 27.16 46.35
C LYS D 207 -36.96 27.45 46.64
N ASP D 208 -36.21 26.53 47.28
CA ASP D 208 -34.76 26.69 47.50
C ASP D 208 -34.06 26.57 46.13
N PHE D 209 -34.66 25.80 45.20
CA PHE D 209 -34.08 25.54 43.87
C PHE D 209 -34.38 26.70 42.93
N TYR D 210 -35.58 27.24 43.01
CA TYR D 210 -36.03 28.38 42.19
C TYR D 210 -37.37 28.89 42.71
N GLU D 211 -37.60 30.21 42.69
CA GLU D 211 -38.87 30.79 43.27
C GLU D 211 -40.07 30.17 42.56
N HIS D 212 -39.96 29.78 41.28
CA HIS D 212 -41.09 29.25 40.50
C HIS D 212 -40.91 27.74 40.26
N ALA D 213 -40.17 27.03 41.09
CA ALA D 213 -39.97 25.57 40.95
C ALA D 213 -41.31 24.83 40.94
N VAL D 214 -42.23 25.23 41.83
CA VAL D 214 -43.60 24.67 41.88
C VAL D 214 -44.60 25.82 41.79
N ALA D 215 -45.85 25.51 41.51
CA ALA D 215 -46.94 26.52 41.36
C ALA D 215 -47.27 27.25 42.69
#